data_7LC3
#
_entry.id   7LC3
#
_cell.length_a   1.00
_cell.length_b   1.00
_cell.length_c   1.00
_cell.angle_alpha   90.00
_cell.angle_beta   90.00
_cell.angle_gamma   90.00
#
_symmetry.space_group_name_H-M   'P 1'
#
loop_
_entity.id
_entity.type
_entity.pdbx_description
1 polymer 'Potassium-transporting ATPase potassium-binding subunit'
2 polymer 'Potassium-transporting ATPase ATP-binding subunit'
3 polymer 'Potassium-transporting ATPase KdpC subunit'
4 polymer 'Potassium-transporting ATPase KdpF subunit'
5 non-polymer 'POTASSIUM ION'
6 non-polymer '(2R)-3-(((2-aminoethoxy)(hydroxy)phosphoryl)oxy)-2-(palmitoyloxy)propyl (E)-octadec-9-enoate'
7 non-polymer 'MAGNESIUM ION'
8 non-polymer 'PHOSPHOMETHYLPHOSPHONIC ACID ADENYLATE ESTER'
9 water water
#
loop_
_entity_poly.entity_id
_entity_poly.type
_entity_poly.pdbx_seq_one_letter_code
_entity_poly.pdbx_strand_id
1 'polypeptide(L)'
;MAAQGFLLIATFLLVLMVLARPLGSGLARLINDIPLPGTTGVERVLFRALGVSDREMNWKQYLCAILGLNMLGLAVLFFM
LLGQHYLPLNPQQLPGLSWDLALNTAVSFVTNTNWRSYSGETTLSYFSQMAGLTVQNFLSAASGIAVIFALIRAFTRQSM
STLGNAWVDLLRITLWVLVPVALLIALFFIQQGALQNFLPYQAVNTVEGAQQLLPMGPVASQEAIKMLGTNGGGFFNANS
SHPFENPTALTNFVQMLAIFLIPTALCFAFGEVMGDRRQGRMLLWAMSVIFVICVGVVMWAEVQGNPHLLALGTDSSINM
EGKESRFGVLVSSLFAVVTTAASCGAVIAMHDSFTALGGMVPMWLMQIGEVVFGGVGSGLYGMMLFVLLAVFIAGLMIGR
TPEYLGKKIDVREMKLTALAILVTPTLVLMGAALAMMTDAGRSAMLNPGPHGFSEVLYAVSSAANNNGSAFAGLSANSPF
WNCLLAFCMFVGRFGVIIPVMAIAGSLVSKKSQAASSGTLPTHGPLFVGLLIGTVLLVGALTFIPALALGPVAEYLS
;
A
2 'polypeptide(L)'
;MSRKQLALFEPTLVVQALKEAVKKLNPQAQWRNPVMFIVWIGSLLTTCISIAMASGAMPGNALFSAAISGWLWITVLFAN
FAEALAEGRSKAQANSLKGVKKTAFARKLREPKYGAAADKVPADQLRKGDIVLVEAGDIIPCDGEVIEGGASVDESAITG
EAAPVIRESGGDFASVTGGTRILSDWLVIECSVNPGETFLDRMIAMVEGAQRRKTPNEIALTILLIALTIVFLLATATLW
PFSAWGGNAVSVTVLVALLVCLIPTTIGGLLSAIGVAGMSRMLGANVIATSGRAVEAAGDVDVLLLDKTGTITLGNRQAS
EFIPAQGVDEKTLADAAQLASLADETPEGRSIVILAKQRFNLRERDVQSLHATFVPFTAQSRMSGINIDNRMIRKGSVDA
IRRHVEANGGHFPTDVDQKVDQVARQGATPLVVVEGSRVLGVIALKDIVKGGIKERFAQLRKMGIKTVMITGDNRLTAAA
IAAEAGVDDFLAEATPEAKLALIRQYQAEGRLVAMTGDGTNDAPALAQADVAVAMNSGTQAAKEAGNMVDLDSNPTKLIE
VVHIGKQMLMTRGSLTTFSIANDVAKYFAIIPAAFAATYPQLNALNIMCLHSPDSAILSAVIFNALIIVFLIPLALKGVS
YKPLTASAMLRRNLWIYGLGGLLVPFIGIKVIDLLLTVCGLV
;
B
3 'polypeptide(L)'
;MSGLRPALSTFIFLLLITGGVYPLLTTVLGQWWFPWQANGSLIREGDTVRGSALIGQNFTGNGYFHGRPSATAEMPYNPQ
ASGGSNLAVSNPELDKLIAARVAALRAANPDASASVPVELVTASASGLDNNITPQAAAWQIPRVAKARNLSVEQLTQLIA
KYSQQPLVKYIGQPVVNIVELNLALDKLDEGTGLVPRGSSHHHHHHHH
;
C
4 'polypeptide(L)' MSAGVITGVLLVFLLLGYLVYALINAEAF D
#
loop_
_chem_comp.id
_chem_comp.type
_chem_comp.name
_chem_comp.formula
9Y0 non-polymer '(2R)-3-(((2-aminoethoxy)(hydroxy)phosphoryl)oxy)-2-(palmitoyloxy)propyl (E)-octadec-9-enoate' 'C39 H76 N O8 P'
ACP non-polymer 'PHOSPHOMETHYLPHOSPHONIC ACID ADENYLATE ESTER' 'C11 H18 N5 O12 P3'
K non-polymer 'POTASSIUM ION' 'K 1'
MG non-polymer 'MAGNESIUM ION' 'Mg 2'
#
# COMPACT_ATOMS: atom_id res chain seq x y z
N MET A 1 -2.43 -11.75 37.53
CA MET A 1 -1.34 -11.74 36.52
C MET A 1 -1.82 -11.04 35.27
N ALA A 2 -3.02 -11.37 34.81
CA ALA A 2 -3.57 -10.72 33.62
C ALA A 2 -3.72 -9.23 33.88
N ALA A 3 -4.18 -8.87 35.07
CA ALA A 3 -4.33 -7.47 35.45
C ALA A 3 -2.98 -6.79 35.46
N GLN A 4 -1.99 -7.46 36.02
CA GLN A 4 -0.63 -6.96 36.11
C GLN A 4 -0.08 -6.70 34.70
N GLY A 5 -0.32 -7.65 33.79
CA GLY A 5 0.18 -7.53 32.43
C GLY A 5 -0.49 -6.41 31.66
N PHE A 6 -1.79 -6.21 31.91
CA PHE A 6 -2.53 -5.13 31.25
C PHE A 6 -1.99 -3.80 31.76
N LEU A 7 -1.74 -3.72 33.08
CA LEU A 7 -1.22 -2.50 33.68
C LEU A 7 0.12 -2.18 33.05
N LEU A 8 0.96 -3.19 32.85
CA LEU A 8 2.29 -2.98 32.28
C LEU A 8 2.17 -2.45 30.85
N ILE A 9 1.34 -3.08 30.02
CA ILE A 9 1.17 -2.59 28.65
C ILE A 9 0.66 -1.15 28.68
N ALA A 10 -0.31 -0.85 29.53
CA ALA A 10 -0.91 0.48 29.54
C ALA A 10 0.11 1.53 29.95
N THR A 11 0.86 1.25 31.01
CA THR A 11 1.89 2.20 31.45
C THR A 11 2.93 2.40 30.37
N PHE A 12 3.38 1.31 29.76
CA PHE A 12 4.37 1.41 28.68
C PHE A 12 3.87 2.34 27.59
N LEU A 13 2.67 2.10 27.06
CA LEU A 13 2.19 2.93 25.96
C LEU A 13 1.94 4.36 26.42
N LEU A 14 1.45 4.55 27.64
CA LEU A 14 1.18 5.88 28.15
C LEU A 14 2.45 6.71 28.18
N VAL A 15 3.47 6.24 28.92
CA VAL A 15 4.72 6.99 28.96
C VAL A 15 5.34 7.09 27.59
N LEU A 16 5.13 6.09 26.73
CA LEU A 16 5.68 6.15 25.39
C LEU A 16 5.14 7.33 24.62
N MET A 17 3.82 7.52 24.59
CA MET A 17 3.26 8.65 23.87
C MET A 17 3.64 9.97 24.53
N VAL A 18 3.67 10.01 25.86
CA VAL A 18 4.02 11.25 26.55
C VAL A 18 5.40 11.71 26.15
N LEU A 19 6.33 10.77 25.94
CA LEU A 19 7.67 11.12 25.47
C LEU A 19 7.77 11.25 23.96
N ALA A 20 6.85 10.62 23.23
CA ALA A 20 6.95 10.59 21.78
C ALA A 20 6.50 11.91 21.16
N ARG A 21 5.42 12.50 21.66
CA ARG A 21 4.93 13.73 21.03
C ARG A 21 5.95 14.87 21.08
N PRO A 22 6.60 15.19 22.21
CA PRO A 22 7.65 16.23 22.20
C PRO A 22 8.72 16.01 21.14
N LEU A 23 9.33 14.82 21.18
CA LEU A 23 10.35 14.52 20.19
C LEU A 23 9.73 14.49 18.80
N GLY A 24 8.46 14.15 18.70
CA GLY A 24 7.81 14.21 17.40
C GLY A 24 7.81 15.62 16.85
N SER A 25 7.57 16.61 17.71
CA SER A 25 7.60 17.99 17.25
C SER A 25 8.99 18.38 16.79
N GLY A 26 10.01 18.00 17.56
CA GLY A 26 11.38 18.32 17.14
C GLY A 26 11.75 17.65 15.83
N LEU A 27 11.43 16.36 15.68
CA LEU A 27 11.69 15.67 14.43
C LEU A 27 10.93 16.30 13.28
N ALA A 28 9.71 16.79 13.54
CA ALA A 28 8.97 17.50 12.51
C ALA A 28 9.71 18.74 12.07
N ARG A 29 10.26 19.50 13.01
CA ARG A 29 11.06 20.65 12.62
C ARG A 29 12.20 20.22 11.71
N LEU A 30 12.90 19.13 12.05
CA LEU A 30 13.97 18.67 11.18
C LEU A 30 13.46 18.22 9.82
N ILE A 31 12.24 17.67 9.76
CA ILE A 31 11.72 17.22 8.47
C ILE A 31 11.45 18.40 7.56
N ASN A 32 11.12 19.57 8.11
CA ASN A 32 10.85 20.74 7.28
C ASN A 32 12.06 21.63 7.10
N ASP A 33 13.27 21.10 7.33
CA ASP A 33 14.49 21.88 7.20
C ASP A 33 14.43 23.18 8.02
N ILE A 34 13.97 23.05 9.26
CA ILE A 34 13.88 24.18 10.20
C ILE A 34 14.78 23.84 11.38
N PRO A 35 15.93 24.51 11.56
CA PRO A 35 16.86 24.13 12.62
C PRO A 35 16.25 24.21 14.02
N LEU A 36 16.79 23.38 14.90
CA LEU A 36 16.33 23.30 16.27
C LEU A 36 16.63 24.62 16.97
N PRO A 37 15.84 25.01 17.97
CA PRO A 37 16.08 26.31 18.64
C PRO A 37 17.44 26.37 19.32
N GLY A 38 18.24 27.35 18.92
CA GLY A 38 19.56 27.54 19.46
C GLY A 38 20.69 26.79 18.79
N THR A 39 20.42 26.02 17.75
CA THR A 39 21.43 25.27 17.02
C THR A 39 21.84 25.95 15.71
N THR A 40 21.10 26.95 15.26
CA THR A 40 21.39 27.59 13.98
C THR A 40 22.79 28.19 13.95
N GLY A 41 23.23 28.76 15.07
CA GLY A 41 24.54 29.38 15.11
C GLY A 41 25.68 28.40 14.84
N VAL A 42 25.61 27.19 15.38
CA VAL A 42 26.70 26.24 15.21
C VAL A 42 26.57 25.47 13.90
N GLU A 43 25.35 25.19 13.44
CA GLU A 43 25.19 24.50 12.16
C GLU A 43 25.87 25.26 11.03
N ARG A 44 25.75 26.58 11.06
CA ARG A 44 26.34 27.44 10.03
C ARG A 44 27.82 27.15 9.84
N VAL A 45 28.55 26.99 10.95
CA VAL A 45 29.97 26.74 10.77
C VAL A 45 30.21 25.27 10.54
N LEU A 46 29.45 24.38 11.19
CA LEU A 46 29.77 22.98 11.01
C LEU A 46 29.62 22.61 9.55
N PHE A 47 28.49 23.00 8.95
CA PHE A 47 28.27 22.70 7.55
C PHE A 47 29.28 23.42 6.67
N ARG A 48 29.72 24.61 7.09
CA ARG A 48 30.72 25.33 6.30
C ARG A 48 32.05 24.60 6.30
N ALA A 49 32.41 24.01 7.43
CA ALA A 49 33.66 23.25 7.59
C ALA A 49 33.61 21.90 6.91
N LEU A 50 32.45 21.25 6.89
CA LEU A 50 32.32 19.93 6.29
C LEU A 50 32.04 19.98 4.80
N GLY A 51 31.52 21.09 4.28
CA GLY A 51 31.25 21.24 2.87
C GLY A 51 29.81 21.03 2.50
N VAL A 52 29.00 20.50 3.43
CA VAL A 52 27.56 20.40 3.23
C VAL A 52 27.07 21.82 2.99
N SER A 53 26.55 22.09 1.79
CA SER A 53 26.15 23.44 1.41
C SER A 53 24.66 23.68 1.29
N ASP A 54 23.83 22.91 1.99
CA ASP A 54 22.36 23.08 1.92
C ASP A 54 21.88 23.15 0.46
N ARG A 55 22.43 22.29 -0.38
CA ARG A 55 22.08 22.23 -1.78
C ARG A 55 21.10 21.07 -1.84
N GLU A 56 19.90 21.34 -2.34
CA GLU A 56 18.89 20.31 -2.40
C GLU A 56 19.32 19.16 -3.31
N MET A 57 18.85 17.96 -3.00
CA MET A 57 19.17 16.76 -3.76
C MET A 57 17.90 16.12 -4.29
N ASN A 58 17.96 15.47 -5.46
CA ASN A 58 16.76 14.80 -5.93
C ASN A 58 16.76 13.41 -5.31
N TRP A 59 15.78 12.57 -5.63
CA TRP A 59 15.82 11.21 -5.09
C TRP A 59 17.03 10.40 -5.52
N LYS A 60 17.68 10.78 -6.61
CA LYS A 60 18.83 10.01 -7.09
C LYS A 60 20.04 10.35 -6.26
N GLN A 61 20.26 11.65 -6.08
CA GLN A 61 21.37 12.13 -5.29
C GLN A 61 21.19 11.73 -3.83
N TYR A 62 19.96 11.84 -3.32
CA TYR A 62 19.71 11.49 -1.93
C TYR A 62 19.98 10.02 -1.68
N LEU A 63 19.41 9.16 -2.54
CA LEU A 63 19.64 7.74 -2.39
C LEU A 63 21.12 7.41 -2.53
N CYS A 64 21.80 8.06 -3.47
CA CYS A 64 23.23 7.79 -3.63
C CYS A 64 24.02 8.26 -2.43
N ALA A 65 23.63 9.36 -1.80
CA ALA A 65 24.32 9.82 -0.61
C ALA A 65 24.18 8.80 0.53
N ILE A 66 22.95 8.37 0.78
CA ILE A 66 22.74 7.40 1.85
C ILE A 66 23.51 6.11 1.57
N LEU A 67 23.40 5.63 0.33
CA LEU A 67 24.08 4.40 -0.03
C LEU A 67 25.59 4.56 0.09
N GLY A 68 26.14 5.68 -0.37
CA GLY A 68 27.57 5.88 -0.26
C GLY A 68 28.04 5.91 1.18
N LEU A 69 27.30 6.59 2.03
CA LEU A 69 27.67 6.59 3.45
C LEU A 69 27.65 5.18 4.00
N ASN A 70 26.62 4.39 3.68
CA ASN A 70 26.56 3.03 4.22
C ASN A 70 27.68 2.16 3.64
N MET A 71 28.02 2.35 2.37
CA MET A 71 29.09 1.58 1.73
C MET A 71 30.40 1.85 2.45
N LEU A 72 30.74 3.12 2.62
CA LEU A 72 31.96 3.47 3.31
C LEU A 72 31.91 2.95 4.74
N GLY A 73 30.74 2.97 5.34
CA GLY A 73 30.61 2.46 6.70
C GLY A 73 30.99 0.98 6.77
N LEU A 74 30.42 0.16 5.89
CA LEU A 74 30.73 -1.26 5.96
C LEU A 74 32.15 -1.55 5.52
N ALA A 75 32.69 -0.81 4.57
CA ALA A 75 34.10 -1.02 4.26
C ALA A 75 34.96 -0.75 5.48
N VAL A 76 34.74 0.38 6.15
CA VAL A 76 35.56 0.73 7.30
C VAL A 76 35.37 -0.27 8.44
N LEU A 77 34.13 -0.69 8.69
CA LEU A 77 33.91 -1.63 9.79
C LEU A 77 34.49 -3.00 9.45
N PHE A 78 34.39 -3.43 8.19
CA PHE A 78 34.99 -4.68 7.78
C PHE A 78 36.47 -4.69 8.04
N PHE A 79 37.18 -3.66 7.59
CA PHE A 79 38.62 -3.63 7.81
C PHE A 79 38.96 -3.41 9.27
N MET A 80 38.13 -2.70 10.02
CA MET A 80 38.39 -2.55 11.45
C MET A 80 38.31 -3.88 12.16
N LEU A 81 37.31 -4.69 11.82
CA LEU A 81 37.18 -5.98 12.46
C LEU A 81 38.29 -6.92 12.03
N LEU A 82 38.68 -6.90 10.76
CA LEU A 82 39.80 -7.73 10.35
C LEU A 82 41.06 -7.34 11.07
N GLY A 83 41.41 -6.06 11.05
CA GLY A 83 42.62 -5.61 11.71
C GLY A 83 42.40 -5.22 13.16
N GLN A 84 41.54 -5.96 13.84
CA GLN A 84 41.20 -5.69 15.23
C GLN A 84 42.40 -5.83 16.14
N HIS A 85 43.39 -6.63 15.74
CA HIS A 85 44.56 -6.81 16.59
C HIS A 85 45.51 -5.62 16.49
N TYR A 86 45.55 -4.93 15.35
CA TYR A 86 46.42 -3.76 15.19
C TYR A 86 45.61 -2.48 15.48
N LEU A 87 45.04 -2.41 16.67
CA LEU A 87 44.24 -1.26 17.06
C LEU A 87 44.34 -1.09 18.57
N PRO A 88 44.16 0.12 19.09
CA PRO A 88 44.31 0.37 20.52
C PRO A 88 43.11 -0.16 21.30
N LEU A 89 43.19 0.01 22.62
CA LEU A 89 42.15 -0.44 23.54
C LEU A 89 41.87 -1.91 23.33
N ASN A 90 42.93 -2.69 23.40
CA ASN A 90 42.90 -4.14 23.26
C ASN A 90 43.39 -4.73 24.58
N PRO A 91 42.57 -4.69 25.64
CA PRO A 91 43.05 -5.26 26.92
C PRO A 91 43.18 -6.76 26.83
N GLN A 92 42.26 -7.42 26.16
CA GLN A 92 42.39 -8.84 25.88
C GLN A 92 43.06 -8.97 24.53
N GLN A 93 44.18 -9.65 24.48
CA GLN A 93 44.92 -9.82 23.23
C GLN A 93 44.20 -10.91 22.46
N LEU A 94 43.19 -10.49 21.67
CA LEU A 94 42.43 -11.41 20.83
C LEU A 94 42.65 -11.15 19.33
N PRO A 95 42.50 -12.17 18.50
CA PRO A 95 42.75 -12.01 17.06
C PRO A 95 41.59 -11.34 16.34
N GLY A 96 41.92 -10.75 15.19
CA GLY A 96 40.89 -10.17 14.36
C GLY A 96 39.93 -11.22 13.85
N LEU A 97 38.72 -10.76 13.53
CA LEU A 97 37.71 -11.68 13.04
C LEU A 97 38.12 -12.28 11.71
N SER A 98 37.58 -13.45 11.41
CA SER A 98 37.81 -14.07 10.13
C SER A 98 37.05 -13.31 9.05
N TRP A 99 37.33 -13.64 7.78
CA TRP A 99 36.68 -12.95 6.68
C TRP A 99 35.16 -13.05 6.78
N ASP A 100 34.64 -14.23 7.13
CA ASP A 100 33.20 -14.42 7.14
C ASP A 100 32.57 -13.70 8.30
N LEU A 101 33.15 -13.82 9.49
CA LEU A 101 32.59 -13.14 10.65
C LEU A 101 32.73 -11.64 10.52
N ALA A 102 33.87 -11.18 10.02
CA ALA A 102 34.03 -9.75 9.80
C ALA A 102 32.99 -9.25 8.83
N LEU A 103 32.82 -9.94 7.71
CA LEU A 103 31.81 -9.54 6.73
C LEU A 103 30.43 -9.53 7.32
N ASN A 104 30.05 -10.60 8.02
CA ASN A 104 28.69 -10.66 8.55
C ASN A 104 28.48 -9.58 9.59
N THR A 105 29.44 -9.38 10.49
CA THR A 105 29.29 -8.34 11.51
C THR A 105 29.24 -6.96 10.87
N ALA A 106 30.10 -6.68 9.89
CA ALA A 106 30.07 -5.38 9.26
C ALA A 106 28.73 -5.13 8.61
N VAL A 107 28.24 -6.09 7.84
CA VAL A 107 26.94 -5.94 7.21
C VAL A 107 25.84 -5.88 8.26
N SER A 108 26.01 -6.53 9.40
CA SER A 108 24.99 -6.54 10.45
C SER A 108 24.79 -5.18 11.08
N PHE A 109 25.87 -4.48 11.38
CA PHE A 109 25.77 -3.20 12.05
C PHE A 109 25.54 -2.06 11.08
N VAL A 110 26.06 -2.15 9.86
CA VAL A 110 25.78 -1.13 8.86
C VAL A 110 24.33 -1.19 8.43
N THR A 111 23.83 -2.39 8.22
CA THR A 111 22.49 -2.67 7.74
C THR A 111 21.46 -2.47 8.86
N ASN A 112 21.89 -2.02 10.04
CA ASN A 112 21.01 -1.82 11.18
C ASN A 112 20.27 -3.08 11.54
N THR A 113 20.98 -4.20 11.50
CA THR A 113 20.41 -5.45 12.00
C THR A 113 21.03 -5.76 13.34
N ASN A 114 22.33 -5.56 13.44
CA ASN A 114 23.14 -6.12 14.50
C ASN A 114 22.81 -7.57 14.79
N TRP A 115 22.78 -8.36 13.74
CA TRP A 115 22.80 -9.79 13.97
C TRP A 115 24.18 -10.16 14.46
N ARG A 116 24.23 -11.17 15.33
CA ARG A 116 25.44 -11.56 16.02
C ARG A 116 25.61 -13.06 15.88
N SER A 117 26.77 -13.49 15.41
CA SER A 117 27.13 -14.89 15.46
C SER A 117 28.42 -15.03 16.24
N TYR A 118 28.57 -14.22 17.28
CA TYR A 118 29.77 -14.20 18.08
C TYR A 118 29.40 -13.92 19.53
N SER A 119 30.41 -13.86 20.37
CA SER A 119 30.32 -13.50 21.78
C SER A 119 31.07 -12.19 21.94
N GLY A 120 30.39 -11.13 22.37
CA GLY A 120 31.12 -9.88 22.33
C GLY A 120 32.10 -9.72 23.44
N GLU A 121 32.15 -10.63 24.40
CA GLU A 121 33.10 -10.50 25.48
C GLU A 121 34.31 -11.35 25.22
N THR A 122 34.28 -12.19 24.18
CA THR A 122 35.42 -12.99 23.81
C THR A 122 35.92 -12.53 22.46
N THR A 123 35.00 -12.38 21.51
CA THR A 123 35.35 -12.07 20.15
C THR A 123 35.83 -10.64 19.92
N LEU A 124 34.93 -9.66 20.06
CA LEU A 124 35.26 -8.26 19.78
C LEU A 124 36.09 -7.62 20.88
N SER A 125 36.85 -6.58 20.50
CA SER A 125 37.65 -5.82 21.44
C SER A 125 36.90 -4.56 21.80
N TYR A 126 37.53 -3.74 22.64
CA TYR A 126 36.92 -2.49 23.08
C TYR A 126 36.86 -1.46 21.96
N PHE A 127 37.82 -1.50 21.03
CA PHE A 127 37.81 -0.54 19.92
C PHE A 127 36.74 -0.86 18.91
N SER A 128 36.57 -2.12 18.57
CA SER A 128 35.51 -2.51 17.65
C SER A 128 34.16 -2.15 18.22
N GLN A 129 33.98 -2.38 19.52
CA GLN A 129 32.71 -2.07 20.14
C GLN A 129 32.50 -0.58 20.31
N MET A 130 33.58 0.20 20.45
CA MET A 130 33.48 1.65 20.58
C MET A 130 33.47 2.36 19.23
N ALA A 131 34.53 2.23 18.46
CA ALA A 131 34.62 2.92 17.17
C ALA A 131 34.08 2.16 15.97
N GLY A 132 33.67 0.90 16.14
CA GLY A 132 33.16 0.13 15.02
C GLY A 132 31.69 -0.18 15.09
N LEU A 133 31.20 -0.71 16.19
CA LEU A 133 29.78 -1.01 16.30
C LEU A 133 28.95 0.18 16.75
N THR A 134 29.45 0.99 17.68
CA THR A 134 28.67 2.13 18.15
C THR A 134 28.49 3.16 17.05
N VAL A 135 29.56 3.45 16.31
CA VAL A 135 29.47 4.39 15.21
C VAL A 135 28.44 3.91 14.21
N GLN A 136 28.42 2.62 13.91
CA GLN A 136 27.45 2.16 12.93
C GLN A 136 26.05 2.14 13.51
N ASN A 137 25.90 1.93 14.81
CA ASN A 137 24.60 2.14 15.42
C ASN A 137 24.09 3.54 15.09
N PHE A 138 24.89 4.55 15.42
CA PHE A 138 24.47 5.93 15.13
C PHE A 138 24.19 6.13 13.65
N LEU A 139 25.13 5.75 12.79
CA LEU A 139 25.01 6.07 11.37
C LEU A 139 23.90 5.28 10.69
N SER A 140 23.67 4.04 11.11
CA SER A 140 22.60 3.24 10.53
C SER A 140 21.25 3.81 10.94
N ALA A 141 21.09 4.15 12.22
CA ALA A 141 19.86 4.80 12.66
C ALA A 141 19.65 6.08 11.88
N ALA A 142 20.70 6.87 11.68
CA ALA A 142 20.58 8.13 10.97
C ALA A 142 20.23 7.89 9.52
N SER A 143 20.75 6.83 8.90
CA SER A 143 20.42 6.52 7.51
C SER A 143 18.93 6.20 7.40
N GLY A 144 18.43 5.32 8.26
CA GLY A 144 17.01 5.03 8.21
C GLY A 144 16.16 6.26 8.44
N ILE A 145 16.54 7.09 9.41
CA ILE A 145 15.75 8.29 9.70
C ILE A 145 15.85 9.27 8.54
N ALA A 146 16.97 9.31 7.84
CA ALA A 146 17.07 10.19 6.68
C ALA A 146 16.19 9.71 5.55
N VAL A 147 16.10 8.39 5.36
CA VAL A 147 15.21 7.86 4.33
C VAL A 147 13.77 8.27 4.64
N ILE A 148 13.32 8.07 5.87
CA ILE A 148 11.94 8.45 6.17
C ILE A 148 11.75 9.95 6.13
N PHE A 149 12.78 10.71 6.50
CA PHE A 149 12.71 12.16 6.34
C PHE A 149 12.38 12.52 4.90
N ALA A 150 13.13 11.95 3.96
CA ALA A 150 12.88 12.27 2.56
C ALA A 150 11.52 11.75 2.11
N LEU A 151 11.05 10.61 2.60
CA LEU A 151 9.74 10.13 2.19
C LEU A 151 8.63 11.08 2.69
N ILE A 152 8.70 11.49 3.95
CA ILE A 152 7.72 12.43 4.48
C ILE A 152 7.80 13.74 3.71
N ARG A 153 9.00 14.15 3.32
CA ARG A 153 9.14 15.34 2.50
C ARG A 153 8.44 15.16 1.17
N ALA A 154 8.56 13.98 0.57
CA ALA A 154 7.87 13.72 -0.69
C ALA A 154 6.37 13.78 -0.53
N PHE A 155 5.86 13.40 0.64
CA PHE A 155 4.42 13.46 0.84
C PHE A 155 3.93 14.88 1.08
N THR A 156 4.73 15.71 1.76
CA THR A 156 4.29 17.07 2.08
C THR A 156 4.59 18.07 0.97
N ARG A 157 5.68 17.92 0.22
CA ARG A 157 6.05 18.90 -0.79
C ARG A 157 5.18 18.80 -2.04
N GLN A 158 4.99 19.95 -2.69
CA GLN A 158 4.07 20.14 -3.81
C GLN A 158 4.82 20.39 -5.11
N SER A 159 4.70 19.47 -6.06
CA SER A 159 5.27 19.61 -7.40
C SER A 159 6.73 20.05 -7.39
N MET A 160 7.50 19.41 -6.53
CA MET A 160 8.91 19.70 -6.34
C MET A 160 9.71 18.60 -7.03
N SER A 161 11.03 18.74 -7.02
CA SER A 161 11.91 17.73 -7.58
C SER A 161 13.01 17.32 -6.61
N THR A 162 13.10 17.93 -5.44
CA THR A 162 14.13 17.62 -4.47
C THR A 162 13.50 17.08 -3.19
N LEU A 163 14.33 16.45 -2.37
CA LEU A 163 13.92 15.84 -1.11
C LEU A 163 14.72 16.35 0.07
N GLY A 164 15.32 17.51 -0.04
CA GLY A 164 16.20 18.03 0.99
C GLY A 164 17.64 17.63 0.73
N ASN A 165 18.45 17.71 1.78
CA ASN A 165 19.87 17.39 1.71
C ASN A 165 20.15 16.21 2.62
N ALA A 166 20.76 15.16 2.07
CA ALA A 166 21.04 13.98 2.90
C ALA A 166 22.11 14.26 3.94
N TRP A 167 23.13 15.03 3.58
CA TRP A 167 24.18 15.32 4.55
C TRP A 167 23.64 16.15 5.70
N VAL A 168 22.85 17.18 5.40
CA VAL A 168 22.26 17.99 6.46
C VAL A 168 21.39 17.13 7.35
N ASP A 169 20.58 16.26 6.77
CA ASP A 169 19.70 15.41 7.57
C ASP A 169 20.50 14.49 8.46
N LEU A 170 21.47 13.78 7.91
CA LEU A 170 22.27 12.87 8.71
C LEU A 170 22.97 13.63 9.84
N LEU A 171 23.61 14.75 9.52
CA LEU A 171 24.32 15.50 10.55
C LEU A 171 23.37 15.96 11.65
N ARG A 172 22.24 16.57 11.27
CA ARG A 172 21.32 17.07 12.29
C ARG A 172 20.77 15.94 13.14
N ILE A 173 20.36 14.85 12.50
CA ILE A 173 19.85 13.70 13.25
C ILE A 173 20.87 13.23 14.26
N THR A 174 22.03 12.76 13.77
CA THR A 174 23.02 12.21 14.68
C THR A 174 23.58 13.20 15.68
N LEU A 175 23.53 14.51 15.44
CA LEU A 175 24.10 15.40 16.45
C LEU A 175 23.11 15.85 17.51
N TRP A 176 21.85 16.11 17.15
CA TRP A 176 20.87 16.61 18.11
C TRP A 176 19.77 15.65 18.51
N VAL A 177 19.39 14.68 17.68
CA VAL A 177 18.43 13.68 18.10
C VAL A 177 19.07 12.43 18.71
N LEU A 178 20.14 11.89 18.15
CA LEU A 178 20.72 10.65 18.65
C LEU A 178 21.81 10.82 19.71
N VAL A 179 22.68 11.81 19.60
CA VAL A 179 23.81 11.94 20.53
C VAL A 179 23.30 12.39 21.89
N PRO A 180 22.55 13.49 22.03
CA PRO A 180 22.17 13.90 23.40
C PRO A 180 21.15 12.96 24.02
N VAL A 181 20.15 12.49 23.28
CA VAL A 181 19.19 11.55 23.85
C VAL A 181 19.93 10.29 24.32
N ALA A 182 20.79 9.74 23.46
CA ALA A 182 21.55 8.56 23.86
C ALA A 182 22.49 8.87 25.00
N LEU A 183 22.99 10.10 25.10
CA LEU A 183 23.87 10.44 26.21
C LEU A 183 23.08 10.38 27.52
N LEU A 184 21.87 10.91 27.49
CA LEU A 184 20.98 10.93 28.66
C LEU A 184 20.65 9.51 29.10
N ILE A 185 20.37 8.65 28.13
CA ILE A 185 20.01 7.26 28.40
C ILE A 185 21.21 6.51 28.92
N ALA A 186 22.38 6.73 28.34
CA ALA A 186 23.59 6.03 28.77
C ALA A 186 23.96 6.42 30.19
N LEU A 187 23.89 7.71 30.52
CA LEU A 187 24.20 8.10 31.89
C LEU A 187 23.21 7.48 32.86
N PHE A 188 21.93 7.42 32.50
CA PHE A 188 20.96 6.77 33.37
C PHE A 188 21.31 5.31 33.60
N PHE A 189 21.64 4.58 32.53
CA PHE A 189 22.04 3.18 32.68
C PHE A 189 23.25 3.05 33.59
N ILE A 190 24.24 3.92 33.44
CA ILE A 190 25.44 3.86 34.29
C ILE A 190 25.03 4.03 35.74
N GLN A 191 24.11 4.94 36.00
CA GLN A 191 23.66 5.19 37.36
C GLN A 191 22.86 4.02 37.92
N GLN A 192 22.26 3.18 37.08
CA GLN A 192 21.50 2.04 37.59
C GLN A 192 22.30 0.74 37.60
N GLY A 193 23.57 0.76 37.22
CA GLY A 193 24.42 -0.41 37.24
C GLY A 193 25.05 -0.86 35.96
N ALA A 194 24.97 -0.05 34.92
CA ALA A 194 25.57 -0.42 33.66
C ALA A 194 27.06 -0.17 33.75
N LEU A 195 27.76 -0.66 32.77
CA LEU A 195 29.21 -0.69 32.73
C LEU A 195 29.71 0.30 31.70
N GLN A 196 30.56 1.24 32.12
CA GLN A 196 31.10 2.25 31.22
C GLN A 196 32.51 2.56 31.69
N ASN A 197 33.49 1.89 31.09
CA ASN A 197 34.90 2.01 31.44
C ASN A 197 35.73 1.29 30.39
N PHE A 198 37.03 1.53 30.44
CA PHE A 198 38.00 0.93 29.54
C PHE A 198 39.06 0.17 30.31
N LEU A 199 38.69 -0.50 31.38
CA LEU A 199 39.64 -1.27 32.17
C LEU A 199 39.81 -2.66 31.57
N PRO A 200 40.83 -3.38 31.99
CA PRO A 200 40.94 -4.78 31.59
C PRO A 200 39.99 -5.63 32.38
N TYR A 201 39.82 -6.87 31.92
CA TYR A 201 38.90 -7.79 32.56
C TYR A 201 39.31 -8.03 34.00
N GLN A 202 38.34 -7.97 34.91
CA GLN A 202 38.64 -8.11 36.33
C GLN A 202 38.62 -9.58 36.73
N ALA A 203 39.46 -9.92 37.70
CA ALA A 203 39.54 -11.26 38.24
C ALA A 203 38.77 -11.34 39.54
N VAL A 204 37.83 -12.27 39.63
CA VAL A 204 37.03 -12.47 40.82
C VAL A 204 37.47 -13.73 41.53
N ASN A 205 37.79 -13.61 42.82
CA ASN A 205 38.05 -14.79 43.63
C ASN A 205 36.75 -15.00 44.38
N THR A 206 35.87 -15.87 43.87
CA THR A 206 34.51 -15.90 44.38
C THR A 206 34.47 -16.30 45.84
N VAL A 207 33.38 -15.90 46.52
CA VAL A 207 33.17 -16.23 47.93
C VAL A 207 33.45 -17.70 48.18
N GLU A 208 32.94 -18.57 47.31
CA GLU A 208 32.97 -20.02 47.50
C GLU A 208 34.21 -20.64 46.87
N GLY A 209 35.06 -19.83 46.27
CA GLY A 209 36.39 -20.16 45.79
C GLY A 209 36.46 -20.75 44.41
N ALA A 210 36.01 -19.97 43.43
CA ALA A 210 36.07 -20.31 42.02
C ALA A 210 36.70 -19.12 41.34
N GLN A 211 37.20 -19.30 40.12
CA GLN A 211 37.82 -18.21 39.39
C GLN A 211 36.79 -17.73 38.38
N GLN A 212 36.43 -16.46 38.43
CA GLN A 212 35.43 -15.90 37.54
C GLN A 212 36.00 -14.63 36.90
N LEU A 213 36.23 -14.64 35.59
CA LEU A 213 36.85 -13.50 34.93
C LEU A 213 35.70 -12.60 34.50
N LEU A 214 35.66 -11.38 34.98
CA LEU A 214 34.58 -10.45 34.67
C LEU A 214 34.89 -9.57 33.46
N PRO A 215 34.00 -9.45 32.46
CA PRO A 215 34.26 -8.61 31.30
C PRO A 215 33.86 -7.17 31.54
N MET A 216 34.71 -6.25 31.08
CA MET A 216 34.51 -4.82 31.22
C MET A 216 34.26 -4.21 29.85
N GLY A 217 34.21 -2.88 29.78
CA GLY A 217 34.06 -2.20 28.51
C GLY A 217 33.04 -1.09 28.52
N PRO A 218 33.07 -0.24 27.52
CA PRO A 218 32.08 0.83 27.46
C PRO A 218 30.72 0.32 27.07
N VAL A 219 29.94 -0.19 28.03
CA VAL A 219 28.68 -0.83 27.68
C VAL A 219 27.53 0.16 27.66
N ALA A 220 27.59 1.23 28.44
CA ALA A 220 26.45 2.12 28.57
C ALA A 220 26.21 2.92 27.30
N SER A 221 27.29 3.42 26.70
CA SER A 221 27.19 4.21 25.47
C SER A 221 26.54 3.38 24.37
N GLN A 222 27.08 2.19 24.14
CA GLN A 222 26.51 1.33 23.13
C GLN A 222 25.12 0.89 23.52
N GLU A 223 24.80 0.85 24.81
CA GLU A 223 23.46 0.40 25.19
C GLU A 223 22.44 1.48 24.89
N ALA A 224 22.79 2.73 25.17
CA ALA A 224 21.87 3.80 24.87
C ALA A 224 21.61 3.85 23.38
N ILE A 225 22.65 3.74 22.58
CA ILE A 225 22.41 3.88 21.15
C ILE A 225 21.82 2.62 20.55
N LYS A 226 22.05 1.44 21.13
CA LYS A 226 21.51 0.23 20.51
C LYS A 226 20.02 0.18 20.74
N MET A 227 19.55 0.79 21.83
CA MET A 227 18.13 0.80 22.15
C MET A 227 17.45 1.98 21.49
N LEU A 228 18.12 3.13 21.41
CA LEU A 228 17.46 4.31 20.86
C LEU A 228 17.30 4.16 19.35
N GLY A 229 18.36 3.81 18.64
CA GLY A 229 18.34 3.63 17.22
C GLY A 229 17.83 2.30 16.74
N THR A 230 17.22 1.51 17.63
CA THR A 230 16.75 0.16 17.33
C THR A 230 17.78 -0.66 16.56
N ASN A 231 18.99 -0.71 17.10
CA ASN A 231 20.04 -1.53 16.52
C ASN A 231 20.08 -2.93 17.12
N GLY A 232 20.01 -3.01 18.44
CA GLY A 232 20.02 -4.30 19.13
C GLY A 232 21.39 -4.93 19.24
N GLY A 233 22.44 -4.22 18.87
CA GLY A 233 23.79 -4.76 18.96
C GLY A 233 24.23 -4.93 20.37
N GLY A 234 24.29 -6.17 20.84
CA GLY A 234 24.66 -6.39 22.20
C GLY A 234 26.16 -6.40 22.41
N PHE A 235 26.55 -5.93 23.58
CA PHE A 235 27.95 -5.91 23.94
C PHE A 235 28.44 -7.31 24.27
N PHE A 236 27.58 -8.17 24.80
CA PHE A 236 27.92 -9.54 25.12
C PHE A 236 26.98 -10.51 24.39
N ASN A 237 27.25 -11.81 24.56
CA ASN A 237 26.43 -12.84 23.93
C ASN A 237 24.99 -12.66 24.36
N ALA A 238 24.76 -12.64 25.66
CA ALA A 238 23.46 -12.38 26.19
C ALA A 238 23.32 -10.91 25.82
N ASN A 239 22.29 -10.55 25.09
CA ASN A 239 22.20 -9.17 24.63
C ASN A 239 21.70 -8.24 25.73
N SER A 240 20.41 -8.22 26.05
CA SER A 240 19.87 -7.23 26.97
C SER A 240 19.41 -7.87 28.27
N SER A 241 19.86 -9.09 28.50
CA SER A 241 19.56 -9.87 29.69
C SER A 241 20.78 -9.93 30.59
N HIS A 242 21.93 -9.52 30.08
CA HIS A 242 23.13 -9.44 30.88
C HIS A 242 22.90 -8.43 32.00
N PRO A 243 23.31 -8.72 33.23
CA PRO A 243 23.17 -7.71 34.29
C PRO A 243 23.94 -6.43 34.02
N PHE A 244 25.01 -6.47 33.23
CA PHE A 244 25.76 -5.27 32.95
C PHE A 244 25.08 -4.42 31.88
N GLU A 245 24.41 -5.03 30.92
CA GLU A 245 23.73 -4.26 29.88
C GLU A 245 22.36 -3.78 30.33
N ASN A 246 21.68 -4.53 31.19
CA ASN A 246 20.33 -4.22 31.66
C ASN A 246 20.28 -4.55 33.15
N PRO A 247 20.79 -3.65 34.00
CA PRO A 247 20.94 -4.02 35.42
C PRO A 247 19.67 -4.12 36.24
N THR A 248 18.72 -3.21 36.08
CA THR A 248 17.51 -3.18 36.90
C THR A 248 16.29 -3.11 36.00
N ALA A 249 15.14 -3.41 36.57
CA ALA A 249 13.91 -3.34 35.80
C ALA A 249 13.60 -1.91 35.35
N LEU A 250 14.09 -0.91 36.08
CA LEU A 250 13.93 0.47 35.66
C LEU A 250 14.64 0.71 34.33
N THR A 251 15.90 0.23 34.21
CA THR A 251 16.61 0.34 32.95
C THR A 251 15.89 -0.43 31.86
N ASN A 252 15.27 -1.55 32.20
CA ASN A 252 14.55 -2.31 31.19
C ASN A 252 13.36 -1.51 30.67
N PHE A 253 12.62 -0.89 31.58
CA PHE A 253 11.50 -0.04 31.18
C PHE A 253 11.98 1.06 30.27
N VAL A 254 13.08 1.73 30.65
CA VAL A 254 13.60 2.81 29.83
C VAL A 254 14.12 2.27 28.52
N GLN A 255 14.62 1.04 28.48
CA GLN A 255 15.09 0.48 27.22
C GLN A 255 13.94 0.24 26.27
N MET A 256 12.84 -0.33 26.75
CA MET A 256 11.67 -0.51 25.90
C MET A 256 11.11 0.84 25.42
N LEU A 257 11.04 1.81 26.31
CA LEU A 257 10.61 3.14 25.90
C LEU A 257 11.54 3.69 24.84
N ALA A 258 12.84 3.47 24.97
CA ALA A 258 13.80 3.94 23.98
C ALA A 258 13.62 3.25 22.64
N ILE A 259 13.31 1.95 22.64
CA ILE A 259 13.09 1.25 21.38
C ILE A 259 11.94 1.88 20.62
N PHE A 260 10.84 2.12 21.30
CA PHE A 260 9.66 2.69 20.64
C PHE A 260 9.66 4.21 20.53
N LEU A 261 10.55 4.91 21.22
CA LEU A 261 10.55 6.36 21.24
C LEU A 261 10.65 7.00 19.87
N ILE A 262 11.74 6.75 19.14
CA ILE A 262 11.90 7.38 17.82
C ILE A 262 10.83 6.94 16.82
N PRO A 263 10.43 5.67 16.73
CA PRO A 263 9.35 5.31 15.78
C PRO A 263 8.03 6.04 16.02
N THR A 264 7.60 6.11 17.27
CA THR A 264 6.42 6.88 17.65
C THR A 264 6.63 8.35 17.37
N ALA A 265 7.79 8.89 17.70
CA ALA A 265 8.03 10.30 17.42
C ALA A 265 7.99 10.56 15.93
N LEU A 266 8.40 9.60 15.11
CA LEU A 266 8.40 9.82 13.67
C LEU A 266 7.00 9.71 13.10
N CYS A 267 6.11 8.99 13.79
CA CYS A 267 4.70 9.03 13.41
C CYS A 267 4.06 10.35 13.81
N PHE A 268 4.31 10.82 15.02
CA PHE A 268 3.79 12.12 15.43
C PHE A 268 4.31 13.22 14.51
N ALA A 269 5.59 13.16 14.13
CA ALA A 269 6.17 14.13 13.23
C ALA A 269 5.58 14.02 11.84
N PHE A 270 5.24 12.80 11.42
CA PHE A 270 4.57 12.63 10.14
C PHE A 270 3.22 13.31 10.14
N GLY A 271 2.46 13.11 11.20
CA GLY A 271 1.16 13.76 11.30
C GLY A 271 1.28 15.28 11.39
N GLU A 272 2.29 15.77 12.10
CA GLU A 272 2.44 17.21 12.29
C GLU A 272 2.97 17.91 11.05
N VAL A 273 3.85 17.27 10.28
CA VAL A 273 4.42 17.89 9.10
C VAL A 273 3.38 17.96 7.99
N MET A 274 2.52 16.96 7.88
CA MET A 274 1.51 17.00 6.84
C MET A 274 0.38 17.96 7.16
N GLY A 275 0.37 18.59 8.33
CA GLY A 275 -0.69 19.51 8.65
C GLY A 275 -1.95 18.86 9.12
N ASP A 276 -1.91 17.60 9.52
CA ASP A 276 -3.09 16.91 9.99
C ASP A 276 -2.60 15.88 10.99
N ARG A 277 -2.82 16.16 12.28
CA ARG A 277 -2.44 15.24 13.33
C ARG A 277 -3.20 13.94 13.25
N ARG A 278 -4.37 13.94 12.62
CA ARG A 278 -5.18 12.74 12.54
C ARG A 278 -4.46 11.64 11.78
N GLN A 279 -3.65 11.99 10.80
CA GLN A 279 -2.91 10.98 10.04
C GLN A 279 -1.90 10.27 10.93
N GLY A 280 -1.07 11.04 11.64
CA GLY A 280 -0.12 10.43 12.56
C GLY A 280 -0.81 9.60 13.63
N ARG A 281 -1.93 10.11 14.15
CA ARG A 281 -2.67 9.38 15.17
C ARG A 281 -3.21 8.09 14.59
N MET A 282 -3.66 8.11 13.35
CA MET A 282 -4.22 6.94 12.67
C MET A 282 -3.15 5.87 12.59
N LEU A 283 -1.98 6.27 12.12
CA LEU A 283 -0.88 5.37 11.87
C LEU A 283 -0.46 4.74 13.19
N LEU A 284 -0.38 5.54 14.24
CA LEU A 284 -0.01 5.04 15.55
C LEU A 284 -1.10 4.15 16.09
N TRP A 285 -2.36 4.50 15.84
CA TRP A 285 -3.48 3.73 16.36
C TRP A 285 -3.41 2.32 15.81
N ALA A 286 -3.13 2.19 14.52
CA ALA A 286 -3.07 0.87 13.88
C ALA A 286 -1.90 0.08 14.46
N MET A 287 -0.72 0.70 14.52
CA MET A 287 0.42 -0.03 15.07
C MET A 287 0.19 -0.40 16.53
N SER A 288 -0.47 0.47 17.30
CA SER A 288 -0.72 0.17 18.71
C SER A 288 -1.69 -0.98 18.86
N VAL A 289 -2.72 -1.04 18.01
CA VAL A 289 -3.67 -2.15 18.08
C VAL A 289 -2.93 -3.46 17.86
N ILE A 290 -2.19 -3.57 16.75
CA ILE A 290 -1.50 -4.83 16.49
C ILE A 290 -0.52 -5.15 17.61
N PHE A 291 0.19 -4.13 18.10
CA PHE A 291 1.18 -4.35 19.14
C PHE A 291 0.55 -4.87 20.42
N VAL A 292 -0.55 -4.25 20.86
CA VAL A 292 -1.19 -4.67 22.10
C VAL A 292 -1.71 -6.08 21.97
N ILE A 293 -2.35 -6.40 20.84
CA ILE A 293 -2.89 -7.76 20.70
C ILE A 293 -1.75 -8.77 20.72
N CYS A 294 -0.65 -8.47 20.02
CA CYS A 294 0.47 -9.40 20.01
C CYS A 294 1.05 -9.57 21.41
N VAL A 295 1.21 -8.47 22.16
CA VAL A 295 1.73 -8.58 23.51
C VAL A 295 0.81 -9.43 24.36
N GLY A 296 -0.50 -9.24 24.22
CA GLY A 296 -1.43 -10.06 24.98
C GLY A 296 -1.26 -11.54 24.67
N VAL A 297 -1.15 -11.87 23.39
CA VAL A 297 -1.01 -13.27 23.01
C VAL A 297 0.27 -13.86 23.59
N VAL A 298 1.39 -13.14 23.45
CA VAL A 298 2.65 -13.68 23.96
C VAL A 298 2.60 -13.81 25.47
N MET A 299 2.06 -12.79 26.16
CA MET A 299 1.97 -12.84 27.61
C MET A 299 1.20 -14.07 28.04
N TRP A 300 0.01 -14.27 27.48
CA TRP A 300 -0.79 -15.44 27.85
C TRP A 300 -0.05 -16.72 27.53
N ALA A 301 0.60 -16.78 26.37
CA ALA A 301 1.30 -18.00 25.99
C ALA A 301 2.38 -18.32 27.00
N GLU A 302 3.21 -17.34 27.35
CA GLU A 302 4.27 -17.62 28.30
C GLU A 302 3.72 -17.90 29.70
N VAL A 303 2.60 -17.29 30.07
CA VAL A 303 2.02 -17.63 31.37
C VAL A 303 1.60 -19.08 31.35
N GLN A 304 1.06 -19.54 30.21
CA GLN A 304 0.65 -20.92 30.10
C GLN A 304 1.88 -21.81 30.22
N GLY A 305 3.04 -21.24 29.92
CA GLY A 305 4.30 -21.90 30.05
C GLY A 305 4.41 -23.28 29.49
N ASN A 306 5.12 -24.12 30.23
CA ASN A 306 5.44 -25.45 29.81
C ASN A 306 4.68 -26.47 30.66
N PRO A 307 3.94 -27.40 30.05
CA PRO A 307 3.18 -28.35 30.87
C PRO A 307 4.08 -29.31 31.62
N HIS A 308 5.25 -29.58 31.04
CA HIS A 308 6.21 -30.50 31.65
C HIS A 308 6.74 -29.98 32.97
N LEU A 309 6.87 -28.65 33.13
CA LEU A 309 7.34 -28.14 34.41
C LEU A 309 6.40 -28.56 35.53
N LEU A 310 5.10 -28.39 35.33
CA LEU A 310 4.19 -28.80 36.40
C LEU A 310 4.18 -30.31 36.56
N ALA A 311 4.23 -31.05 35.46
CA ALA A 311 4.24 -32.51 35.61
C ALA A 311 5.48 -32.98 36.36
N LEU A 312 6.60 -32.26 36.23
CA LEU A 312 7.86 -32.64 36.86
C LEU A 312 7.99 -32.16 38.30
N GLY A 313 6.96 -31.53 38.86
CA GLY A 313 6.97 -31.14 40.25
C GLY A 313 7.57 -29.78 40.55
N THR A 314 7.07 -28.74 39.90
CA THR A 314 7.45 -27.36 40.15
C THR A 314 6.28 -26.59 40.74
N ASP A 315 6.54 -25.33 41.11
CA ASP A 315 5.48 -24.50 41.65
C ASP A 315 4.38 -24.29 40.63
N SER A 316 4.74 -23.86 39.42
CA SER A 316 3.74 -23.59 38.42
C SER A 316 4.34 -23.84 37.05
N SER A 317 3.50 -23.69 36.04
CA SER A 317 3.90 -23.92 34.66
C SER A 317 4.56 -22.72 34.01
N ILE A 318 4.71 -21.61 34.71
CA ILE A 318 5.33 -20.36 34.24
C ILE A 318 6.69 -20.64 33.60
N ASN A 319 6.79 -20.35 32.30
CA ASN A 319 8.01 -20.60 31.52
C ASN A 319 9.16 -19.65 31.77
N MET A 320 9.95 -19.93 32.79
CA MET A 320 11.09 -19.12 33.18
C MET A 320 12.36 -19.45 32.42
N GLU A 321 12.41 -20.59 31.71
CA GLU A 321 13.57 -21.13 31.00
C GLU A 321 14.51 -20.09 30.40
N GLY A 322 14.03 -19.26 29.50
CA GLY A 322 14.91 -18.29 28.85
C GLY A 322 14.63 -16.89 29.34
N LYS A 323 14.18 -16.79 30.59
CA LYS A 323 13.82 -15.54 31.24
C LYS A 323 14.87 -15.19 32.29
N GLU A 324 14.73 -14.00 32.85
CA GLU A 324 15.53 -13.49 33.95
C GLU A 324 14.65 -13.28 35.17
N SER A 325 15.28 -13.22 36.34
CA SER A 325 14.54 -13.04 37.58
C SER A 325 14.20 -11.59 37.81
N ARG A 326 15.04 -10.68 37.31
CA ARG A 326 14.77 -9.26 37.45
C ARG A 326 13.47 -8.94 36.77
N PHE A 327 13.29 -9.39 35.54
CA PHE A 327 12.08 -9.10 34.80
C PHE A 327 11.23 -10.36 34.86
N GLY A 328 9.96 -10.19 35.17
CA GLY A 328 9.02 -11.30 35.17
C GLY A 328 8.72 -11.86 33.80
N VAL A 329 7.83 -12.85 33.81
CA VAL A 329 7.44 -13.46 32.55
C VAL A 329 6.72 -12.44 31.69
N LEU A 330 5.88 -11.63 32.32
CA LEU A 330 5.14 -10.60 31.59
C LEU A 330 6.07 -9.57 30.99
N VAL A 331 7.07 -9.14 31.76
CA VAL A 331 8.02 -8.16 31.26
C VAL A 331 8.78 -8.73 30.08
N SER A 332 9.20 -9.99 30.19
CA SER A 332 9.94 -10.63 29.11
C SER A 332 9.07 -10.80 27.87
N SER A 333 7.79 -11.13 28.06
CA SER A 333 6.89 -11.23 26.92
C SER A 333 6.75 -9.88 26.23
N LEU A 334 6.53 -8.83 27.02
CA LEU A 334 6.43 -7.50 26.44
C LEU A 334 7.71 -7.13 25.71
N PHE A 335 8.86 -7.44 26.28
CA PHE A 335 10.11 -7.09 25.61
C PHE A 335 10.29 -7.91 24.34
N ALA A 336 9.89 -9.17 24.35
CA ALA A 336 9.97 -9.97 23.14
C ALA A 336 9.16 -9.31 22.03
N VAL A 337 7.91 -8.97 22.31
CA VAL A 337 7.10 -8.37 21.27
C VAL A 337 7.66 -7.00 20.89
N VAL A 338 8.20 -6.26 21.84
CA VAL A 338 8.73 -4.94 21.54
C VAL A 338 9.96 -5.07 20.63
N THR A 339 10.91 -5.90 21.01
CA THR A 339 12.12 -6.00 20.22
C THR A 339 11.88 -6.61 18.86
N THR A 340 10.88 -7.49 18.71
CA THR A 340 10.61 -8.09 17.41
C THR A 340 9.61 -7.30 16.58
N ALA A 341 8.88 -6.36 17.18
CA ALA A 341 7.95 -5.53 16.44
C ALA A 341 8.64 -4.28 15.93
N ALA A 342 9.52 -3.72 16.75
CA ALA A 342 10.26 -2.50 16.44
C ALA A 342 11.52 -2.77 15.65
N SER A 343 11.83 -4.02 15.35
CA SER A 343 13.02 -4.39 14.61
C SER A 343 14.27 -4.01 15.37
N CYS A 344 14.17 -3.98 16.68
CA CYS A 344 15.30 -3.65 17.55
C CYS A 344 16.32 -4.76 17.53
N GLY A 345 15.88 -5.98 17.86
CA GLY A 345 16.74 -7.13 17.94
C GLY A 345 17.26 -7.41 19.34
N ALA A 346 17.10 -6.49 20.27
CA ALA A 346 17.58 -6.66 21.64
C ALA A 346 16.72 -7.70 22.33
N VAL A 347 17.29 -8.87 22.58
CA VAL A 347 16.61 -9.99 23.22
C VAL A 347 16.93 -10.02 24.70
N ILE A 348 15.97 -9.67 25.57
CA ILE A 348 16.20 -9.83 27.01
C ILE A 348 15.76 -11.19 27.50
N ALA A 349 15.20 -12.01 26.63
CA ALA A 349 14.83 -13.36 27.01
C ALA A 349 14.96 -14.27 25.81
N MET A 350 15.85 -15.26 25.91
CA MET A 350 16.11 -16.27 24.89
C MET A 350 14.80 -16.71 24.27
N HIS A 351 14.57 -16.31 23.02
CA HIS A 351 13.31 -16.61 22.35
C HIS A 351 13.23 -18.09 22.04
N ASP A 352 14.36 -18.77 21.91
CA ASP A 352 14.36 -20.20 21.65
C ASP A 352 13.62 -20.97 22.72
N SER A 353 13.65 -20.48 23.94
CA SER A 353 13.00 -21.16 25.05
C SER A 353 11.56 -20.75 25.24
N PHE A 354 11.09 -19.69 24.59
CA PHE A 354 9.70 -19.32 24.72
C PHE A 354 8.82 -20.49 24.28
N THR A 355 7.57 -20.46 24.73
CA THR A 355 6.58 -21.42 24.27
C THR A 355 6.39 -21.25 22.76
N ALA A 356 5.86 -22.32 22.14
CA ALA A 356 5.62 -22.30 20.70
C ALA A 356 4.87 -21.05 20.26
N LEU A 357 3.77 -20.73 20.91
CA LEU A 357 3.03 -19.51 20.56
C LEU A 357 3.84 -18.27 20.93
N GLY A 358 4.47 -18.32 22.10
CA GLY A 358 5.26 -17.20 22.57
C GLY A 358 6.35 -16.80 21.60
N GLY A 359 6.94 -17.77 20.93
CA GLY A 359 7.95 -17.48 19.93
C GLY A 359 7.36 -17.34 18.55
N MET A 360 6.12 -17.79 18.36
CA MET A 360 5.48 -17.64 17.06
C MET A 360 5.18 -16.19 16.77
N VAL A 361 4.50 -15.52 17.69
CA VAL A 361 4.11 -14.13 17.44
C VAL A 361 5.31 -13.23 17.18
N PRO A 362 6.41 -13.33 17.92
CA PRO A 362 7.56 -12.47 17.58
C PRO A 362 8.11 -12.77 16.19
N MET A 363 8.18 -14.06 15.85
CA MET A 363 8.66 -14.45 14.53
C MET A 363 7.80 -13.80 13.46
N TRP A 364 6.51 -13.80 13.69
CA TRP A 364 5.56 -13.32 12.71
C TRP A 364 5.50 -11.80 12.67
N LEU A 365 5.83 -11.13 13.77
CA LEU A 365 6.01 -9.69 13.73
C LEU A 365 7.23 -9.30 12.92
N MET A 366 8.26 -10.14 12.88
CA MET A 366 9.34 -9.84 11.96
C MET A 366 8.92 -10.13 10.52
N GLN A 367 8.34 -11.29 10.30
CA GLN A 367 7.96 -11.69 8.95
C GLN A 367 6.96 -10.76 8.28
N ILE A 368 6.00 -10.19 9.01
CA ILE A 368 5.04 -9.30 8.36
C ILE A 368 5.72 -8.11 7.70
N GLY A 369 6.92 -7.73 8.14
CA GLY A 369 7.66 -6.64 7.53
C GLY A 369 8.17 -5.59 8.49
N GLU A 370 7.97 -5.79 9.79
CA GLU A 370 8.41 -4.86 10.82
C GLU A 370 7.73 -3.51 10.65
N VAL A 371 6.42 -3.56 10.57
CA VAL A 371 5.58 -2.41 10.32
C VAL A 371 4.78 -1.99 11.54
N VAL A 372 5.08 -2.54 12.72
CA VAL A 372 4.32 -2.26 13.94
C VAL A 372 5.30 -1.55 14.87
N PHE A 373 5.31 -0.23 14.80
CA PHE A 373 6.28 0.62 15.48
C PHE A 373 7.68 0.18 15.07
N GLY A 374 7.84 -0.13 13.80
CA GLY A 374 9.02 -0.81 13.32
C GLY A 374 10.31 -0.05 13.51
N GLY A 375 11.36 -0.49 12.83
CA GLY A 375 12.69 0.07 12.99
C GLY A 375 12.72 1.58 12.85
N VAL A 376 13.86 2.17 13.18
CA VAL A 376 13.99 3.61 13.21
C VAL A 376 14.02 4.13 11.78
N GLY A 377 12.85 4.52 11.26
CA GLY A 377 12.79 4.91 9.86
C GLY A 377 12.23 3.77 9.05
N SER A 378 12.84 2.60 9.26
CA SER A 378 12.45 1.38 8.58
C SER A 378 10.98 1.09 8.80
N GLY A 379 10.56 1.13 10.04
CA GLY A 379 9.18 0.80 10.38
C GLY A 379 8.17 1.73 9.78
N LEU A 380 8.49 3.02 9.73
CA LEU A 380 7.53 3.98 9.21
C LEU A 380 7.40 3.88 7.70
N TYR A 381 8.49 3.82 6.95
CA TYR A 381 8.31 3.67 5.52
C TYR A 381 7.88 2.27 5.10
N GLY A 382 8.18 1.23 5.87
CA GLY A 382 7.49 -0.05 5.62
C GLY A 382 6.00 0.10 5.79
N MET A 383 5.58 0.72 6.88
CA MET A 383 4.16 0.93 7.11
C MET A 383 3.58 1.84 6.06
N MET A 384 4.38 2.76 5.50
CA MET A 384 3.88 3.61 4.43
C MET A 384 3.71 2.82 3.15
N LEU A 385 4.54 1.81 2.93
CA LEU A 385 4.35 0.91 1.79
C LEU A 385 2.99 0.26 1.92
N PHE A 386 2.72 -0.24 3.11
CA PHE A 386 1.48 -0.96 3.41
C PHE A 386 0.30 0.01 3.37
N VAL A 387 0.51 1.26 3.74
CA VAL A 387 -0.54 2.28 3.65
C VAL A 387 -0.86 2.53 2.18
N LEU A 388 0.16 2.67 1.34
CA LEU A 388 -0.09 2.94 -0.08
C LEU A 388 -0.96 1.79 -0.60
N LEU A 389 -0.51 0.57 -0.38
CA LEU A 389 -1.26 -0.62 -0.80
C LEU A 389 -2.70 -0.61 -0.28
N ALA A 390 -2.91 -0.21 0.96
CA ALA A 390 -4.25 -0.16 1.52
C ALA A 390 -5.06 0.93 0.84
N VAL A 391 -4.48 2.11 0.65
CA VAL A 391 -5.18 3.22 0.01
C VAL A 391 -5.56 2.82 -1.40
N PHE A 392 -4.71 2.03 -2.05
CA PHE A 392 -4.99 1.56 -3.41
C PHE A 392 -6.23 0.70 -3.38
N ILE A 393 -6.24 -0.33 -2.54
CA ILE A 393 -7.35 -1.27 -2.52
C ILE A 393 -8.61 -0.55 -2.05
N ALA A 394 -8.45 0.45 -1.20
CA ALA A 394 -9.58 1.21 -0.67
C ALA A 394 -10.20 2.08 -1.77
N GLY A 395 -9.43 3.00 -2.34
CA GLY A 395 -9.98 3.80 -3.41
C GLY A 395 -10.46 2.95 -4.59
N LEU A 396 -9.84 1.80 -4.80
CA LEU A 396 -10.25 0.91 -5.87
C LEU A 396 -11.67 0.40 -5.59
N MET A 397 -11.91 -0.03 -4.35
CA MET A 397 -13.22 -0.50 -3.90
C MET A 397 -14.30 0.57 -3.95
N ILE A 398 -13.96 1.83 -3.64
CA ILE A 398 -14.97 2.88 -3.64
C ILE A 398 -15.13 3.56 -4.99
N GLY A 399 -14.31 3.22 -5.98
CA GLY A 399 -14.53 3.78 -7.29
C GLY A 399 -13.76 5.02 -7.62
N ARG A 400 -12.80 5.39 -6.79
CA ARG A 400 -11.98 6.56 -7.03
C ARG A 400 -10.54 6.13 -7.18
N THR A 401 -9.75 6.99 -7.80
CA THR A 401 -8.35 6.68 -7.99
C THR A 401 -7.63 6.66 -6.64
N PRO A 402 -6.61 5.82 -6.49
CA PRO A 402 -5.85 5.82 -5.24
C PRO A 402 -5.28 7.18 -4.94
N GLU A 403 -5.58 7.66 -3.75
CA GLU A 403 -5.15 8.98 -3.29
C GLU A 403 -4.85 8.89 -1.81
N TYR A 404 -3.63 9.26 -1.44
CA TYR A 404 -3.24 9.29 -0.04
C TYR A 404 -2.63 10.64 0.24
N LEU A 405 -3.26 11.43 1.10
CA LEU A 405 -2.79 12.78 1.42
C LEU A 405 -2.81 13.66 0.19
N GLY A 406 -3.74 13.36 -0.70
CA GLY A 406 -3.97 14.06 -1.94
C GLY A 406 -3.01 13.72 -3.05
N LYS A 407 -1.94 12.95 -2.79
CA LYS A 407 -1.05 12.55 -3.87
C LYS A 407 -1.66 11.33 -4.54
N LYS A 408 -1.97 11.42 -5.83
CA LYS A 408 -2.53 10.24 -6.47
C LYS A 408 -1.43 9.18 -6.57
N ILE A 409 -1.76 7.92 -6.29
CA ILE A 409 -0.80 6.82 -6.42
C ILE A 409 -1.15 6.08 -7.71
N ASP A 410 -0.22 6.10 -8.67
CA ASP A 410 -0.48 5.48 -9.96
C ASP A 410 0.47 4.29 -10.19
N VAL A 411 0.43 3.74 -11.41
CA VAL A 411 1.22 2.62 -11.91
C VAL A 411 2.67 2.52 -11.46
N ARG A 412 3.48 3.55 -11.72
CA ARG A 412 4.89 3.50 -11.36
C ARG A 412 5.09 3.36 -9.85
N GLU A 413 4.31 4.12 -9.08
CA GLU A 413 4.40 4.02 -7.63
C GLU A 413 4.00 2.63 -7.19
N MET A 414 3.00 2.07 -7.86
CA MET A 414 2.55 0.73 -7.54
C MET A 414 3.65 -0.30 -7.80
N LYS A 415 4.35 -0.19 -8.93
CA LYS A 415 5.47 -1.10 -9.17
C LYS A 415 6.49 -1.00 -8.04
N LEU A 416 6.85 0.23 -7.67
CA LEU A 416 7.88 0.42 -6.67
C LEU A 416 7.45 -0.17 -5.34
N THR A 417 6.25 0.16 -4.87
CA THR A 417 5.80 -0.36 -3.58
C THR A 417 5.64 -1.87 -3.61
N ALA A 418 5.22 -2.44 -4.73
CA ALA A 418 5.12 -3.90 -4.82
C ALA A 418 6.49 -4.54 -4.67
N LEU A 419 7.47 -4.04 -5.41
CA LEU A 419 8.81 -4.59 -5.29
C LEU A 419 9.35 -4.44 -3.87
N ALA A 420 9.08 -3.30 -3.23
CA ALA A 420 9.56 -3.10 -1.88
C ALA A 420 8.93 -4.08 -0.91
N ILE A 421 7.61 -4.31 -1.03
CA ILE A 421 6.96 -5.28 -0.18
C ILE A 421 7.44 -6.69 -0.47
N LEU A 422 7.93 -6.96 -1.67
CA LEU A 422 8.37 -8.31 -2.01
C LEU A 422 9.81 -8.59 -1.58
N VAL A 423 10.65 -7.56 -1.44
CA VAL A 423 12.06 -7.79 -1.11
C VAL A 423 12.20 -8.64 0.14
N THR A 424 11.60 -8.21 1.25
CA THR A 424 11.81 -8.91 2.52
C THR A 424 11.29 -10.35 2.47
N PRO A 425 9.99 -10.61 2.28
CA PRO A 425 9.53 -12.00 2.32
C PRO A 425 10.19 -12.89 1.30
N THR A 426 10.57 -12.35 0.14
CA THR A 426 11.31 -13.15 -0.82
C THR A 426 12.62 -13.62 -0.21
N LEU A 427 13.34 -12.72 0.44
CA LEU A 427 14.58 -13.11 1.12
C LEU A 427 14.31 -14.15 2.18
N VAL A 428 13.29 -13.94 3.01
CA VAL A 428 12.99 -14.88 4.10
C VAL A 428 12.80 -16.27 3.53
N LEU A 429 11.88 -16.39 2.58
CA LEU A 429 11.51 -17.68 2.03
C LEU A 429 12.64 -18.33 1.27
N MET A 430 13.33 -17.58 0.42
CA MET A 430 14.43 -18.16 -0.36
C MET A 430 15.58 -18.54 0.54
N GLY A 431 15.96 -17.70 1.49
CA GLY A 431 17.06 -18.03 2.37
C GLY A 431 16.75 -19.20 3.28
N ALA A 432 15.52 -19.27 3.79
CA ALA A 432 15.16 -20.41 4.61
C ALA A 432 15.15 -21.69 3.79
N ALA A 433 14.71 -21.63 2.54
CA ALA A 433 14.77 -22.81 1.69
C ALA A 433 16.21 -23.22 1.41
N LEU A 434 17.09 -22.24 1.22
CA LEU A 434 18.49 -22.57 0.98
C LEU A 434 19.14 -23.17 2.23
N ALA A 435 18.78 -22.67 3.39
CA ALA A 435 19.35 -23.20 4.62
C ALA A 435 18.84 -24.62 4.89
N MET A 436 17.55 -24.85 4.70
CA MET A 436 16.98 -26.17 4.95
C MET A 436 17.26 -27.17 3.83
N MET A 437 17.96 -26.77 2.77
CA MET A 437 18.34 -27.67 1.69
C MET A 437 19.81 -28.03 1.68
N THR A 438 20.63 -27.40 2.51
CA THR A 438 22.05 -27.66 2.60
C THR A 438 22.36 -28.27 3.95
N ASP A 439 23.31 -29.21 3.97
CA ASP A 439 23.71 -29.83 5.23
C ASP A 439 24.28 -28.81 6.18
N ALA A 440 25.01 -27.83 5.67
CA ALA A 440 25.60 -26.83 6.55
C ALA A 440 24.55 -25.90 7.14
N GLY A 441 23.39 -25.78 6.50
CA GLY A 441 22.35 -24.92 7.04
C GLY A 441 21.47 -25.63 8.04
N ARG A 442 21.28 -26.94 7.86
CA ARG A 442 20.46 -27.70 8.79
C ARG A 442 21.23 -28.12 10.03
N SER A 443 22.56 -28.26 9.92
CA SER A 443 23.33 -28.74 11.05
C SER A 443 23.35 -27.74 12.21
N ALA A 444 22.96 -26.50 11.98
CA ALA A 444 22.99 -25.50 13.04
C ALA A 444 21.81 -25.60 14.00
N MET A 445 20.81 -26.42 13.70
CA MET A 445 19.62 -26.53 14.55
C MET A 445 19.95 -27.22 15.86
N LEU A 446 19.82 -26.49 16.97
CA LEU A 446 20.05 -27.05 18.29
C LEU A 446 18.92 -27.94 18.76
N ASN A 447 17.66 -27.53 18.55
CA ASN A 447 16.51 -28.31 19.03
C ASN A 447 15.94 -29.12 17.88
N PRO A 448 15.62 -30.40 18.04
CA PRO A 448 15.07 -31.16 16.92
C PRO A 448 13.58 -30.92 16.77
N GLY A 449 13.01 -31.53 15.74
CA GLY A 449 11.60 -31.43 15.49
C GLY A 449 11.27 -30.13 14.80
N PRO A 450 9.99 -29.76 14.79
CA PRO A 450 9.59 -28.51 14.15
C PRO A 450 10.31 -27.31 14.68
N HIS A 451 10.71 -27.33 15.95
CA HIS A 451 11.36 -26.15 16.50
C HIS A 451 12.72 -25.91 15.84
N GLY A 452 13.36 -26.94 15.30
CA GLY A 452 14.58 -26.71 14.55
C GLY A 452 14.34 -25.88 13.30
N PHE A 453 13.34 -26.27 12.53
CA PHE A 453 12.95 -25.45 11.39
C PHE A 453 12.51 -24.07 11.85
N SER A 454 11.88 -23.98 13.00
CA SER A 454 11.52 -22.69 13.54
C SER A 454 12.76 -21.85 13.78
N GLU A 455 13.84 -22.45 14.31
CA GLU A 455 15.10 -21.73 14.48
C GLU A 455 15.62 -21.20 13.17
N VAL A 456 15.71 -22.06 12.16
CA VAL A 456 16.23 -21.62 10.86
C VAL A 456 15.37 -20.48 10.33
N LEU A 457 14.05 -20.65 10.37
CA LEU A 457 13.15 -19.64 9.83
C LEU A 457 13.29 -18.34 10.59
N TYR A 458 13.30 -18.40 11.92
CA TYR A 458 13.46 -17.19 12.72
C TYR A 458 14.74 -16.47 12.38
N ALA A 459 15.84 -17.22 12.27
CA ALA A 459 17.12 -16.59 11.96
C ALA A 459 17.04 -15.86 10.62
N VAL A 460 16.63 -16.56 9.56
CA VAL A 460 16.64 -15.94 8.25
C VAL A 460 15.65 -14.79 8.20
N SER A 461 14.50 -14.93 8.86
CA SER A 461 13.49 -13.88 8.83
C SER A 461 13.97 -12.63 9.56
N SER A 462 14.64 -12.82 10.70
CA SER A 462 15.17 -11.67 11.43
C SER A 462 16.25 -11.00 10.62
N ALA A 463 17.08 -11.78 9.95
CA ALA A 463 18.15 -11.20 9.15
C ALA A 463 17.58 -10.41 7.98
N ALA A 464 16.66 -11.01 7.21
CA ALA A 464 16.10 -10.34 6.06
C ALA A 464 15.32 -9.09 6.43
N ASN A 465 14.73 -9.06 7.61
CA ASN A 465 13.93 -7.95 8.10
C ASN A 465 14.75 -7.00 8.97
N ASN A 466 16.05 -7.23 9.08
CA ASN A 466 16.94 -6.36 9.83
C ASN A 466 16.57 -6.26 11.29
N ASN A 467 15.91 -7.30 11.84
CA ASN A 467 15.58 -7.25 13.25
C ASN A 467 16.81 -7.48 14.10
N GLY A 468 17.51 -8.60 13.91
CA GLY A 468 18.68 -8.92 14.70
C GLY A 468 18.42 -9.94 15.78
N SER A 469 17.18 -10.13 16.19
CA SER A 469 16.85 -11.15 17.16
C SER A 469 17.19 -12.48 16.56
N ALA A 470 17.40 -13.46 17.42
CA ALA A 470 17.66 -14.77 16.90
C ALA A 470 17.30 -15.73 17.99
N PHE A 471 16.92 -16.93 17.59
CA PHE A 471 16.67 -17.89 18.65
C PHE A 471 17.93 -18.15 19.47
N ALA A 472 19.12 -17.87 18.97
CA ALA A 472 20.37 -18.02 19.70
C ALA A 472 20.72 -19.47 19.99
N GLY A 473 20.01 -20.42 19.43
CA GLY A 473 20.37 -21.82 19.55
C GLY A 473 21.00 -22.28 18.28
N LEU A 474 20.43 -21.83 17.18
CA LEU A 474 21.07 -22.01 15.90
C LEU A 474 22.46 -21.41 15.95
N SER A 475 23.46 -22.19 15.49
CA SER A 475 24.83 -21.71 15.47
C SER A 475 25.12 -21.14 14.10
N ALA A 476 25.24 -19.83 14.00
CA ALA A 476 25.42 -19.19 12.71
C ALA A 476 26.82 -18.68 12.50
N ASN A 477 27.76 -19.04 13.37
CA ASN A 477 29.16 -18.67 13.13
C ASN A 477 29.79 -19.38 11.94
N SER A 478 29.09 -20.29 11.28
CA SER A 478 29.68 -20.98 10.13
C SER A 478 29.80 -20.02 8.96
N PRO A 479 30.76 -20.25 8.06
CA PRO A 479 30.86 -19.34 6.90
C PRO A 479 29.62 -19.34 6.04
N PHE A 480 28.99 -20.49 5.84
CA PHE A 480 27.76 -20.52 5.05
C PHE A 480 26.69 -19.63 5.67
N TRP A 481 26.46 -19.80 6.97
CA TRP A 481 25.45 -18.99 7.63
C TRP A 481 25.82 -17.52 7.64
N ASN A 482 27.09 -17.20 7.91
CA ASN A 482 27.52 -15.82 7.88
C ASN A 482 27.23 -15.19 6.52
N CYS A 483 27.63 -15.85 5.44
CA CYS A 483 27.42 -15.29 4.12
C CYS A 483 25.93 -15.20 3.78
N LEU A 484 25.16 -16.24 4.08
CA LEU A 484 23.74 -16.21 3.77
C LEU A 484 23.05 -15.07 4.49
N LEU A 485 23.26 -14.97 5.78
CA LEU A 485 22.59 -13.91 6.54
C LEU A 485 23.10 -12.55 6.12
N ALA A 486 24.39 -12.41 5.83
CA ALA A 486 24.90 -11.13 5.37
C ALA A 486 24.21 -10.71 4.08
N PHE A 487 24.10 -11.62 3.13
CA PHE A 487 23.39 -11.32 1.90
C PHE A 487 21.95 -10.92 2.18
N CYS A 488 21.26 -11.71 3.01
CA CYS A 488 19.85 -11.43 3.30
C CYS A 488 19.70 -10.05 3.92
N MET A 489 20.54 -9.70 4.88
CA MET A 489 20.41 -8.42 5.55
C MET A 489 20.70 -7.28 4.60
N PHE A 490 21.81 -7.37 3.86
CA PHE A 490 22.17 -6.35 2.89
C PHE A 490 21.02 -6.08 1.93
N VAL A 491 20.48 -7.15 1.35
CA VAL A 491 19.41 -6.96 0.37
C VAL A 491 18.18 -6.40 1.05
N GLY A 492 17.78 -6.93 2.20
CA GLY A 492 16.63 -6.41 2.94
C GLY A 492 16.72 -4.90 3.03
N ARG A 493 17.73 -4.40 3.76
CA ARG A 493 17.80 -2.96 4.01
C ARG A 493 17.87 -2.18 2.71
N PHE A 494 18.87 -2.45 1.89
CA PHE A 494 19.15 -1.54 0.77
C PHE A 494 18.17 -1.75 -0.36
N GLY A 495 17.80 -2.99 -0.67
CA GLY A 495 16.78 -3.23 -1.65
C GLY A 495 15.40 -2.79 -1.24
N VAL A 496 15.18 -2.48 0.05
CA VAL A 496 13.92 -1.83 0.44
C VAL A 496 14.08 -0.31 0.43
N ILE A 497 15.27 0.22 0.75
CA ILE A 497 15.43 1.67 0.75
C ILE A 497 15.44 2.22 -0.67
N ILE A 498 15.98 1.47 -1.63
CA ILE A 498 16.06 1.94 -3.02
C ILE A 498 14.65 2.23 -3.54
N PRO A 499 13.73 1.26 -3.56
CA PRO A 499 12.38 1.57 -4.06
C PRO A 499 11.64 2.57 -3.21
N VAL A 500 11.94 2.68 -1.92
CA VAL A 500 11.29 3.72 -1.13
C VAL A 500 11.74 5.10 -1.57
N MET A 501 13.04 5.27 -1.82
CA MET A 501 13.50 6.54 -2.37
C MET A 501 12.91 6.78 -3.73
N ALA A 502 12.70 5.74 -4.53
CA ALA A 502 12.02 5.95 -5.81
C ALA A 502 10.58 6.40 -5.60
N ILE A 503 9.88 5.84 -4.61
CA ILE A 503 8.54 6.32 -4.29
C ILE A 503 8.58 7.81 -3.96
N ALA A 504 9.54 8.21 -3.13
CA ALA A 504 9.66 9.61 -2.77
C ALA A 504 9.91 10.47 -4.01
N GLY A 505 10.82 10.02 -4.87
CA GLY A 505 11.14 10.78 -6.06
C GLY A 505 9.95 10.95 -6.99
N SER A 506 9.14 9.90 -7.13
CA SER A 506 7.95 9.95 -7.95
C SER A 506 6.83 10.76 -7.30
N LEU A 507 6.82 10.86 -5.98
CA LEU A 507 5.80 11.59 -5.24
C LEU A 507 6.07 13.07 -5.11
N VAL A 508 7.34 13.52 -5.08
CA VAL A 508 7.58 14.96 -4.98
C VAL A 508 6.98 15.65 -6.19
N SER A 509 7.17 15.09 -7.37
CA SER A 509 6.73 15.71 -8.61
C SER A 509 5.22 15.92 -8.64
N LYS A 510 4.44 15.09 -7.96
CA LYS A 510 2.99 15.22 -7.99
C LYS A 510 2.49 16.36 -7.11
N LYS A 511 1.25 16.77 -7.37
CA LYS A 511 0.54 17.79 -6.61
C LYS A 511 -0.50 17.12 -5.72
N SER A 512 -0.98 17.84 -4.72
CA SER A 512 -1.94 17.31 -3.76
C SER A 512 -3.29 17.99 -3.88
N GLN A 513 -4.33 17.19 -4.07
CA GLN A 513 -5.66 17.73 -4.22
C GLN A 513 -6.25 18.07 -2.85
N ALA A 514 -7.27 18.92 -2.85
CA ALA A 514 -7.89 19.32 -1.60
C ALA A 514 -8.88 18.25 -1.16
N ALA A 515 -9.47 18.43 0.03
CA ALA A 515 -10.38 17.45 0.60
C ALA A 515 -11.76 17.64 -0.01
N SER A 516 -12.03 16.89 -1.07
CA SER A 516 -13.32 16.88 -1.73
C SER A 516 -14.27 15.95 -0.98
N SER A 517 -15.55 16.00 -1.36
CA SER A 517 -16.57 15.20 -0.72
C SER A 517 -16.26 13.70 -0.82
N GLY A 518 -15.77 13.27 -1.98
CA GLY A 518 -15.60 11.85 -2.23
C GLY A 518 -14.30 11.28 -1.70
N THR A 519 -13.31 12.13 -1.41
CA THR A 519 -12.02 11.69 -0.91
C THR A 519 -12.18 10.86 0.35
N LEU A 520 -11.79 9.60 0.26
CA LEU A 520 -11.87 8.68 1.38
C LEU A 520 -11.02 9.18 2.53
N PRO A 521 -11.60 9.48 3.70
CA PRO A 521 -10.76 9.91 4.83
C PRO A 521 -9.94 8.73 5.31
N THR A 522 -8.63 8.89 5.25
CA THR A 522 -7.71 7.84 5.68
C THR A 522 -7.52 7.81 7.18
N HIS A 523 -8.08 8.76 7.92
CA HIS A 523 -8.00 8.83 9.37
C HIS A 523 -9.31 8.36 9.97
N GLY A 524 -9.24 7.48 10.95
CA GLY A 524 -10.42 6.99 11.62
C GLY A 524 -10.40 5.49 11.77
N PRO A 525 -11.32 4.94 12.57
CA PRO A 525 -11.30 3.49 12.79
C PRO A 525 -11.53 2.67 11.54
N LEU A 526 -12.25 3.20 10.57
CA LEU A 526 -12.43 2.46 9.32
C LEU A 526 -11.11 2.18 8.64
N PHE A 527 -10.34 3.22 8.35
CA PHE A 527 -9.06 3.03 7.69
C PHE A 527 -8.03 2.40 8.61
N VAL A 528 -8.12 2.65 9.91
CA VAL A 528 -7.25 1.99 10.87
C VAL A 528 -7.42 0.48 10.75
N GLY A 529 -8.66 0.02 10.83
CA GLY A 529 -8.92 -1.39 10.70
C GLY A 529 -8.58 -1.92 9.32
N LEU A 530 -8.77 -1.11 8.29
CA LEU A 530 -8.40 -1.54 6.95
C LEU A 530 -6.89 -1.77 6.86
N LEU A 531 -6.10 -0.84 7.40
CA LEU A 531 -4.66 -1.00 7.40
C LEU A 531 -4.24 -2.22 8.22
N ILE A 532 -4.86 -2.41 9.38
CA ILE A 532 -4.56 -3.58 10.22
C ILE A 532 -4.85 -4.85 9.44
N GLY A 533 -6.01 -4.93 8.83
CA GLY A 533 -6.37 -6.12 8.08
C GLY A 533 -5.49 -6.33 6.86
N THR A 534 -5.08 -5.24 6.21
CA THR A 534 -4.19 -5.37 5.06
C THR A 534 -2.88 -6.00 5.48
N VAL A 535 -2.23 -5.41 6.47
CA VAL A 535 -0.94 -5.93 6.93
C VAL A 535 -1.11 -7.33 7.48
N LEU A 536 -2.23 -7.63 8.12
CA LEU A 536 -2.38 -8.92 8.80
C LEU A 536 -2.72 -10.01 7.79
N LEU A 537 -3.57 -9.72 6.81
CA LEU A 537 -3.93 -10.72 5.80
C LEU A 537 -2.72 -11.03 4.95
N VAL A 538 -2.07 -9.99 4.41
CA VAL A 538 -0.87 -10.20 3.59
C VAL A 538 0.22 -10.89 4.40
N GLY A 539 0.42 -10.47 5.66
CA GLY A 539 1.39 -11.11 6.53
C GLY A 539 1.06 -12.56 6.83
N ALA A 540 -0.20 -12.88 7.10
CA ALA A 540 -0.58 -14.25 7.39
C ALA A 540 -0.44 -15.09 6.13
N LEU A 541 -1.11 -14.71 5.06
CA LEU A 541 -1.12 -15.48 3.82
C LEU A 541 0.27 -15.70 3.23
N THR A 542 1.24 -14.88 3.60
CA THR A 542 2.59 -15.09 3.09
C THR A 542 3.34 -16.15 3.90
N PHE A 543 3.17 -16.18 5.22
CA PHE A 543 3.99 -17.03 6.09
C PHE A 543 3.23 -18.10 6.87
N ILE A 544 1.93 -18.26 6.66
CA ILE A 544 1.20 -19.37 7.28
C ILE A 544 1.83 -20.71 6.96
N PRO A 545 2.13 -21.06 5.70
CA PRO A 545 2.69 -22.39 5.47
C PRO A 545 4.06 -22.56 6.11
N ALA A 546 4.86 -21.50 6.13
CA ALA A 546 6.15 -21.57 6.82
C ALA A 546 5.96 -21.70 8.32
N LEU A 547 5.05 -20.93 8.90
CA LEU A 547 4.80 -21.04 10.34
C LEU A 547 4.12 -22.34 10.71
N ALA A 548 3.40 -22.95 9.79
CA ALA A 548 2.68 -24.19 10.10
C ALA A 548 3.63 -25.30 10.46
N LEU A 549 4.71 -25.42 9.71
CA LEU A 549 5.70 -26.46 9.93
C LEU A 549 6.68 -26.13 11.03
N GLY A 550 6.68 -24.91 11.55
CA GLY A 550 7.59 -24.53 12.60
C GLY A 550 6.89 -24.39 13.93
N PRO A 551 6.53 -23.18 14.33
CA PRO A 551 5.94 -23.01 15.68
C PRO A 551 4.59 -23.67 15.86
N VAL A 552 3.71 -23.61 14.86
CA VAL A 552 2.39 -24.23 15.01
C VAL A 552 2.53 -25.73 15.19
N ALA A 553 3.39 -26.35 14.40
CA ALA A 553 3.62 -27.78 14.55
C ALA A 553 4.12 -28.12 15.94
N GLU A 554 4.98 -27.27 16.51
CA GLU A 554 5.51 -27.50 17.85
C GLU A 554 4.43 -27.29 18.91
N TYR A 555 3.50 -26.37 18.67
CA TYR A 555 2.39 -26.16 19.59
C TYR A 555 1.43 -27.33 19.59
N LEU A 556 1.03 -27.79 18.41
CA LEU A 556 0.10 -28.90 18.35
C LEU A 556 0.75 -30.23 18.65
N SER A 557 2.06 -30.29 18.83
CA SER A 557 2.74 -31.55 19.15
C SER A 557 2.61 -31.86 20.61
N GLU B 10 -27.32 -15.66 -24.15
CA GLU B 10 -28.13 -16.54 -24.98
C GLU B 10 -27.38 -17.86 -25.20
N PRO B 11 -28.10 -18.93 -25.52
CA PRO B 11 -27.41 -20.22 -25.78
C PRO B 11 -26.33 -20.15 -26.84
N THR B 12 -26.58 -19.45 -27.94
CA THR B 12 -25.58 -19.35 -29.01
C THR B 12 -24.29 -18.69 -28.51
N LEU B 13 -24.41 -17.64 -27.73
CA LEU B 13 -23.24 -16.91 -27.27
C LEU B 13 -22.50 -17.66 -26.17
N VAL B 14 -23.18 -18.54 -25.44
CA VAL B 14 -22.52 -19.36 -24.44
C VAL B 14 -21.72 -20.46 -25.12
N VAL B 15 -22.32 -21.15 -26.09
CA VAL B 15 -21.57 -22.22 -26.75
C VAL B 15 -20.43 -21.61 -27.53
N GLN B 16 -20.62 -20.40 -28.05
CA GLN B 16 -19.59 -19.80 -28.90
C GLN B 16 -18.44 -19.39 -28.01
N ALA B 17 -18.74 -18.81 -26.85
CA ALA B 17 -17.72 -18.38 -25.91
C ALA B 17 -17.00 -19.59 -25.34
N LEU B 18 -17.70 -20.71 -25.14
CA LEU B 18 -17.04 -21.92 -24.68
C LEU B 18 -16.04 -22.42 -25.73
N LYS B 19 -16.44 -22.38 -26.99
CA LYS B 19 -15.56 -22.77 -28.09
C LYS B 19 -14.32 -21.88 -28.14
N GLU B 20 -14.53 -20.58 -27.92
CA GLU B 20 -13.41 -19.64 -27.90
C GLU B 20 -12.53 -19.88 -26.68
N ALA B 21 -13.13 -20.24 -25.55
CA ALA B 21 -12.34 -20.54 -24.37
C ALA B 21 -11.45 -21.75 -24.63
N VAL B 22 -11.99 -22.77 -25.29
CA VAL B 22 -11.17 -23.93 -25.65
C VAL B 22 -10.03 -23.47 -26.55
N LYS B 23 -10.31 -22.53 -27.45
CA LYS B 23 -9.33 -22.09 -28.42
C LYS B 23 -8.28 -21.17 -27.80
N LYS B 24 -8.56 -20.58 -26.65
CA LYS B 24 -7.62 -19.71 -25.93
C LYS B 24 -6.69 -20.48 -25.00
N LEU B 25 -6.76 -21.80 -24.96
CA LEU B 25 -5.92 -22.58 -24.06
C LEU B 25 -4.47 -22.57 -24.50
N ASN B 26 -4.16 -22.07 -25.70
CA ASN B 26 -2.79 -22.00 -26.17
C ASN B 26 -1.95 -21.16 -25.21
N PRO B 27 -0.68 -21.51 -24.99
CA PRO B 27 0.12 -20.68 -24.10
C PRO B 27 0.36 -19.29 -24.64
N GLN B 28 0.41 -19.11 -25.95
CA GLN B 28 0.62 -17.77 -26.49
C GLN B 28 -0.51 -16.85 -26.04
N ALA B 29 -1.74 -17.36 -26.06
CA ALA B 29 -2.86 -16.56 -25.59
C ALA B 29 -2.76 -16.28 -24.11
N GLN B 30 -2.24 -17.23 -23.33
CA GLN B 30 -2.14 -17.07 -21.89
C GLN B 30 -0.87 -16.34 -21.45
N TRP B 31 0.09 -16.12 -22.35
CA TRP B 31 1.33 -15.43 -22.00
C TRP B 31 1.08 -14.04 -21.46
N ARG B 32 0.02 -13.39 -21.92
CA ARG B 32 -0.29 -12.01 -21.58
C ARG B 32 -0.90 -11.84 -20.19
N ASN B 33 -1.54 -12.87 -19.65
CA ASN B 33 -2.10 -12.84 -18.30
C ASN B 33 -1.19 -13.69 -17.41
N PRO B 34 -0.30 -13.11 -16.60
CA PRO B 34 0.57 -13.96 -15.77
C PRO B 34 -0.15 -14.75 -14.70
N VAL B 35 -1.21 -14.19 -14.11
CA VAL B 35 -1.96 -14.89 -13.07
C VAL B 35 -2.39 -16.26 -13.58
N MET B 36 -3.12 -16.27 -14.70
CA MET B 36 -3.58 -17.53 -15.27
C MET B 36 -2.47 -18.27 -16.00
N PHE B 37 -1.36 -17.62 -16.34
CA PHE B 37 -0.27 -18.37 -16.96
C PHE B 37 0.39 -19.28 -15.93
N ILE B 38 0.53 -18.82 -14.70
CA ILE B 38 1.04 -19.70 -13.66
C ILE B 38 0.10 -20.88 -13.48
N VAL B 39 -1.20 -20.64 -13.54
CA VAL B 39 -2.15 -21.75 -13.44
C VAL B 39 -1.99 -22.68 -14.62
N TRP B 40 -1.78 -22.13 -15.81
CA TRP B 40 -1.58 -22.98 -16.98
C TRP B 40 -0.37 -23.88 -16.81
N ILE B 41 0.74 -23.33 -16.33
CA ILE B 41 1.94 -24.15 -16.18
C ILE B 41 1.80 -25.14 -15.05
N GLY B 42 1.17 -24.74 -13.95
CA GLY B 42 0.89 -25.69 -12.89
C GLY B 42 0.01 -26.82 -13.38
N SER B 43 -1.02 -26.50 -14.12
CA SER B 43 -1.89 -27.52 -14.69
C SER B 43 -1.10 -28.42 -15.63
N LEU B 44 -0.19 -27.85 -16.40
CA LEU B 44 0.59 -28.63 -17.34
C LEU B 44 1.49 -29.63 -16.62
N LEU B 45 2.22 -29.18 -15.60
CA LEU B 45 3.11 -30.10 -14.92
C LEU B 45 2.31 -31.10 -14.10
N THR B 46 1.08 -30.79 -13.69
CA THR B 46 0.33 -31.79 -12.93
C THR B 46 -0.25 -32.82 -13.88
N THR B 47 -0.69 -32.42 -15.08
CA THR B 47 -1.12 -33.45 -16.03
C THR B 47 0.09 -34.25 -16.53
N CYS B 48 1.26 -33.62 -16.64
CA CYS B 48 2.47 -34.39 -16.98
C CYS B 48 2.79 -35.39 -15.89
N ILE B 49 2.73 -34.98 -14.62
CA ILE B 49 2.91 -35.91 -13.51
C ILE B 49 1.87 -37.02 -13.58
N SER B 50 0.64 -36.67 -13.94
CA SER B 50 -0.42 -37.67 -13.98
C SER B 50 -0.14 -38.72 -15.04
N ILE B 51 0.19 -38.30 -16.26
CA ILE B 51 0.45 -39.26 -17.32
C ILE B 51 1.69 -40.08 -17.01
N ALA B 52 2.73 -39.44 -16.47
CA ALA B 52 3.95 -40.18 -16.15
C ALA B 52 3.71 -41.21 -15.06
N MET B 53 3.01 -40.82 -14.00
CA MET B 53 2.81 -41.72 -12.87
C MET B 53 1.80 -42.81 -13.21
N ALA B 54 0.83 -42.52 -14.07
CA ALA B 54 -0.06 -43.55 -14.57
C ALA B 54 0.69 -44.55 -15.43
N SER B 55 1.66 -44.08 -16.22
CA SER B 55 2.45 -45.01 -17.02
C SER B 55 3.31 -45.90 -16.13
N GLY B 56 3.86 -45.35 -15.04
CA GLY B 56 4.69 -46.10 -14.12
C GLY B 56 6.08 -45.52 -13.89
N ALA B 57 6.22 -44.23 -14.20
CA ALA B 57 7.48 -43.51 -14.07
C ALA B 57 7.60 -42.75 -12.74
N MET B 58 6.60 -42.81 -11.88
CA MET B 58 6.62 -42.13 -10.60
C MET B 58 5.76 -42.90 -9.62
N PRO B 59 5.98 -42.73 -8.32
CA PRO B 59 5.13 -43.38 -7.33
C PRO B 59 3.93 -42.52 -6.98
N GLY B 60 3.04 -43.09 -6.17
CA GLY B 60 1.85 -42.41 -5.71
C GLY B 60 0.64 -42.66 -6.59
N ASN B 61 -0.51 -42.21 -6.10
CA ASN B 61 -1.77 -42.38 -6.81
C ASN B 61 -1.82 -41.51 -8.06
N ALA B 62 -2.22 -42.11 -9.17
CA ALA B 62 -2.27 -41.39 -10.44
C ALA B 62 -3.60 -40.70 -10.66
N LEU B 63 -4.71 -41.33 -10.28
CA LEU B 63 -6.01 -40.72 -10.50
C LEU B 63 -6.18 -39.45 -9.72
N PHE B 64 -5.56 -39.33 -8.56
CA PHE B 64 -5.65 -38.09 -7.81
C PHE B 64 -4.99 -36.95 -8.57
N SER B 65 -3.80 -37.19 -9.11
CA SER B 65 -3.13 -36.15 -9.89
C SER B 65 -3.90 -35.85 -11.16
N ALA B 66 -4.47 -36.87 -11.78
CA ALA B 66 -5.29 -36.64 -12.96
C ALA B 66 -6.48 -35.76 -12.62
N ALA B 67 -7.15 -36.02 -11.50
CA ALA B 67 -8.29 -35.21 -11.10
C ALA B 67 -7.86 -33.78 -10.80
N ILE B 68 -6.77 -33.62 -10.06
CA ILE B 68 -6.31 -32.27 -9.70
C ILE B 68 -5.94 -31.50 -10.95
N SER B 69 -5.16 -32.12 -11.83
CA SER B 69 -4.75 -31.45 -13.06
C SER B 69 -5.95 -31.17 -13.96
N GLY B 70 -6.92 -32.08 -14.00
CA GLY B 70 -8.10 -31.83 -14.79
C GLY B 70 -8.85 -30.61 -14.28
N TRP B 71 -9.03 -30.52 -12.97
CA TRP B 71 -9.73 -29.37 -12.43
C TRP B 71 -8.92 -28.10 -12.60
N LEU B 72 -7.59 -28.18 -12.62
CA LEU B 72 -6.79 -27.01 -12.96
C LEU B 72 -6.99 -26.58 -14.42
N TRP B 73 -7.07 -27.55 -15.33
CA TRP B 73 -7.43 -27.22 -16.71
C TRP B 73 -8.79 -26.57 -16.77
N ILE B 74 -9.74 -27.04 -15.96
CA ILE B 74 -11.04 -26.40 -15.92
C ILE B 74 -10.92 -25.00 -15.35
N THR B 75 -9.98 -24.75 -14.45
CA THR B 75 -9.78 -23.40 -13.95
C THR B 75 -9.39 -22.46 -15.08
N VAL B 76 -8.34 -22.82 -15.83
CA VAL B 76 -7.95 -21.96 -16.95
C VAL B 76 -9.07 -21.87 -17.97
N LEU B 77 -9.81 -22.96 -18.17
CA LEU B 77 -10.90 -22.93 -19.13
C LEU B 77 -11.98 -21.97 -18.70
N PHE B 78 -12.32 -21.93 -17.41
CA PHE B 78 -13.34 -21.01 -16.92
C PHE B 78 -12.87 -19.57 -16.96
N ALA B 79 -11.59 -19.33 -16.69
CA ALA B 79 -11.06 -17.98 -16.84
C ALA B 79 -11.22 -17.52 -18.29
N ASN B 80 -10.75 -18.34 -19.23
CA ASN B 80 -10.91 -17.99 -20.63
C ASN B 80 -12.37 -17.94 -21.03
N PHE B 81 -13.24 -18.70 -20.36
CA PHE B 81 -14.66 -18.63 -20.67
C PHE B 81 -15.25 -17.30 -20.27
N ALA B 82 -14.86 -16.78 -19.11
CA ALA B 82 -15.33 -15.46 -18.71
C ALA B 82 -14.87 -14.41 -19.73
N GLU B 83 -13.58 -14.44 -20.04
CA GLU B 83 -13.00 -13.50 -21.01
C GLU B 83 -13.71 -13.60 -22.36
N ALA B 84 -13.93 -14.82 -22.82
CA ALA B 84 -14.54 -15.04 -24.13
C ALA B 84 -16.00 -14.64 -24.14
N LEU B 85 -16.73 -14.94 -23.07
CA LEU B 85 -18.14 -14.56 -23.02
C LEU B 85 -18.29 -13.05 -23.08
N ALA B 86 -17.47 -12.33 -22.32
CA ALA B 86 -17.50 -10.87 -22.39
C ALA B 86 -17.21 -10.39 -23.81
N GLU B 87 -16.10 -10.86 -24.41
CA GLU B 87 -15.77 -10.43 -25.75
C GLU B 87 -16.85 -10.84 -26.75
N GLY B 88 -17.54 -11.94 -26.52
CA GLY B 88 -18.57 -12.38 -27.45
C GLY B 88 -19.77 -11.46 -27.39
N ARG B 89 -20.13 -11.02 -26.19
CA ARG B 89 -21.28 -10.15 -25.98
C ARG B 89 -21.00 -8.75 -26.49
N SER B 90 -19.73 -8.36 -26.52
CA SER B 90 -19.30 -7.11 -27.15
C SER B 90 -19.30 -7.25 -28.68
N LYS B 91 -18.71 -8.33 -29.18
CA LYS B 91 -18.59 -8.59 -30.61
C LYS B 91 -19.96 -8.66 -31.26
N ALA B 92 -20.96 -9.18 -30.55
CA ALA B 92 -22.32 -9.25 -31.10
C ALA B 92 -22.87 -7.84 -31.31
N GLN B 93 -22.72 -6.96 -30.32
CA GLN B 93 -23.13 -5.57 -30.51
C GLN B 93 -22.40 -4.96 -31.70
N ALA B 94 -21.09 -5.25 -31.83
CA ALA B 94 -20.36 -4.69 -32.97
C ALA B 94 -20.94 -5.22 -34.27
N ASN B 95 -21.39 -6.48 -34.27
CA ASN B 95 -21.96 -7.07 -35.47
C ASN B 95 -23.19 -6.27 -35.86
N SER B 96 -24.09 -6.03 -34.89
CA SER B 96 -25.32 -5.31 -35.18
C SER B 96 -25.00 -3.94 -35.78
N LEU B 97 -24.08 -3.19 -35.13
CA LEU B 97 -23.73 -1.87 -35.64
C LEU B 97 -23.12 -1.96 -37.05
N LYS B 98 -22.30 -2.98 -37.30
CA LYS B 98 -21.69 -3.15 -38.62
C LYS B 98 -22.77 -3.41 -39.65
N GLY B 99 -23.78 -4.20 -39.29
CA GLY B 99 -24.90 -4.41 -40.20
C GLY B 99 -25.61 -3.10 -40.51
N VAL B 100 -25.74 -2.23 -39.50
CA VAL B 100 -26.38 -0.94 -39.75
C VAL B 100 -25.50 -0.07 -40.66
N LYS B 101 -24.18 -0.26 -40.64
CA LYS B 101 -23.28 0.57 -41.43
C LYS B 101 -23.53 0.46 -42.94
N LYS B 102 -24.12 -0.64 -43.41
CA LYS B 102 -24.29 -0.84 -44.84
C LYS B 102 -25.16 0.24 -45.44
N THR B 103 -24.72 0.79 -46.57
CA THR B 103 -25.42 1.82 -47.32
C THR B 103 -25.77 1.29 -48.70
N ALA B 104 -26.93 1.71 -49.22
CA ALA B 104 -27.39 1.24 -50.51
C ALA B 104 -26.55 1.82 -51.64
N PHE B 105 -26.58 3.14 -51.78
CA PHE B 105 -25.85 3.83 -52.85
C PHE B 105 -25.72 5.30 -52.44
N ALA B 106 -25.04 6.07 -53.29
CA ALA B 106 -24.88 7.50 -53.08
C ALA B 106 -25.07 8.23 -54.40
N ARG B 107 -25.45 9.50 -54.29
CA ARG B 107 -25.66 10.38 -55.44
C ARG B 107 -24.86 11.65 -55.22
N LYS B 108 -23.87 11.90 -56.08
CA LYS B 108 -23.04 13.10 -56.00
C LYS B 108 -23.42 14.07 -57.10
N LEU B 109 -23.41 15.36 -56.77
CA LEU B 109 -23.72 16.43 -57.69
C LEU B 109 -22.44 16.96 -58.33
N ARG B 110 -22.62 17.72 -59.42
CA ARG B 110 -21.49 18.30 -60.13
C ARG B 110 -21.06 19.62 -59.50
N GLU B 111 -22.01 20.52 -59.23
CA GLU B 111 -21.73 21.82 -58.62
C GLU B 111 -22.17 21.82 -57.16
N PRO B 112 -21.64 22.72 -56.33
CA PRO B 112 -22.07 22.75 -54.93
C PRO B 112 -23.50 23.23 -54.75
N LYS B 113 -24.01 24.06 -55.65
CA LYS B 113 -25.36 24.59 -55.53
C LYS B 113 -26.39 23.50 -55.73
N TYR B 114 -27.51 23.63 -55.02
CA TYR B 114 -28.59 22.66 -55.13
C TYR B 114 -29.28 22.77 -56.48
N GLY B 115 -29.73 21.63 -57.00
CA GLY B 115 -30.42 21.55 -58.27
C GLY B 115 -29.56 21.13 -59.45
N ALA B 116 -28.29 20.81 -59.22
CA ALA B 116 -27.43 20.37 -60.31
C ALA B 116 -27.73 18.92 -60.66
N ALA B 117 -27.02 18.40 -61.65
CA ALA B 117 -27.19 17.02 -62.07
C ALA B 117 -26.45 16.09 -61.12
N ALA B 118 -27.14 15.03 -60.68
CA ALA B 118 -26.60 14.05 -59.76
C ALA B 118 -26.52 12.70 -60.46
N ASP B 119 -25.43 11.97 -60.21
CA ASP B 119 -25.22 10.65 -60.80
C ASP B 119 -25.03 9.61 -59.71
N LYS B 120 -25.48 8.40 -59.99
CA LYS B 120 -25.38 7.29 -59.05
C LYS B 120 -23.93 6.83 -58.97
N VAL B 121 -23.37 6.83 -57.75
CA VAL B 121 -21.99 6.40 -57.51
C VAL B 121 -21.99 5.48 -56.29
N PRO B 122 -21.16 4.43 -56.26
CA PRO B 122 -21.12 3.58 -55.05
C PRO B 122 -20.74 4.38 -53.82
N ALA B 123 -21.34 4.01 -52.69
CA ALA B 123 -21.07 4.72 -51.44
C ALA B 123 -19.61 4.56 -51.03
N ASP B 124 -19.03 3.39 -51.30
CA ASP B 124 -17.64 3.17 -50.92
C ASP B 124 -16.69 4.07 -51.69
N GLN B 125 -17.06 4.47 -52.91
CA GLN B 125 -16.19 5.33 -53.71
C GLN B 125 -16.12 6.76 -53.19
N LEU B 126 -17.00 7.16 -52.29
CA LEU B 126 -16.98 8.52 -51.76
C LEU B 126 -15.66 8.78 -51.04
N ARG B 127 -15.14 10.00 -51.18
CA ARG B 127 -13.89 10.40 -50.56
C ARG B 127 -14.10 11.76 -49.91
N LYS B 128 -13.08 12.22 -49.18
CA LYS B 128 -13.17 13.49 -48.49
C LYS B 128 -13.20 14.65 -49.48
N GLY B 129 -14.18 15.54 -49.30
CA GLY B 129 -14.37 16.71 -50.13
C GLY B 129 -15.53 16.61 -51.09
N ASP B 130 -16.08 15.42 -51.31
CA ASP B 130 -17.20 15.29 -52.22
C ASP B 130 -18.47 15.89 -51.61
N ILE B 131 -19.39 16.30 -52.48
CA ILE B 131 -20.67 16.88 -52.10
C ILE B 131 -21.76 15.96 -52.59
N VAL B 132 -22.54 15.41 -51.65
CA VAL B 132 -23.60 14.45 -51.96
C VAL B 132 -24.95 15.05 -51.55
N LEU B 133 -25.97 14.71 -52.33
CA LEU B 133 -27.34 15.11 -52.08
C LEU B 133 -28.12 13.91 -51.57
N VAL B 134 -29.04 14.17 -50.65
CA VAL B 134 -29.89 13.13 -50.08
C VAL B 134 -31.31 13.66 -50.05
N GLU B 135 -32.19 13.05 -50.83
CA GLU B 135 -33.59 13.43 -50.90
C GLU B 135 -34.41 12.55 -49.95
N ALA B 136 -35.69 12.88 -49.83
CA ALA B 136 -36.59 12.14 -48.94
C ALA B 136 -36.67 10.69 -49.37
N GLY B 137 -36.38 9.79 -48.42
CA GLY B 137 -36.42 8.36 -48.68
C GLY B 137 -35.06 7.71 -48.65
N ASP B 138 -34.05 8.40 -49.17
CA ASP B 138 -32.70 7.88 -49.21
C ASP B 138 -32.04 8.04 -47.84
N ILE B 139 -30.91 7.37 -47.66
CA ILE B 139 -30.16 7.40 -46.40
C ILE B 139 -28.86 8.16 -46.63
N ILE B 140 -28.32 8.67 -45.53
CA ILE B 140 -27.06 9.43 -45.60
C ILE B 140 -25.93 8.48 -45.99
N PRO B 141 -25.12 8.80 -47.02
CA PRO B 141 -24.06 7.86 -47.41
C PRO B 141 -22.87 7.86 -46.47
N CYS B 142 -22.49 9.04 -45.98
CA CYS B 142 -21.32 9.18 -45.12
C CYS B 142 -21.54 10.35 -44.19
N ASP B 143 -20.65 10.47 -43.20
CA ASP B 143 -20.71 11.60 -42.29
C ASP B 143 -20.21 12.86 -43.00
N GLY B 144 -20.34 13.98 -42.31
CA GLY B 144 -19.91 15.26 -42.84
C GLY B 144 -20.75 16.37 -42.24
N GLU B 145 -20.65 17.55 -42.86
CA GLU B 145 -21.40 18.73 -42.45
C GLU B 145 -22.33 19.18 -43.56
N VAL B 146 -23.50 19.68 -43.18
CA VAL B 146 -24.48 20.14 -44.16
C VAL B 146 -24.08 21.53 -44.63
N ILE B 147 -24.11 21.73 -45.95
CA ILE B 147 -23.75 23.01 -46.56
C ILE B 147 -24.94 23.77 -47.11
N GLU B 148 -26.03 23.08 -47.50
CA GLU B 148 -27.19 23.76 -48.04
C GLU B 148 -28.45 22.96 -47.72
N GLY B 149 -29.51 23.67 -47.38
CA GLY B 149 -30.78 23.05 -47.06
C GLY B 149 -30.96 22.79 -45.57
N GLY B 150 -32.21 22.53 -45.21
CA GLY B 150 -32.56 22.21 -43.84
C GLY B 150 -33.70 21.21 -43.78
N ALA B 151 -33.58 20.18 -42.95
CA ALA B 151 -34.60 19.15 -42.89
C ALA B 151 -34.45 18.36 -41.60
N SER B 152 -35.46 17.54 -41.30
CA SER B 152 -35.47 16.72 -40.10
C SER B 152 -35.12 15.29 -40.48
N VAL B 153 -33.98 14.81 -39.97
CA VAL B 153 -33.51 13.46 -40.23
C VAL B 153 -33.83 12.58 -39.04
N ASP B 154 -33.88 11.27 -39.27
CA ASP B 154 -34.18 10.29 -38.24
C ASP B 154 -32.89 9.54 -37.91
N GLU B 155 -32.38 9.75 -36.69
CA GLU B 155 -31.16 9.11 -36.24
C GLU B 155 -31.41 7.79 -35.50
N SER B 156 -32.50 7.09 -35.82
CA SER B 156 -32.79 5.85 -35.12
C SER B 156 -31.76 4.77 -35.44
N ALA B 157 -31.11 4.86 -36.61
CA ALA B 157 -30.15 3.85 -36.99
C ALA B 157 -28.90 3.90 -36.13
N ILE B 158 -28.57 5.05 -35.56
CA ILE B 158 -27.37 5.20 -34.74
C ILE B 158 -27.69 5.34 -33.26
N THR B 159 -28.89 5.78 -32.89
CA THR B 159 -29.24 6.00 -31.48
C THR B 159 -30.31 5.06 -30.98
N GLY B 160 -31.01 4.36 -31.86
CA GLY B 160 -32.07 3.48 -31.42
C GLY B 160 -33.32 4.18 -30.96
N GLU B 161 -33.44 5.48 -31.21
CA GLU B 161 -34.62 6.25 -30.82
C GLU B 161 -35.31 6.74 -32.08
N ALA B 162 -36.62 6.50 -32.18
CA ALA B 162 -37.39 6.90 -33.34
C ALA B 162 -37.73 8.39 -33.35
N ALA B 163 -37.27 9.16 -32.37
CA ALA B 163 -37.57 10.58 -32.36
C ALA B 163 -36.78 11.30 -33.46
N PRO B 164 -37.40 12.22 -34.21
CA PRO B 164 -36.66 12.92 -35.26
C PRO B 164 -35.82 14.04 -34.65
N VAL B 165 -34.90 14.56 -35.46
CA VAL B 165 -34.05 15.68 -35.05
C VAL B 165 -33.78 16.56 -36.26
N ILE B 166 -33.86 17.86 -36.04
CA ILE B 166 -33.67 18.83 -37.11
C ILE B 166 -32.18 18.96 -37.46
N ARG B 167 -31.92 19.27 -38.73
CA ARG B 167 -30.57 19.39 -39.25
C ARG B 167 -30.58 20.50 -40.29
N GLU B 168 -29.97 21.64 -39.96
CA GLU B 168 -29.92 22.80 -40.84
C GLU B 168 -28.47 23.12 -41.17
N SER B 169 -28.27 23.83 -42.27
CA SER B 169 -26.94 24.18 -42.75
C SER B 169 -26.45 25.47 -42.10
N GLY B 170 -25.13 25.60 -42.04
CA GLY B 170 -24.52 26.79 -41.48
C GLY B 170 -24.90 27.04 -40.04
N GLY B 171 -24.66 26.07 -39.17
CA GLY B 171 -25.01 26.23 -37.78
C GLY B 171 -24.41 25.13 -36.94
N ASP B 172 -24.83 25.10 -35.68
CA ASP B 172 -24.36 24.08 -34.75
C ASP B 172 -25.03 22.75 -35.00
N PHE B 173 -26.15 22.73 -35.74
CA PHE B 173 -26.91 21.53 -36.05
C PHE B 173 -26.68 21.06 -37.47
N ALA B 174 -25.54 21.40 -38.06
CA ALA B 174 -25.22 20.98 -39.42
C ALA B 174 -24.39 19.72 -39.47
N SER B 175 -24.38 18.92 -38.41
CA SER B 175 -23.62 17.69 -38.35
C SER B 175 -24.52 16.52 -38.68
N VAL B 176 -24.20 15.77 -39.72
CA VAL B 176 -24.96 14.60 -40.14
C VAL B 176 -24.12 13.35 -39.89
N THR B 177 -24.78 12.27 -39.49
CA THR B 177 -24.15 10.99 -39.24
C THR B 177 -24.57 10.00 -40.32
N GLY B 178 -23.60 9.26 -40.83
CA GLY B 178 -23.88 8.28 -41.87
C GLY B 178 -24.75 7.16 -41.35
N GLY B 179 -25.69 6.71 -42.19
CA GLY B 179 -26.61 5.65 -41.86
C GLY B 179 -28.00 6.11 -41.51
N THR B 180 -28.17 7.37 -41.12
CA THR B 180 -29.48 7.88 -40.79
C THR B 180 -30.36 7.92 -42.03
N ARG B 181 -31.65 8.16 -41.81
CA ARG B 181 -32.64 8.20 -42.88
C ARG B 181 -33.40 9.50 -42.83
N ILE B 182 -33.45 10.20 -43.97
CA ILE B 182 -34.15 11.47 -44.11
C ILE B 182 -35.47 11.21 -44.83
N LEU B 183 -36.56 11.80 -44.32
CA LEU B 183 -37.87 11.59 -44.91
C LEU B 183 -38.72 12.84 -45.06
N SER B 184 -38.34 13.97 -44.44
CA SER B 184 -39.17 15.17 -44.49
C SER B 184 -38.81 16.10 -45.63
N ASP B 185 -37.56 16.15 -46.05
CA ASP B 185 -37.13 17.02 -47.15
C ASP B 185 -35.74 16.54 -47.59
N TRP B 186 -35.07 17.35 -48.42
CA TRP B 186 -33.75 17.02 -48.93
C TRP B 186 -32.69 17.84 -48.23
N LEU B 187 -31.44 17.40 -48.38
CA LEU B 187 -30.29 18.07 -47.77
C LEU B 187 -29.07 17.84 -48.62
N VAL B 188 -28.22 18.86 -48.72
CA VAL B 188 -26.95 18.78 -49.45
C VAL B 188 -25.84 18.83 -48.42
N ILE B 189 -25.05 17.76 -48.34
CA ILE B 189 -23.99 17.64 -47.34
C ILE B 189 -22.67 17.41 -48.05
N GLU B 190 -21.58 17.63 -47.31
CA GLU B 190 -20.25 17.41 -47.85
C GLU B 190 -19.53 16.48 -46.88
N CYS B 191 -19.02 15.37 -47.41
CA CYS B 191 -18.34 14.37 -46.59
C CYS B 191 -16.91 14.81 -46.34
N SER B 192 -16.62 15.22 -45.10
CA SER B 192 -15.29 15.63 -44.68
C SER B 192 -14.51 14.51 -43.99
N VAL B 193 -14.97 13.26 -44.12
CA VAL B 193 -14.34 12.11 -43.50
C VAL B 193 -13.95 11.12 -44.60
N ASN B 194 -12.86 10.37 -44.35
CA ASN B 194 -12.37 9.37 -45.28
C ASN B 194 -12.87 7.98 -44.89
N PRO B 195 -12.83 7.02 -45.81
CA PRO B 195 -13.29 5.66 -45.47
C PRO B 195 -12.45 5.06 -44.35
N GLY B 196 -13.13 4.61 -43.30
CA GLY B 196 -12.48 3.97 -42.17
C GLY B 196 -12.40 4.82 -40.93
N GLU B 197 -12.65 6.13 -41.03
CA GLU B 197 -12.59 7.05 -39.90
C GLU B 197 -13.96 7.61 -39.54
N THR B 198 -15.03 7.07 -40.11
CA THR B 198 -16.37 7.58 -39.87
C THR B 198 -16.79 7.30 -38.43
N PHE B 199 -17.78 8.05 -37.97
CA PHE B 199 -18.28 7.89 -36.60
C PHE B 199 -18.81 6.49 -36.36
N LEU B 200 -19.40 5.86 -37.39
CA LEU B 200 -19.88 4.50 -37.24
C LEU B 200 -18.74 3.53 -37.01
N ASP B 201 -17.57 3.78 -37.59
CA ASP B 201 -16.43 2.92 -37.37
C ASP B 201 -15.80 3.14 -35.99
N ARG B 202 -16.04 4.28 -35.37
CA ARG B 202 -15.52 4.51 -34.03
C ARG B 202 -16.15 3.56 -33.03
N MET B 203 -17.44 3.25 -33.20
CA MET B 203 -18.06 2.28 -32.31
C MET B 203 -17.40 0.91 -32.46
N ILE B 204 -17.05 0.54 -33.69
CA ILE B 204 -16.34 -0.72 -33.91
C ILE B 204 -14.97 -0.68 -33.26
N ALA B 205 -14.28 0.45 -33.38
CA ALA B 205 -13.00 0.62 -32.71
C ALA B 205 -13.14 0.47 -31.20
N MET B 206 -14.28 0.90 -30.65
CA MET B 206 -14.51 0.77 -29.21
C MET B 206 -14.77 -0.67 -28.82
N VAL B 207 -15.46 -1.42 -29.67
CA VAL B 207 -15.91 -2.75 -29.30
C VAL B 207 -14.92 -3.83 -29.73
N GLU B 208 -14.38 -3.73 -30.95
CA GLU B 208 -13.50 -4.78 -31.44
C GLU B 208 -12.27 -4.92 -30.55
N GLY B 209 -11.77 -6.15 -30.44
CA GLY B 209 -10.61 -6.44 -29.64
C GLY B 209 -9.32 -6.25 -30.42
N ALA B 210 -8.22 -6.74 -29.83
CA ALA B 210 -6.87 -6.61 -30.39
C ALA B 210 -6.40 -5.16 -30.44
N GLN B 211 -7.17 -4.20 -29.93
CA GLN B 211 -6.77 -2.81 -29.86
C GLN B 211 -7.36 -2.10 -28.63
N ARG B 212 -7.56 -2.81 -27.52
CA ARG B 212 -8.11 -2.21 -26.32
C ARG B 212 -7.07 -2.50 -25.25
N ARG B 213 -6.13 -1.58 -25.13
CA ARG B 213 -5.08 -1.74 -24.16
C ARG B 213 -5.61 -1.55 -22.74
N LYS B 214 -4.87 -2.11 -21.80
CA LYS B 214 -5.27 -2.05 -20.40
C LYS B 214 -5.28 -0.60 -19.93
N THR B 215 -6.18 -0.29 -19.02
CA THR B 215 -6.26 1.04 -18.45
C THR B 215 -5.21 1.22 -17.36
N PRO B 216 -4.89 2.46 -16.97
CA PRO B 216 -3.90 2.65 -15.88
C PRO B 216 -4.24 1.90 -14.61
N ASN B 217 -5.50 2.00 -14.18
CA ASN B 217 -5.94 1.29 -12.99
C ASN B 217 -5.79 -0.21 -13.21
N GLU B 218 -6.12 -0.69 -14.40
CA GLU B 218 -5.99 -2.12 -14.68
C GLU B 218 -4.55 -2.52 -14.47
N ILE B 219 -3.61 -1.77 -15.04
CA ILE B 219 -2.20 -2.13 -14.93
C ILE B 219 -1.78 -2.13 -13.47
N ALA B 220 -2.21 -1.13 -12.70
CA ALA B 220 -1.83 -1.12 -11.29
C ALA B 220 -2.35 -2.36 -10.57
N LEU B 221 -3.61 -2.70 -10.80
CA LEU B 221 -4.17 -3.89 -10.17
C LEU B 221 -3.45 -5.15 -10.63
N THR B 222 -3.09 -5.22 -11.91
CA THR B 222 -2.35 -6.38 -12.42
C THR B 222 -1.00 -6.48 -11.76
N ILE B 223 -0.35 -5.35 -11.51
CA ILE B 223 0.89 -5.36 -10.75
C ILE B 223 0.64 -5.97 -9.40
N LEU B 224 -0.47 -5.59 -8.76
CA LEU B 224 -0.79 -6.16 -7.46
C LEU B 224 -0.96 -7.67 -7.52
N LEU B 225 -1.71 -8.15 -8.50
CA LEU B 225 -1.93 -9.58 -8.62
C LEU B 225 -0.62 -10.31 -8.88
N ILE B 226 0.25 -9.72 -9.69
CA ILE B 226 1.54 -10.35 -9.95
C ILE B 226 2.35 -10.40 -8.67
N ALA B 227 2.32 -9.33 -7.88
CA ALA B 227 3.08 -9.28 -6.64
C ALA B 227 2.65 -10.42 -5.73
N LEU B 228 1.34 -10.61 -5.64
CA LEU B 228 0.80 -11.66 -4.80
C LEU B 228 1.19 -13.01 -5.35
N THR B 229 1.08 -13.19 -6.66
CA THR B 229 1.46 -14.45 -7.27
C THR B 229 2.91 -14.79 -6.97
N ILE B 230 3.80 -13.80 -6.99
CA ILE B 230 5.19 -14.07 -6.62
C ILE B 230 5.27 -14.53 -5.17
N VAL B 231 4.52 -13.87 -4.29
CA VAL B 231 4.54 -14.25 -2.87
C VAL B 231 4.14 -15.70 -2.72
N PHE B 232 2.98 -16.08 -3.25
CA PHE B 232 2.49 -17.44 -3.10
C PHE B 232 3.36 -18.44 -3.83
N LEU B 233 3.92 -18.07 -4.98
CA LEU B 233 4.83 -18.97 -5.67
C LEU B 233 5.99 -19.32 -4.76
N LEU B 234 6.59 -18.30 -4.13
CA LEU B 234 7.69 -18.58 -3.20
C LEU B 234 7.23 -19.42 -2.02
N ALA B 235 6.08 -19.07 -1.42
CA ALA B 235 5.60 -19.82 -0.26
C ALA B 235 5.44 -21.29 -0.60
N THR B 236 4.70 -21.59 -1.66
CA THR B 236 4.45 -22.98 -2.01
C THR B 236 5.73 -23.68 -2.49
N ALA B 237 6.54 -23.00 -3.29
CA ALA B 237 7.76 -23.62 -3.79
C ALA B 237 8.71 -23.96 -2.66
N THR B 238 8.80 -23.10 -1.64
CA THR B 238 9.67 -23.37 -0.51
C THR B 238 9.02 -24.30 0.50
N LEU B 239 7.72 -24.55 0.39
CA LEU B 239 7.12 -25.56 1.27
C LEU B 239 7.75 -26.93 1.05
N TRP B 240 8.24 -27.21 -0.15
CA TRP B 240 8.78 -28.55 -0.39
C TRP B 240 10.01 -28.82 0.48
N PRO B 241 11.06 -28.00 0.50
CA PRO B 241 12.21 -28.34 1.37
C PRO B 241 11.88 -28.35 2.85
N PHE B 242 11.00 -27.47 3.31
CA PHE B 242 10.63 -27.46 4.73
C PHE B 242 10.03 -28.80 5.13
N SER B 243 8.94 -29.18 4.47
CA SER B 243 8.32 -30.46 4.77
C SER B 243 9.27 -31.63 4.49
N ALA B 244 10.15 -31.50 3.51
CA ALA B 244 11.12 -32.55 3.21
C ALA B 244 12.04 -32.79 4.40
N TRP B 245 12.43 -31.72 5.09
CA TRP B 245 13.20 -31.91 6.31
C TRP B 245 12.34 -32.49 7.41
N GLY B 246 11.09 -32.03 7.53
CA GLY B 246 10.23 -32.59 8.55
C GLY B 246 9.81 -34.03 8.34
N GLY B 247 10.06 -34.60 7.17
CA GLY B 247 9.68 -35.98 6.90
C GLY B 247 9.51 -36.16 5.41
N ASN B 248 8.56 -37.00 5.03
CA ASN B 248 8.27 -37.22 3.62
C ASN B 248 7.86 -35.90 2.97
N ALA B 249 8.51 -35.56 1.87
CA ALA B 249 8.20 -34.32 1.19
C ALA B 249 6.80 -34.37 0.62
N VAL B 250 6.11 -33.22 0.63
CA VAL B 250 4.78 -33.16 0.05
C VAL B 250 4.88 -33.34 -1.46
N SER B 251 3.87 -33.97 -2.03
CA SER B 251 3.87 -34.21 -3.45
C SER B 251 3.76 -32.91 -4.21
N VAL B 252 4.44 -32.86 -5.36
CA VAL B 252 4.39 -31.66 -6.18
C VAL B 252 2.98 -31.37 -6.65
N THR B 253 2.15 -32.42 -6.78
CA THR B 253 0.76 -32.20 -7.16
C THR B 253 0.03 -31.36 -6.14
N VAL B 254 0.18 -31.70 -4.86
CA VAL B 254 -0.47 -30.91 -3.82
C VAL B 254 0.11 -29.52 -3.77
N LEU B 255 1.40 -29.36 -4.05
CA LEU B 255 1.97 -28.02 -4.06
C LEU B 255 1.40 -27.17 -5.18
N VAL B 256 1.20 -27.75 -6.36
CA VAL B 256 0.59 -27.00 -7.44
C VAL B 256 -0.86 -26.67 -7.09
N ALA B 257 -1.57 -27.60 -6.45
CA ALA B 257 -2.93 -27.31 -6.01
C ALA B 257 -2.93 -26.13 -5.06
N LEU B 258 -2.04 -26.15 -4.07
CA LEU B 258 -1.96 -25.03 -3.13
C LEU B 258 -1.61 -23.74 -3.84
N LEU B 259 -0.70 -23.80 -4.80
CA LEU B 259 -0.32 -22.60 -5.53
C LEU B 259 -1.51 -22.01 -6.26
N VAL B 260 -2.18 -22.82 -7.07
CA VAL B 260 -3.31 -22.31 -7.83
C VAL B 260 -4.45 -21.89 -6.93
N CYS B 261 -4.57 -22.49 -5.75
CA CYS B 261 -5.61 -22.04 -4.84
C CYS B 261 -5.28 -20.66 -4.28
N LEU B 262 -4.06 -20.49 -3.76
CA LEU B 262 -3.67 -19.21 -3.20
C LEU B 262 -3.58 -18.09 -4.24
N ILE B 263 -3.28 -18.42 -5.49
CA ILE B 263 -3.15 -17.38 -6.52
C ILE B 263 -4.48 -16.68 -6.70
N PRO B 264 -4.54 -15.36 -6.91
CA PRO B 264 -5.83 -14.72 -7.16
C PRO B 264 -6.45 -15.08 -8.50
N THR B 265 -6.74 -16.37 -8.68
CA THR B 265 -7.30 -16.83 -9.95
C THR B 265 -8.68 -16.26 -10.20
N THR B 266 -9.47 -16.02 -9.15
CA THR B 266 -10.82 -15.49 -9.28
C THR B 266 -10.78 -14.17 -10.06
N ILE B 267 -10.13 -13.16 -9.47
CA ILE B 267 -10.02 -11.87 -10.13
C ILE B 267 -9.06 -11.98 -11.31
N GLY B 268 -8.06 -12.85 -11.22
CA GLY B 268 -7.14 -13.03 -12.33
C GLY B 268 -7.88 -13.35 -13.62
N GLY B 269 -8.75 -14.35 -13.57
CA GLY B 269 -9.53 -14.68 -14.76
C GLY B 269 -10.56 -13.63 -15.09
N LEU B 270 -11.21 -13.05 -14.08
CA LEU B 270 -12.31 -12.14 -14.33
C LEU B 270 -11.90 -10.69 -14.65
N LEU B 271 -10.61 -10.35 -14.61
CA LEU B 271 -10.19 -8.97 -14.84
C LEU B 271 -10.49 -8.52 -16.27
N SER B 272 -10.04 -9.28 -17.25
CA SER B 272 -10.28 -8.96 -18.65
C SER B 272 -11.78 -8.86 -18.91
N ALA B 273 -12.53 -9.81 -18.37
CA ALA B 273 -13.98 -9.82 -18.53
C ALA B 273 -14.60 -8.57 -17.93
N ILE B 274 -14.09 -8.10 -16.80
CA ILE B 274 -14.62 -6.89 -16.18
C ILE B 274 -14.41 -5.70 -17.11
N GLY B 275 -13.22 -5.56 -17.68
CA GLY B 275 -12.98 -4.45 -18.60
C GLY B 275 -13.91 -4.49 -19.81
N VAL B 276 -13.99 -5.65 -20.46
CA VAL B 276 -14.81 -5.78 -21.65
C VAL B 276 -16.27 -5.52 -21.32
N ALA B 277 -16.78 -6.16 -20.26
CA ALA B 277 -18.15 -5.91 -19.84
C ALA B 277 -18.37 -4.42 -19.59
N GLY B 278 -17.38 -3.74 -19.05
CA GLY B 278 -17.53 -2.32 -18.74
C GLY B 278 -17.84 -1.56 -20.02
N MET B 279 -17.14 -1.91 -21.09
CA MET B 279 -17.30 -1.22 -22.36
C MET B 279 -18.55 -1.68 -23.10
N SER B 280 -19.03 -2.88 -22.80
CA SER B 280 -20.28 -3.31 -23.40
C SER B 280 -21.39 -2.51 -22.74
N ARG B 281 -21.40 -2.47 -21.41
CA ARG B 281 -22.42 -1.73 -20.67
C ARG B 281 -22.41 -0.26 -21.11
N MET B 282 -21.23 0.27 -21.39
CA MET B 282 -21.10 1.66 -21.85
C MET B 282 -21.79 1.83 -23.18
N LEU B 283 -21.53 0.94 -24.13
CA LEU B 283 -22.24 1.02 -25.41
C LEU B 283 -23.72 0.81 -25.21
N GLY B 284 -24.10 -0.07 -24.29
CA GLY B 284 -25.51 -0.31 -24.01
C GLY B 284 -26.21 0.89 -23.40
N ALA B 285 -25.45 1.83 -22.83
CA ALA B 285 -26.01 3.03 -22.23
C ALA B 285 -25.96 4.21 -23.19
N ASN B 286 -25.79 3.95 -24.50
CA ASN B 286 -25.75 5.00 -25.52
C ASN B 286 -24.60 5.98 -25.30
N VAL B 287 -23.42 5.44 -25.03
CA VAL B 287 -22.22 6.24 -24.88
C VAL B 287 -21.10 5.52 -25.61
N ILE B 288 -20.39 6.23 -26.47
CA ILE B 288 -19.30 5.67 -27.25
C ILE B 288 -18.01 6.21 -26.66
N ALA B 289 -17.30 5.36 -25.93
CA ALA B 289 -16.07 5.72 -25.26
C ALA B 289 -14.90 5.08 -26.01
N THR B 290 -14.05 5.92 -26.58
CA THR B 290 -12.92 5.43 -27.36
C THR B 290 -11.95 4.61 -26.51
N SER B 291 -11.88 4.88 -25.21
CA SER B 291 -10.97 4.15 -24.35
C SER B 291 -11.55 4.08 -22.95
N GLY B 292 -11.34 2.96 -22.28
CA GLY B 292 -11.81 2.82 -20.91
C GLY B 292 -11.14 3.75 -19.93
N ARG B 293 -10.00 4.33 -20.32
CA ARG B 293 -9.31 5.24 -19.42
C ARG B 293 -10.20 6.42 -19.06
N ALA B 294 -10.85 7.02 -20.05
CA ALA B 294 -11.76 8.12 -19.78
C ALA B 294 -12.94 7.67 -18.91
N VAL B 295 -13.41 6.45 -19.12
CA VAL B 295 -14.54 5.94 -18.34
C VAL B 295 -14.15 5.80 -16.88
N GLU B 296 -12.92 5.35 -16.62
CA GLU B 296 -12.43 5.21 -15.25
C GLU B 296 -12.17 6.56 -14.62
N ALA B 297 -11.63 7.50 -15.40
CA ALA B 297 -11.38 8.85 -14.90
C ALA B 297 -12.69 9.54 -14.59
N ALA B 298 -13.76 9.17 -15.30
CA ALA B 298 -15.06 9.78 -15.08
C ALA B 298 -15.55 9.51 -13.67
N GLY B 299 -15.09 8.44 -13.03
CA GLY B 299 -15.54 8.16 -11.67
C GLY B 299 -15.05 9.16 -10.65
N ASP B 300 -13.96 9.89 -10.94
CA ASP B 300 -13.37 10.87 -10.03
C ASP B 300 -13.69 12.32 -10.39
N VAL B 301 -14.76 12.56 -11.13
CA VAL B 301 -15.16 13.89 -11.58
C VAL B 301 -16.01 14.55 -10.52
N ASP B 302 -15.70 15.80 -10.16
CA ASP B 302 -16.48 16.50 -9.16
C ASP B 302 -17.17 17.75 -9.67
N VAL B 303 -16.83 18.28 -10.84
CA VAL B 303 -17.48 19.48 -11.36
C VAL B 303 -17.91 19.20 -12.79
N LEU B 304 -19.20 19.40 -13.09
CA LEU B 304 -19.75 19.19 -14.42
C LEU B 304 -19.94 20.51 -15.15
N LEU B 305 -19.39 20.64 -16.35
CA LEU B 305 -19.48 21.86 -17.14
C LEU B 305 -20.50 21.67 -18.26
N LEU B 306 -21.65 22.30 -18.15
CA LEU B 306 -22.70 22.17 -19.15
C LEU B 306 -22.71 23.35 -20.14
N ASP B 307 -23.44 23.17 -21.24
CA ASP B 307 -23.63 24.18 -22.29
C ASP B 307 -25.08 24.61 -22.25
N LYS B 308 -25.36 25.91 -22.14
CA LYS B 308 -26.77 26.25 -22.01
C LYS B 308 -27.57 25.79 -23.24
N THR B 309 -27.07 26.07 -24.44
CA THR B 309 -27.78 25.79 -25.69
C THR B 309 -27.36 24.48 -26.35
N GLY B 310 -28.31 23.54 -26.42
CA GLY B 310 -28.10 22.27 -27.09
C GLY B 310 -27.78 21.14 -26.16
N THR B 311 -27.39 21.45 -24.94
CA THR B 311 -27.06 20.52 -23.88
C THR B 311 -28.02 20.59 -22.72
N ILE B 312 -28.37 21.78 -22.24
CA ILE B 312 -29.43 21.90 -21.24
C ILE B 312 -30.71 22.32 -21.91
N THR B 313 -30.63 22.97 -23.06
CA THR B 313 -31.81 23.43 -23.77
C THR B 313 -31.90 22.57 -25.01
N LEU B 314 -33.09 22.53 -25.60
CA LEU B 314 -33.27 21.74 -26.80
C LEU B 314 -32.40 22.23 -27.94
N GLY B 315 -32.23 23.54 -28.04
CA GLY B 315 -31.41 24.10 -29.10
C GLY B 315 -32.31 24.69 -30.15
N ASN B 316 -31.69 25.38 -31.11
CA ASN B 316 -32.43 26.07 -32.16
C ASN B 316 -33.60 26.87 -31.61
N ARG B 317 -33.24 27.82 -30.76
CA ARG B 317 -34.26 28.65 -30.16
C ARG B 317 -35.01 29.36 -31.28
N GLN B 318 -36.32 29.52 -31.11
CA GLN B 318 -37.16 30.16 -32.11
C GLN B 318 -37.55 31.55 -31.66
N ALA B 319 -37.62 32.49 -32.59
CA ALA B 319 -38.05 33.83 -32.23
C ALA B 319 -39.54 33.78 -31.94
N SER B 320 -39.97 34.55 -30.95
CA SER B 320 -41.38 34.57 -30.54
C SER B 320 -42.05 35.88 -30.94
N GLU B 321 -41.53 37.00 -30.46
CA GLU B 321 -42.11 38.30 -30.75
C GLU B 321 -40.99 39.32 -30.88
N PHE B 322 -41.33 40.44 -31.50
CA PHE B 322 -40.46 41.59 -31.62
C PHE B 322 -41.01 42.68 -30.71
N ILE B 323 -40.17 43.25 -29.86
CA ILE B 323 -40.61 44.27 -28.93
C ILE B 323 -39.91 45.59 -29.27
N PRO B 324 -40.63 46.65 -29.59
CA PRO B 324 -40.00 47.96 -29.81
C PRO B 324 -39.81 48.71 -28.49
N ALA B 325 -38.80 49.57 -28.46
CA ALA B 325 -38.46 50.31 -27.25
C ALA B 325 -39.15 51.68 -27.20
N GLN B 326 -38.84 52.56 -28.15
CA GLN B 326 -39.42 53.90 -28.17
C GLN B 326 -39.21 54.56 -29.53
N GLY B 327 -40.28 55.12 -30.10
CA GLY B 327 -40.21 55.77 -31.40
C GLY B 327 -39.71 54.83 -32.47
N VAL B 328 -40.20 53.59 -32.48
CA VAL B 328 -39.78 52.55 -33.41
C VAL B 328 -40.96 51.66 -33.72
N ASP B 329 -41.39 51.65 -34.98
CA ASP B 329 -42.52 50.82 -35.35
C ASP B 329 -42.11 49.35 -35.40
N GLU B 330 -43.08 48.47 -35.18
CA GLU B 330 -42.82 47.04 -35.25
C GLU B 330 -42.35 46.65 -36.65
N LYS B 331 -42.93 47.27 -37.68
CA LYS B 331 -42.55 46.98 -39.06
C LYS B 331 -41.07 47.27 -39.30
N THR B 332 -40.60 48.45 -38.90
CA THR B 332 -39.20 48.79 -39.12
C THR B 332 -38.28 47.82 -38.37
N LEU B 333 -38.67 47.46 -37.15
CA LEU B 333 -37.84 46.56 -36.35
C LEU B 333 -37.74 45.19 -36.99
N ALA B 334 -38.89 44.60 -37.35
CA ALA B 334 -38.86 43.27 -37.96
C ALA B 334 -38.17 43.30 -39.32
N ASP B 335 -38.32 44.40 -40.07
CA ASP B 335 -37.66 44.50 -41.37
C ASP B 335 -36.15 44.52 -41.20
N ALA B 336 -35.65 45.34 -40.26
CA ALA B 336 -34.23 45.39 -40.03
C ALA B 336 -33.69 44.08 -39.48
N ALA B 337 -34.46 43.44 -38.60
CA ALA B 337 -34.03 42.16 -38.05
C ALA B 337 -33.95 41.11 -39.15
N GLN B 338 -34.91 41.11 -40.07
CA GLN B 338 -34.88 40.15 -41.17
C GLN B 338 -33.70 40.42 -42.08
N LEU B 339 -33.45 41.68 -42.40
CA LEU B 339 -32.32 42.00 -43.27
C LEU B 339 -31.00 41.62 -42.61
N ALA B 340 -30.88 41.88 -41.31
CA ALA B 340 -29.65 41.53 -40.61
C ALA B 340 -29.51 40.02 -40.45
N SER B 341 -30.62 39.30 -40.39
CA SER B 341 -30.59 37.86 -40.20
C SER B 341 -30.36 37.11 -41.51
N LEU B 342 -30.52 37.77 -42.65
CA LEU B 342 -30.31 37.09 -43.94
C LEU B 342 -28.89 36.58 -44.07
N ALA B 343 -27.92 37.36 -43.59
CA ALA B 343 -26.53 36.94 -43.62
C ALA B 343 -26.20 35.96 -42.50
N ASP B 344 -27.14 35.70 -41.59
CA ASP B 344 -26.91 34.79 -40.47
C ASP B 344 -27.55 33.45 -40.76
N GLU B 345 -26.73 32.50 -41.19
CA GLU B 345 -27.18 31.14 -41.46
C GLU B 345 -27.49 30.36 -40.20
N THR B 346 -27.20 30.93 -39.02
CA THR B 346 -27.43 30.25 -37.77
C THR B 346 -28.94 30.06 -37.59
N PRO B 347 -29.38 29.08 -36.80
CA PRO B 347 -30.83 28.93 -36.58
C PRO B 347 -31.54 30.16 -36.04
N GLU B 348 -30.83 30.99 -35.29
CA GLU B 348 -31.39 32.23 -34.75
C GLU B 348 -31.84 33.15 -35.88
N GLY B 349 -30.97 33.35 -36.87
CA GLY B 349 -31.32 34.20 -37.98
C GLY B 349 -32.44 33.61 -38.82
N ARG B 350 -32.40 32.31 -39.06
CA ARG B 350 -33.47 31.66 -39.81
C ARG B 350 -34.80 31.83 -39.10
N SER B 351 -34.82 31.70 -37.77
CA SER B 351 -36.06 31.87 -37.03
C SER B 351 -36.52 33.32 -37.06
N ILE B 352 -35.58 34.27 -36.97
CA ILE B 352 -35.94 35.68 -37.09
C ILE B 352 -36.58 35.95 -38.43
N VAL B 353 -36.02 35.40 -39.50
CA VAL B 353 -36.58 35.62 -40.83
C VAL B 353 -37.97 34.99 -40.90
N ILE B 354 -38.13 33.79 -40.35
CA ILE B 354 -39.44 33.12 -40.38
C ILE B 354 -40.47 33.96 -39.64
N LEU B 355 -40.09 34.52 -38.49
CA LEU B 355 -41.01 35.36 -37.74
C LEU B 355 -41.39 36.59 -38.55
N ALA B 356 -40.41 37.23 -39.20
CA ALA B 356 -40.73 38.37 -40.04
C ALA B 356 -41.67 37.96 -41.17
N LYS B 357 -41.47 36.77 -41.72
CA LYS B 357 -42.36 36.26 -42.77
C LYS B 357 -43.78 36.18 -42.26
N GLN B 358 -43.98 35.45 -41.16
CA GLN B 358 -45.34 35.31 -40.64
C GLN B 358 -45.93 36.65 -40.19
N ARG B 359 -45.08 37.64 -39.90
CA ARG B 359 -45.59 38.91 -39.41
C ARG B 359 -46.01 39.84 -40.55
N PHE B 360 -45.15 40.00 -41.56
CA PHE B 360 -45.38 40.84 -42.74
C PHE B 360 -45.32 40.12 -44.08
N ASN B 361 -44.29 39.32 -44.32
CA ASN B 361 -44.11 38.55 -45.57
C ASN B 361 -44.12 39.45 -46.81
N LEU B 362 -43.43 40.59 -46.77
CA LEU B 362 -43.41 41.49 -47.93
C LEU B 362 -42.00 41.58 -48.48
N ARG B 363 -41.90 41.52 -49.82
CA ARG B 363 -40.66 41.66 -50.60
C ARG B 363 -39.76 40.44 -50.60
N GLU B 364 -38.74 40.47 -51.44
CA GLU B 364 -37.77 39.39 -51.57
C GLU B 364 -36.39 40.02 -51.62
N ARG B 365 -35.37 39.26 -51.24
CA ARG B 365 -33.99 39.74 -51.19
C ARG B 365 -33.03 38.94 -52.06
N ASP B 366 -32.21 39.67 -52.84
CA ASP B 366 -31.19 39.07 -53.70
C ASP B 366 -29.92 39.84 -53.38
N VAL B 367 -28.79 39.15 -53.14
CA VAL B 367 -27.59 39.89 -52.76
C VAL B 367 -27.20 40.87 -53.85
N GLN B 368 -27.40 40.47 -55.11
CA GLN B 368 -27.08 41.33 -56.25
C GLN B 368 -27.95 42.58 -56.26
N SER B 369 -29.22 42.42 -55.90
CA SER B 369 -30.12 43.56 -55.84
C SER B 369 -29.75 44.53 -54.73
N LEU B 370 -29.01 44.07 -53.71
CA LEU B 370 -28.55 44.94 -52.64
C LEU B 370 -27.11 45.39 -52.81
N HIS B 371 -26.32 44.69 -53.64
CA HIS B 371 -24.92 45.02 -53.87
C HIS B 371 -24.14 45.23 -52.55
N ALA B 372 -24.48 44.45 -51.53
CA ALA B 372 -23.85 44.56 -50.22
C ALA B 372 -23.32 43.20 -49.75
N THR B 373 -22.08 43.19 -49.26
CA THR B 373 -21.51 41.94 -48.76
C THR B 373 -22.22 41.47 -47.49
N PHE B 374 -22.36 40.16 -47.37
CA PHE B 374 -22.93 39.51 -46.20
C PHE B 374 -21.96 39.55 -45.02
N VAL B 375 -22.42 39.93 -43.83
CA VAL B 375 -21.53 39.89 -42.66
C VAL B 375 -21.84 38.61 -41.89
N PRO B 376 -21.03 37.56 -41.95
CA PRO B 376 -21.37 36.32 -41.24
C PRO B 376 -21.27 36.47 -39.73
N PHE B 377 -22.06 35.66 -39.03
CA PHE B 377 -22.07 35.66 -37.57
C PHE B 377 -20.83 34.95 -37.07
N THR B 378 -20.16 35.54 -36.08
CA THR B 378 -18.95 34.98 -35.52
C THR B 378 -19.09 34.89 -34.01
N ALA B 379 -18.56 33.81 -33.42
CA ALA B 379 -18.63 33.67 -31.97
C ALA B 379 -17.83 34.75 -31.26
N GLN B 380 -16.76 35.25 -31.88
CA GLN B 380 -15.97 36.31 -31.26
C GLN B 380 -16.67 37.65 -31.33
N SER B 381 -17.29 37.96 -32.47
CA SER B 381 -18.00 39.23 -32.60
C SER B 381 -19.32 39.19 -31.84
N ARG B 382 -19.96 38.03 -31.80
CA ARG B 382 -21.25 37.86 -31.14
C ARG B 382 -22.26 38.88 -31.67
N MET B 383 -22.23 39.08 -32.98
CA MET B 383 -23.19 39.94 -33.67
C MET B 383 -23.05 39.75 -35.17
N SER B 384 -24.14 39.95 -35.90
CA SER B 384 -24.16 39.84 -37.35
C SER B 384 -24.91 41.02 -37.94
N GLY B 385 -24.72 41.23 -39.25
CA GLY B 385 -25.39 42.36 -39.86
C GLY B 385 -25.23 42.38 -41.37
N ILE B 386 -25.62 43.52 -41.95
CA ILE B 386 -25.55 43.75 -43.40
C ILE B 386 -24.99 45.15 -43.62
N ASN B 387 -24.31 45.36 -44.74
CA ASN B 387 -23.70 46.66 -45.07
C ASN B 387 -24.28 47.22 -46.37
N ILE B 388 -25.48 47.79 -46.30
CA ILE B 388 -26.11 48.35 -47.50
C ILE B 388 -25.44 49.68 -47.82
N ASP B 389 -25.87 50.33 -48.91
CA ASP B 389 -25.33 51.63 -49.32
C ASP B 389 -25.27 52.61 -48.16
N ASN B 390 -24.05 53.01 -47.78
CA ASN B 390 -23.76 53.93 -46.68
C ASN B 390 -24.63 53.61 -45.46
N ARG B 391 -24.85 52.33 -45.17
CA ARG B 391 -25.64 51.92 -44.03
C ARG B 391 -25.04 50.72 -43.34
N MET B 392 -24.78 50.80 -42.04
CA MET B 392 -24.25 49.68 -41.29
C MET B 392 -25.33 49.24 -40.33
N ILE B 393 -25.76 47.98 -40.43
CA ILE B 393 -26.81 47.45 -39.56
C ILE B 393 -26.22 46.26 -38.82
N ARG B 394 -26.37 46.24 -37.50
CA ARG B 394 -25.84 45.16 -36.68
C ARG B 394 -26.92 44.60 -35.76
N LYS B 395 -26.68 43.40 -35.26
CA LYS B 395 -27.63 42.70 -34.41
C LYS B 395 -26.86 41.68 -33.60
N GLY B 396 -26.95 41.75 -32.28
CA GLY B 396 -26.20 40.81 -31.47
C GLY B 396 -26.69 40.74 -30.05
N SER B 397 -25.79 40.31 -29.17
CA SER B 397 -26.15 40.21 -27.77
C SER B 397 -26.20 41.60 -27.16
N VAL B 398 -26.48 41.63 -25.87
CA VAL B 398 -26.59 42.91 -25.16
C VAL B 398 -25.22 43.57 -25.04
N ASP B 399 -24.24 42.84 -24.51
CA ASP B 399 -22.92 43.40 -24.31
C ASP B 399 -22.27 43.73 -25.64
N ALA B 400 -22.46 42.86 -26.63
CA ALA B 400 -21.87 43.10 -27.95
C ALA B 400 -22.46 44.35 -28.58
N ILE B 401 -23.78 44.48 -28.55
CA ILE B 401 -24.42 45.66 -29.11
C ILE B 401 -24.03 46.90 -28.33
N ARG B 402 -23.89 46.78 -27.02
CA ARG B 402 -23.45 47.91 -26.21
C ARG B 402 -22.06 48.35 -26.63
N ARG B 403 -21.16 47.40 -26.85
CA ARG B 403 -19.80 47.77 -27.27
C ARG B 403 -19.81 48.45 -28.62
N HIS B 404 -20.58 47.92 -29.57
CA HIS B 404 -20.61 48.54 -30.89
C HIS B 404 -21.22 49.94 -30.84
N VAL B 405 -22.37 50.08 -30.17
CA VAL B 405 -23.04 51.38 -30.11
C VAL B 405 -22.18 52.38 -29.35
N GLU B 406 -21.35 51.91 -28.41
CA GLU B 406 -20.45 52.81 -27.71
C GLU B 406 -19.29 53.21 -28.61
N ALA B 407 -18.79 52.26 -29.42
CA ALA B 407 -17.71 52.56 -30.34
C ALA B 407 -18.14 53.51 -31.44
N ASN B 408 -19.44 53.58 -31.73
CA ASN B 408 -19.98 54.48 -32.75
C ASN B 408 -20.52 55.77 -32.16
N GLY B 409 -20.28 56.03 -30.88
CA GLY B 409 -20.76 57.25 -30.26
C GLY B 409 -22.24 57.29 -29.99
N GLY B 410 -22.85 56.13 -29.77
CA GLY B 410 -24.27 56.03 -29.49
C GLY B 410 -24.49 55.58 -28.05
N HIS B 411 -25.64 55.95 -27.50
CA HIS B 411 -26.02 55.59 -26.13
C HIS B 411 -27.19 54.63 -26.16
N PHE B 412 -27.33 53.90 -25.06
CA PHE B 412 -28.39 52.90 -24.94
C PHE B 412 -29.60 53.50 -24.22
N PRO B 413 -30.82 53.40 -24.75
CA PRO B 413 -31.98 53.91 -23.99
C PRO B 413 -32.18 53.13 -22.70
N THR B 414 -32.68 53.84 -21.69
CA THR B 414 -32.96 53.19 -20.40
C THR B 414 -34.09 52.18 -20.53
N ASP B 415 -35.14 52.54 -21.27
CA ASP B 415 -36.25 51.62 -21.47
C ASP B 415 -35.83 50.41 -22.29
N VAL B 416 -34.84 50.56 -23.18
CA VAL B 416 -34.29 49.40 -23.88
C VAL B 416 -33.74 48.42 -22.86
N ASP B 417 -32.95 48.93 -21.91
CA ASP B 417 -32.39 48.06 -20.88
C ASP B 417 -33.50 47.43 -20.04
N GLN B 418 -34.56 48.19 -19.75
CA GLN B 418 -35.65 47.63 -18.95
C GLN B 418 -36.33 46.49 -19.69
N LYS B 419 -36.60 46.66 -20.98
CA LYS B 419 -37.24 45.60 -21.75
C LYS B 419 -36.34 44.39 -21.88
N VAL B 420 -35.04 44.61 -22.09
CA VAL B 420 -34.10 43.49 -22.16
C VAL B 420 -34.08 42.74 -20.85
N ASP B 421 -34.10 43.46 -19.73
CA ASP B 421 -34.11 42.81 -18.43
C ASP B 421 -35.39 42.00 -18.24
N GLN B 422 -36.52 42.54 -18.70
CA GLN B 422 -37.78 41.81 -18.57
C GLN B 422 -37.75 40.52 -19.39
N VAL B 423 -37.33 40.61 -20.65
CA VAL B 423 -37.29 39.43 -21.51
C VAL B 423 -36.32 38.41 -20.94
N ALA B 424 -35.17 38.87 -20.44
CA ALA B 424 -34.21 37.96 -19.83
C ALA B 424 -34.79 37.29 -18.60
N ARG B 425 -35.56 38.04 -17.80
CA ARG B 425 -36.24 37.45 -16.65
C ARG B 425 -37.23 36.39 -17.09
N GLN B 426 -37.85 36.56 -18.26
CA GLN B 426 -38.74 35.52 -18.78
C GLN B 426 -37.98 34.27 -19.20
N GLY B 427 -36.67 34.36 -19.37
CA GLY B 427 -35.85 33.21 -19.73
C GLY B 427 -35.49 33.08 -21.19
N ALA B 428 -35.80 34.08 -22.01
CA ALA B 428 -35.51 34.06 -23.43
C ALA B 428 -34.26 34.90 -23.68
N THR B 429 -33.34 34.36 -24.48
CA THR B 429 -32.11 35.07 -24.82
C THR B 429 -32.45 36.36 -25.57
N PRO B 430 -32.29 37.55 -24.97
CA PRO B 430 -32.68 38.77 -25.68
C PRO B 430 -31.55 39.25 -26.57
N LEU B 431 -31.88 39.52 -27.83
CA LEU B 431 -30.97 40.07 -28.82
C LEU B 431 -31.43 41.48 -29.15
N VAL B 432 -30.47 42.36 -29.41
CA VAL B 432 -30.73 43.76 -29.71
C VAL B 432 -30.20 44.05 -31.10
N VAL B 433 -30.97 44.83 -31.87
CA VAL B 433 -30.59 45.21 -33.23
C VAL B 433 -30.48 46.72 -33.29
N VAL B 434 -29.43 47.20 -33.96
CA VAL B 434 -29.13 48.62 -34.08
C VAL B 434 -28.93 48.97 -35.54
N GLU B 435 -29.63 50.01 -36.00
CA GLU B 435 -29.47 50.56 -37.34
C GLU B 435 -28.64 51.83 -37.23
N GLY B 436 -27.44 51.82 -37.81
CA GLY B 436 -26.56 52.97 -37.71
C GLY B 436 -26.19 53.31 -36.28
N SER B 437 -26.78 54.38 -35.76
CA SER B 437 -26.51 54.84 -34.39
C SER B 437 -27.74 54.83 -33.50
N ARG B 438 -28.83 54.20 -33.92
CA ARG B 438 -30.06 54.16 -33.14
C ARG B 438 -30.48 52.72 -32.93
N VAL B 439 -30.77 52.38 -31.67
CA VAL B 439 -31.18 51.02 -31.34
C VAL B 439 -32.65 50.87 -31.68
N LEU B 440 -32.98 49.89 -32.52
CA LEU B 440 -34.36 49.72 -32.95
C LEU B 440 -35.18 49.08 -31.84
N GLY B 441 -34.74 47.92 -31.35
CA GLY B 441 -35.48 47.24 -30.30
C GLY B 441 -34.82 45.93 -29.95
N VAL B 442 -35.58 45.07 -29.29
CA VAL B 442 -35.08 43.79 -28.84
C VAL B 442 -35.91 42.69 -29.49
N ILE B 443 -35.28 41.55 -29.72
CA ILE B 443 -35.92 40.37 -30.27
C ILE B 443 -36.04 39.35 -29.15
N ALA B 444 -37.13 38.61 -29.14
CA ALA B 444 -37.35 37.58 -28.13
C ALA B 444 -36.97 36.25 -28.75
N LEU B 445 -35.97 35.59 -28.20
CA LEU B 445 -35.47 34.31 -28.72
C LEU B 445 -35.59 33.27 -27.61
N LYS B 446 -36.81 32.81 -27.39
CA LYS B 446 -37.18 31.87 -26.35
C LYS B 446 -36.85 30.45 -26.81
N ASP B 447 -36.67 29.55 -25.85
CA ASP B 447 -36.30 28.18 -26.20
C ASP B 447 -36.91 27.19 -25.22
N ILE B 448 -37.07 25.95 -25.67
CA ILE B 448 -37.61 24.87 -24.85
C ILE B 448 -36.52 24.08 -24.14
N VAL B 449 -36.76 23.79 -22.85
CA VAL B 449 -35.87 22.95 -22.06
C VAL B 449 -35.95 21.53 -22.61
N LYS B 450 -34.84 20.80 -22.61
CA LYS B 450 -34.82 19.44 -23.16
C LYS B 450 -34.54 18.43 -22.07
N GLY B 451 -35.42 17.44 -21.95
CA GLY B 451 -35.27 16.40 -20.96
C GLY B 451 -35.66 16.81 -19.55
N GLY B 452 -35.91 15.80 -18.72
CA GLY B 452 -36.26 15.94 -17.30
C GLY B 452 -35.03 16.25 -16.44
N ILE B 453 -34.13 17.08 -16.96
CA ILE B 453 -32.89 17.55 -16.38
C ILE B 453 -32.94 17.88 -14.90
N LYS B 454 -33.79 18.83 -14.53
CA LYS B 454 -33.89 19.29 -13.15
C LYS B 454 -34.12 18.15 -12.18
N GLU B 455 -35.00 17.23 -12.53
CA GLU B 455 -35.25 16.10 -11.65
C GLU B 455 -34.01 15.24 -11.50
N ARG B 456 -33.27 15.04 -12.59
CA ARG B 456 -32.07 14.22 -12.57
C ARG B 456 -30.96 14.84 -11.72
N PHE B 457 -30.69 16.14 -11.91
CA PHE B 457 -29.62 16.74 -11.11
C PHE B 457 -29.85 16.59 -9.62
N ALA B 458 -31.10 16.39 -9.18
CA ALA B 458 -31.40 16.20 -7.78
C ALA B 458 -30.58 15.05 -7.21
N GLN B 459 -30.48 13.95 -7.96
CA GLN B 459 -29.66 12.83 -7.54
C GLN B 459 -28.24 12.88 -8.07
N LEU B 460 -27.99 13.66 -9.13
CA LEU B 460 -26.59 13.86 -9.54
C LEU B 460 -25.81 14.49 -8.41
N ARG B 461 -26.36 15.55 -7.82
CA ARG B 461 -25.67 16.23 -6.72
C ARG B 461 -25.53 15.35 -5.50
N LYS B 462 -26.28 14.24 -5.43
CA LYS B 462 -26.22 13.39 -4.26
C LYS B 462 -24.85 12.73 -4.12
N MET B 463 -24.17 12.48 -5.26
CA MET B 463 -22.88 11.82 -5.26
C MET B 463 -21.71 12.80 -5.40
N GLY B 464 -21.91 14.07 -5.10
CA GLY B 464 -20.85 15.05 -5.05
C GLY B 464 -20.49 15.73 -6.34
N ILE B 465 -21.17 15.42 -7.43
CA ILE B 465 -20.91 16.04 -8.72
C ILE B 465 -21.62 17.38 -8.75
N LYS B 466 -20.87 18.45 -8.95
CA LYS B 466 -21.44 19.78 -9.06
C LYS B 466 -21.69 20.08 -10.54
N THR B 467 -22.69 20.92 -10.79
CA THR B 467 -23.11 21.26 -12.15
C THR B 467 -22.96 22.75 -12.34
N VAL B 468 -22.20 23.14 -13.36
CA VAL B 468 -21.96 24.53 -13.70
C VAL B 468 -22.34 24.74 -15.16
N MET B 469 -23.30 25.62 -15.40
CA MET B 469 -23.79 25.91 -16.75
C MET B 469 -23.07 27.10 -17.34
N ILE B 470 -22.27 26.88 -18.37
CA ILE B 470 -21.56 27.97 -18.99
C ILE B 470 -22.44 28.56 -20.09
N THR B 471 -22.63 29.87 -20.05
CA THR B 471 -23.70 30.51 -20.78
C THR B 471 -23.16 31.81 -21.37
N GLY B 472 -23.47 32.11 -22.62
CA GLY B 472 -23.08 33.38 -23.21
C GLY B 472 -24.22 34.37 -23.35
N ASP B 473 -25.36 34.09 -22.76
CA ASP B 473 -26.56 34.91 -22.82
C ASP B 473 -26.53 35.97 -21.72
N ASN B 474 -27.64 36.70 -21.57
CA ASN B 474 -27.78 37.68 -20.50
C ASN B 474 -27.84 37.04 -19.13
N ARG B 475 -27.34 37.80 -18.15
CA ARG B 475 -27.32 37.34 -16.78
C ARG B 475 -28.67 36.78 -16.38
N LEU B 476 -29.74 37.50 -16.68
CA LEU B 476 -31.04 37.10 -16.14
C LEU B 476 -31.58 35.87 -16.87
N THR B 477 -31.41 35.81 -18.20
CA THR B 477 -31.85 34.62 -18.94
C THR B 477 -31.03 33.40 -18.54
N ALA B 478 -29.74 33.60 -18.29
CA ALA B 478 -28.90 32.52 -17.81
C ALA B 478 -29.39 32.05 -16.45
N ALA B 479 -29.69 32.99 -15.55
CA ALA B 479 -30.20 32.63 -14.23
C ALA B 479 -31.53 31.91 -14.34
N ALA B 480 -32.38 32.34 -15.27
CA ALA B 480 -33.68 31.70 -15.44
C ALA B 480 -33.51 30.25 -15.87
N ILE B 481 -32.76 30.01 -16.96
CA ILE B 481 -32.65 28.62 -17.37
C ILE B 481 -31.92 27.85 -16.29
N ALA B 482 -30.94 28.49 -15.62
CA ALA B 482 -30.24 27.84 -14.52
C ALA B 482 -31.24 27.26 -13.52
N ALA B 483 -32.27 28.07 -13.22
CA ALA B 483 -33.31 27.67 -12.29
C ALA B 483 -34.11 26.51 -12.84
N GLU B 484 -34.48 26.58 -14.12
CA GLU B 484 -35.28 25.49 -14.70
C GLU B 484 -34.44 24.22 -14.77
N ALA B 485 -33.16 24.39 -15.01
CA ALA B 485 -32.16 23.33 -15.08
C ALA B 485 -31.87 22.77 -13.70
N GLY B 486 -31.88 23.64 -12.69
CA GLY B 486 -31.53 23.30 -11.32
C GLY B 486 -30.04 23.02 -11.18
N VAL B 487 -29.24 23.80 -11.89
CA VAL B 487 -27.79 23.70 -11.88
C VAL B 487 -27.27 24.48 -10.68
N ASP B 488 -26.01 24.24 -10.31
CA ASP B 488 -25.46 24.91 -9.13
C ASP B 488 -25.14 26.37 -9.45
N ASP B 489 -24.16 26.62 -10.32
CA ASP B 489 -23.79 27.98 -10.67
C ASP B 489 -23.79 28.13 -12.18
N PHE B 490 -23.75 29.39 -12.63
CA PHE B 490 -23.74 29.70 -14.05
C PHE B 490 -22.79 30.86 -14.33
N LEU B 491 -22.60 31.13 -15.62
CA LEU B 491 -21.77 32.21 -16.14
C LEU B 491 -22.57 33.06 -17.12
N ALA B 492 -22.22 34.34 -17.21
CA ALA B 492 -22.90 35.28 -18.10
C ALA B 492 -21.88 35.99 -18.96
N GLU B 493 -22.22 36.21 -20.22
CA GLU B 493 -21.35 36.90 -21.18
C GLU B 493 -19.96 36.29 -21.22
N ALA B 494 -19.91 34.97 -21.31
CA ALA B 494 -18.65 34.22 -21.34
C ALA B 494 -18.32 33.86 -22.78
N THR B 495 -17.11 34.20 -23.20
CA THR B 495 -16.64 33.90 -24.55
C THR B 495 -16.00 32.51 -24.54
N PRO B 496 -15.61 31.95 -25.69
CA PRO B 496 -15.02 30.59 -25.66
C PRO B 496 -13.79 30.49 -24.78
N GLU B 497 -12.94 31.51 -24.83
CA GLU B 497 -11.76 31.54 -23.99
C GLU B 497 -12.14 31.56 -22.52
N ALA B 498 -13.31 32.11 -22.16
CA ALA B 498 -13.65 32.15 -20.75
C ALA B 498 -14.06 30.74 -20.30
N LYS B 499 -14.75 30.01 -21.18
CA LYS B 499 -15.16 28.65 -20.85
C LYS B 499 -13.92 27.81 -20.59
N LEU B 500 -12.94 27.96 -21.48
CA LEU B 500 -11.69 27.25 -21.32
C LEU B 500 -10.99 27.70 -20.05
N ALA B 501 -10.99 29.02 -19.78
CA ALA B 501 -10.36 29.53 -18.58
C ALA B 501 -10.99 28.96 -17.32
N LEU B 502 -12.30 28.69 -17.36
CA LEU B 502 -12.94 28.13 -16.18
C LEU B 502 -12.41 26.73 -15.96
N ILE B 503 -12.20 26.00 -17.06
CA ILE B 503 -11.68 24.66 -16.85
C ILE B 503 -10.24 24.75 -16.35
N ARG B 504 -9.50 25.79 -16.76
CA ARG B 504 -8.11 25.97 -16.34
C ARG B 504 -8.03 26.17 -14.82
N GLN B 505 -8.98 26.95 -14.34
CA GLN B 505 -9.15 27.30 -12.92
C GLN B 505 -9.53 26.08 -12.10
N TYR B 506 -10.48 25.29 -12.60
CA TYR B 506 -10.89 24.10 -11.87
C TYR B 506 -9.79 23.03 -11.91
N GLN B 507 -9.10 22.89 -13.03
CA GLN B 507 -8.08 21.86 -13.20
C GLN B 507 -6.83 22.17 -12.40
N ALA B 508 -6.60 23.45 -12.07
CA ALA B 508 -5.46 23.80 -11.23
C ALA B 508 -5.71 23.42 -9.78
N GLU B 509 -6.96 23.43 -9.34
CA GLU B 509 -7.31 23.06 -7.97
C GLU B 509 -7.29 21.56 -7.73
N GLY B 510 -6.99 20.76 -8.75
CA GLY B 510 -7.00 19.31 -8.59
C GLY B 510 -8.39 18.72 -8.59
N ARG B 511 -9.21 19.16 -9.52
CA ARG B 511 -10.60 18.71 -9.67
C ARG B 511 -10.79 18.37 -11.13
N LEU B 512 -10.97 17.09 -11.45
CA LEU B 512 -11.22 16.73 -12.84
C LEU B 512 -12.50 17.42 -13.30
N VAL B 513 -12.42 18.05 -14.45
CA VAL B 513 -13.52 18.79 -15.04
C VAL B 513 -14.10 17.96 -16.16
N ALA B 514 -15.43 17.86 -16.19
CA ALA B 514 -16.13 17.14 -17.25
C ALA B 514 -17.04 18.10 -17.97
N MET B 515 -16.92 18.11 -19.30
CA MET B 515 -17.64 19.02 -20.19
C MET B 515 -18.67 18.30 -21.02
N THR B 516 -19.94 18.51 -20.73
CA THR B 516 -20.98 18.01 -21.60
C THR B 516 -21.33 19.23 -22.43
N GLY B 517 -20.84 19.28 -23.66
CA GLY B 517 -21.19 20.35 -24.57
C GLY B 517 -21.50 19.85 -25.97
N ASP B 518 -22.05 20.76 -26.77
CA ASP B 518 -22.48 20.40 -28.13
C ASP B 518 -21.84 21.21 -29.24
N GLY B 519 -21.85 22.55 -29.16
CA GLY B 519 -21.40 23.28 -30.34
C GLY B 519 -19.90 23.28 -30.63
N THR B 520 -19.57 23.91 -31.76
CA THR B 520 -18.18 24.09 -32.22
C THR B 520 -17.47 25.09 -31.31
N ASN B 521 -18.23 26.01 -30.75
CA ASN B 521 -17.72 27.03 -29.86
C ASN B 521 -17.07 26.41 -28.63
N ASP B 522 -17.68 25.37 -28.09
CA ASP B 522 -17.17 24.68 -26.91
C ASP B 522 -16.23 23.52 -27.21
N ALA B 523 -15.90 23.26 -28.50
CA ALA B 523 -14.99 22.21 -28.94
C ALA B 523 -13.67 22.25 -28.17
N PRO B 524 -12.86 23.31 -28.27
CA PRO B 524 -11.60 23.31 -27.50
C PRO B 524 -11.79 23.15 -26.01
N ALA B 525 -12.89 23.62 -25.44
CA ALA B 525 -13.07 23.47 -24.00
C ALA B 525 -13.32 22.00 -23.69
N LEU B 526 -14.09 21.37 -24.57
CA LEU B 526 -14.34 19.93 -24.54
C LEU B 526 -13.00 19.19 -24.50
N ALA B 527 -12.10 19.54 -25.42
CA ALA B 527 -10.81 18.87 -25.53
C ALA B 527 -9.95 19.10 -24.30
N GLN B 528 -9.94 20.32 -23.78
CA GLN B 528 -9.14 20.66 -22.62
C GLN B 528 -9.56 19.88 -21.39
N ALA B 529 -10.87 19.73 -21.16
CA ALA B 529 -11.33 19.01 -19.98
C ALA B 529 -10.86 17.56 -20.05
N ASP B 530 -10.70 16.97 -18.87
CA ASP B 530 -10.24 15.59 -18.78
C ASP B 530 -11.30 14.62 -19.28
N VAL B 531 -12.51 14.72 -18.76
CA VAL B 531 -13.60 13.85 -19.16
C VAL B 531 -14.55 14.68 -19.98
N ALA B 532 -15.26 14.05 -20.90
CA ALA B 532 -16.19 14.86 -21.68
C ALA B 532 -17.31 13.98 -22.19
N VAL B 533 -18.42 14.61 -22.55
CA VAL B 533 -19.54 13.92 -23.15
C VAL B 533 -19.86 14.73 -24.39
N ALA B 534 -19.67 14.17 -25.57
CA ALA B 534 -19.92 14.92 -26.79
C ALA B 534 -21.31 14.50 -27.25
N MET B 535 -22.23 15.45 -27.30
CA MET B 535 -23.58 15.10 -27.70
C MET B 535 -23.63 14.82 -29.19
N ASN B 536 -24.36 13.77 -29.57
CA ASN B 536 -24.51 13.41 -30.98
C ASN B 536 -25.09 14.60 -31.74
N SER B 537 -25.91 15.43 -31.10
CA SER B 537 -26.37 16.67 -31.72
C SER B 537 -25.21 17.62 -31.47
N GLY B 538 -24.16 17.41 -32.25
CA GLY B 538 -22.90 18.12 -32.11
C GLY B 538 -22.06 17.92 -33.33
N THR B 539 -21.08 18.79 -33.50
CA THR B 539 -20.20 18.77 -34.67
C THR B 539 -19.11 17.71 -34.56
N GLN B 540 -18.61 17.32 -35.73
CA GLN B 540 -17.55 16.33 -35.87
C GLN B 540 -16.28 16.76 -35.15
N ALA B 541 -15.96 18.05 -35.22
CA ALA B 541 -14.81 18.55 -34.49
C ALA B 541 -15.02 18.35 -32.99
N ALA B 542 -16.22 18.61 -32.49
CA ALA B 542 -16.49 18.37 -31.08
C ALA B 542 -16.35 16.88 -30.74
N LYS B 543 -17.14 16.01 -31.38
CA LYS B 543 -17.04 14.57 -31.18
C LYS B 543 -15.61 14.02 -31.18
N GLU B 544 -14.82 14.31 -32.22
CA GLU B 544 -13.46 13.77 -32.28
C GLU B 544 -12.63 14.19 -31.08
N ALA B 545 -12.88 15.39 -30.55
CA ALA B 545 -12.16 15.94 -29.42
C ALA B 545 -12.71 15.52 -28.07
N GLY B 546 -13.82 14.78 -28.01
CA GLY B 546 -14.42 14.34 -26.76
C GLY B 546 -14.22 12.85 -26.61
N ASN B 547 -13.78 12.44 -25.41
CA ASN B 547 -13.53 11.03 -25.18
C ASN B 547 -14.78 10.19 -25.27
N MET B 548 -15.93 10.72 -24.87
CA MET B 548 -17.19 10.00 -24.90
C MET B 548 -18.18 10.76 -25.73
N VAL B 549 -18.93 10.05 -26.57
CA VAL B 549 -19.91 10.66 -27.45
C VAL B 549 -21.27 10.12 -27.05
N ASP B 550 -22.15 11.01 -26.62
CA ASP B 550 -23.46 10.58 -26.18
C ASP B 550 -24.41 10.55 -27.36
N LEU B 551 -25.31 9.57 -27.37
CA LEU B 551 -26.29 9.43 -28.44
C LEU B 551 -27.67 9.92 -28.03
N ASP B 552 -28.06 9.74 -26.77
CA ASP B 552 -29.31 10.29 -26.28
C ASP B 552 -29.31 11.82 -26.23
N SER B 553 -28.15 12.45 -26.36
CA SER B 553 -27.98 13.90 -26.24
C SER B 553 -28.74 14.51 -25.07
N ASN B 554 -28.59 13.88 -23.90
CA ASN B 554 -29.16 14.38 -22.66
C ASN B 554 -28.03 14.63 -21.67
N PRO B 555 -27.95 15.82 -21.06
CA PRO B 555 -26.76 16.24 -20.29
C PRO B 555 -26.39 15.36 -19.11
N THR B 556 -27.34 14.62 -18.57
CA THR B 556 -27.18 13.68 -17.50
C THR B 556 -26.67 12.30 -17.92
N LYS B 557 -26.28 12.15 -19.17
CA LYS B 557 -25.62 10.93 -19.60
C LYS B 557 -24.37 10.68 -18.77
N LEU B 558 -23.69 11.74 -18.33
CA LEU B 558 -22.53 11.55 -17.48
C LEU B 558 -22.90 10.83 -16.19
N ILE B 559 -24.15 10.94 -15.73
CA ILE B 559 -24.60 10.15 -14.57
C ILE B 559 -24.34 8.68 -14.87
N GLU B 560 -24.88 8.20 -15.99
CA GLU B 560 -24.69 6.82 -16.42
C GLU B 560 -23.19 6.51 -16.47
N VAL B 561 -22.43 7.40 -17.10
CA VAL B 561 -20.99 7.22 -17.26
C VAL B 561 -20.33 6.96 -15.91
N VAL B 562 -20.58 7.85 -14.95
CA VAL B 562 -20.01 7.72 -13.62
C VAL B 562 -20.40 6.37 -13.03
N HIS B 563 -21.68 6.00 -13.15
CA HIS B 563 -22.15 4.73 -12.62
C HIS B 563 -21.30 3.60 -13.17
N ILE B 564 -21.05 3.62 -14.47
CA ILE B 564 -20.29 2.54 -15.10
C ILE B 564 -18.85 2.58 -14.60
N GLY B 565 -18.21 3.74 -14.65
CA GLY B 565 -16.81 3.82 -14.27
C GLY B 565 -16.61 3.35 -12.84
N LYS B 566 -17.38 3.93 -11.91
CA LYS B 566 -17.40 3.46 -10.53
C LYS B 566 -17.51 1.94 -10.50
N GLN B 567 -18.59 1.39 -11.08
CA GLN B 567 -18.82 -0.06 -11.08
C GLN B 567 -17.57 -0.81 -11.50
N MET B 568 -16.94 -0.38 -12.59
CA MET B 568 -15.72 -1.04 -13.06
C MET B 568 -14.71 -1.13 -11.93
N LEU B 569 -14.29 0.02 -11.40
CA LEU B 569 -13.30 0.01 -10.32
C LEU B 569 -13.79 -0.78 -9.11
N MET B 570 -15.07 -0.62 -8.77
CA MET B 570 -15.69 -1.34 -7.67
C MET B 570 -15.44 -2.83 -7.81
N THR B 571 -15.83 -3.37 -8.97
CA THR B 571 -15.69 -4.79 -9.24
C THR B 571 -14.25 -5.23 -9.11
N ARG B 572 -13.33 -4.44 -9.67
CA ARG B 572 -11.90 -4.74 -9.58
C ARG B 572 -11.46 -4.91 -8.13
N GLY B 573 -11.60 -3.83 -7.36
CA GLY B 573 -11.16 -3.85 -5.97
C GLY B 573 -11.90 -4.88 -5.15
N SER B 574 -13.22 -5.00 -5.34
CA SER B 574 -13.99 -5.96 -4.56
C SER B 574 -13.53 -7.37 -4.84
N LEU B 575 -13.36 -7.73 -6.10
CA LEU B 575 -12.91 -9.07 -6.40
C LEU B 575 -11.54 -9.30 -5.77
N THR B 576 -10.70 -8.25 -5.72
CA THR B 576 -9.40 -8.40 -5.06
C THR B 576 -9.59 -8.77 -3.59
N THR B 577 -10.42 -8.00 -2.87
CA THR B 577 -10.66 -8.28 -1.46
C THR B 577 -11.16 -9.69 -1.30
N PHE B 578 -12.11 -10.08 -2.15
CA PHE B 578 -12.68 -11.41 -2.13
C PHE B 578 -11.58 -12.46 -2.27
N SER B 579 -10.74 -12.32 -3.30
CA SER B 579 -9.71 -13.32 -3.60
C SER B 579 -8.76 -13.51 -2.43
N ILE B 580 -8.21 -12.41 -1.90
CA ILE B 580 -7.28 -12.58 -0.79
C ILE B 580 -8.02 -13.18 0.41
N ALA B 581 -9.24 -12.75 0.69
CA ALA B 581 -9.94 -13.38 1.82
C ALA B 581 -10.10 -14.88 1.58
N ASN B 582 -10.34 -15.27 0.33
CA ASN B 582 -10.53 -16.67 -0.04
C ASN B 582 -9.33 -17.51 0.35
N ASP B 583 -8.14 -16.94 0.18
CA ASP B 583 -6.91 -17.66 0.53
C ASP B 583 -6.94 -18.20 1.97
N VAL B 584 -7.45 -17.44 2.94
CA VAL B 584 -7.46 -17.90 4.34
C VAL B 584 -8.15 -19.27 4.46
N ALA B 585 -9.41 -19.33 4.03
CA ALA B 585 -10.14 -20.58 4.12
C ALA B 585 -9.41 -21.69 3.35
N LYS B 586 -8.92 -21.37 2.16
CA LYS B 586 -8.25 -22.40 1.41
C LYS B 586 -6.99 -22.89 2.10
N TYR B 587 -6.35 -22.05 2.92
CA TYR B 587 -5.30 -22.57 3.77
C TYR B 587 -5.84 -23.60 4.72
N PHE B 588 -6.94 -23.27 5.41
CA PHE B 588 -7.49 -24.24 6.36
C PHE B 588 -7.89 -25.54 5.70
N ALA B 589 -8.04 -25.57 4.37
CA ALA B 589 -8.30 -26.83 3.69
C ALA B 589 -7.04 -27.56 3.27
N ILE B 590 -5.99 -26.86 2.85
CA ILE B 590 -4.81 -27.53 2.30
C ILE B 590 -3.77 -27.87 3.36
N ILE B 591 -3.56 -27.00 4.33
CA ILE B 591 -2.51 -27.13 5.34
C ILE B 591 -2.64 -28.45 6.08
N PRO B 592 -3.77 -28.76 6.71
CA PRO B 592 -3.85 -30.02 7.45
C PRO B 592 -3.89 -31.23 6.55
N ALA B 593 -4.24 -31.07 5.28
CA ALA B 593 -4.31 -32.17 4.31
C ALA B 593 -2.96 -32.44 3.66
N ALA B 594 -2.27 -31.41 3.21
CA ALA B 594 -0.98 -31.61 2.56
C ALA B 594 0.04 -32.24 3.50
N PHE B 595 0.10 -31.83 4.76
CA PHE B 595 1.01 -32.44 5.72
C PHE B 595 0.31 -33.39 6.69
N ALA B 596 -0.66 -34.16 6.20
CA ALA B 596 -1.25 -35.20 7.03
C ALA B 596 -0.30 -36.35 7.28
N ALA B 597 0.59 -36.66 6.34
CA ALA B 597 1.54 -37.76 6.47
C ALA B 597 2.90 -37.39 7.05
N THR B 598 3.14 -36.12 7.35
CA THR B 598 4.40 -35.66 7.93
C THR B 598 4.22 -35.14 9.33
N TYR B 599 3.12 -34.44 9.57
CA TYR B 599 2.80 -33.87 10.88
C TYR B 599 1.33 -34.14 11.16
N PRO B 600 1.00 -35.37 11.60
CA PRO B 600 -0.39 -35.72 11.93
C PRO B 600 -1.02 -34.80 12.95
N GLN B 601 -0.19 -34.15 13.77
CA GLN B 601 -0.68 -33.17 14.73
C GLN B 601 -1.47 -32.08 14.03
N LEU B 602 -1.00 -31.62 12.87
CA LEU B 602 -1.71 -30.60 12.11
C LEU B 602 -3.11 -31.03 11.67
N ASN B 603 -3.51 -32.29 11.86
CA ASN B 603 -4.84 -32.72 11.45
C ASN B 603 -5.85 -32.08 12.35
N ALA B 604 -5.50 -31.83 13.61
CA ALA B 604 -6.41 -31.12 14.47
C ALA B 604 -6.61 -29.69 14.00
N LEU B 605 -5.69 -29.14 13.21
CA LEU B 605 -5.81 -27.78 12.72
C LEU B 605 -6.90 -27.66 11.67
N ASN B 606 -7.46 -28.78 11.22
CA ASN B 606 -8.53 -28.82 10.23
C ASN B 606 -9.80 -28.48 10.98
N ILE B 607 -10.40 -27.33 10.68
CA ILE B 607 -11.59 -26.86 11.38
C ILE B 607 -12.83 -27.18 10.57
N MET B 608 -12.71 -27.21 9.24
CA MET B 608 -13.86 -27.52 8.42
C MET B 608 -14.30 -28.97 8.59
N CYS B 609 -13.48 -29.82 9.21
CA CYS B 609 -13.83 -31.21 9.45
C CYS B 609 -14.09 -31.93 8.14
N LEU B 610 -13.15 -31.80 7.21
CA LEU B 610 -13.28 -32.43 5.91
C LEU B 610 -13.10 -33.93 6.05
N HIS B 611 -13.34 -34.64 4.96
CA HIS B 611 -13.36 -36.09 5.03
C HIS B 611 -11.97 -36.71 5.06
N SER B 612 -11.18 -36.46 4.02
CA SER B 612 -9.86 -37.03 3.85
C SER B 612 -8.93 -36.01 3.23
N PRO B 613 -7.61 -36.16 3.40
CA PRO B 613 -6.70 -35.16 2.81
C PRO B 613 -6.88 -35.03 1.32
N ASP B 614 -6.97 -36.16 0.61
CA ASP B 614 -7.19 -36.14 -0.82
C ASP B 614 -8.40 -35.29 -1.11
N SER B 615 -9.51 -35.61 -0.46
CA SER B 615 -10.77 -34.93 -0.69
C SER B 615 -10.70 -33.47 -0.26
N ALA B 616 -9.97 -33.16 0.80
CA ALA B 616 -9.83 -31.77 1.19
C ALA B 616 -9.17 -30.95 0.09
N ILE B 617 -8.06 -31.45 -0.46
CA ILE B 617 -7.37 -30.69 -1.50
C ILE B 617 -8.23 -30.65 -2.74
N LEU B 618 -8.98 -31.72 -3.00
CA LEU B 618 -9.85 -31.73 -4.18
C LEU B 618 -10.92 -30.66 -4.03
N SER B 619 -11.55 -30.59 -2.85
CA SER B 619 -12.58 -29.60 -2.62
C SER B 619 -12.02 -28.20 -2.77
N ALA B 620 -10.80 -27.98 -2.30
CA ALA B 620 -10.17 -26.68 -2.47
C ALA B 620 -10.07 -26.33 -3.95
N VAL B 621 -9.53 -27.25 -4.76
CA VAL B 621 -9.35 -26.96 -6.19
C VAL B 621 -10.70 -26.80 -6.87
N ILE B 622 -11.67 -27.63 -6.51
CA ILE B 622 -12.99 -27.56 -7.13
C ILE B 622 -13.64 -26.22 -6.83
N PHE B 623 -13.53 -25.75 -5.61
CA PHE B 623 -14.06 -24.45 -5.28
C PHE B 623 -13.33 -23.37 -6.06
N ASN B 624 -12.01 -23.46 -6.12
CA ASN B 624 -11.22 -22.47 -6.86
C ASN B 624 -11.67 -22.37 -8.29
N ALA B 625 -12.11 -23.48 -8.88
CA ALA B 625 -12.56 -23.45 -10.26
C ALA B 625 -13.99 -22.94 -10.36
N LEU B 626 -14.90 -23.43 -9.52
CA LEU B 626 -16.30 -23.09 -9.68
C LEU B 626 -16.62 -21.65 -9.29
N ILE B 627 -15.81 -21.02 -8.46
CA ILE B 627 -16.12 -19.66 -8.00
C ILE B 627 -15.82 -18.62 -9.07
N ILE B 628 -15.13 -19.01 -10.13
CA ILE B 628 -15.02 -18.16 -11.31
C ILE B 628 -16.32 -18.20 -12.07
N VAL B 629 -16.91 -19.37 -12.29
CA VAL B 629 -18.17 -19.40 -13.00
C VAL B 629 -19.25 -18.69 -12.20
N PHE B 630 -19.30 -18.93 -10.89
CA PHE B 630 -20.33 -18.27 -10.08
C PHE B 630 -20.13 -16.77 -10.02
N LEU B 631 -18.94 -16.25 -10.30
CA LEU B 631 -18.72 -14.81 -10.32
C LEU B 631 -18.73 -14.21 -11.72
N ILE B 632 -18.82 -15.01 -12.77
CA ILE B 632 -18.96 -14.51 -14.14
C ILE B 632 -20.09 -13.49 -14.19
N PRO B 633 -21.32 -13.79 -13.80
CA PRO B 633 -22.35 -12.75 -13.87
C PRO B 633 -22.04 -11.53 -13.05
N LEU B 634 -21.42 -11.68 -11.87
CA LEU B 634 -21.04 -10.50 -11.11
C LEU B 634 -20.03 -9.67 -11.88
N ALA B 635 -19.10 -10.31 -12.57
CA ALA B 635 -18.10 -9.57 -13.32
C ALA B 635 -18.70 -8.90 -14.54
N LEU B 636 -19.70 -9.52 -15.17
CA LEU B 636 -20.27 -8.91 -16.37
C LEU B 636 -21.22 -7.77 -16.01
N LYS B 637 -22.06 -7.96 -15.00
CA LYS B 637 -23.00 -6.92 -14.60
C LYS B 637 -22.36 -5.86 -13.72
N GLY B 638 -21.22 -6.15 -13.11
CA GLY B 638 -20.53 -5.22 -12.24
C GLY B 638 -21.11 -5.36 -10.85
N VAL B 639 -20.70 -4.46 -9.97
CA VAL B 639 -21.21 -4.47 -8.60
C VAL B 639 -22.29 -3.40 -8.54
N SER B 640 -23.53 -3.79 -8.25
CA SER B 640 -24.61 -2.83 -8.17
C SER B 640 -24.42 -1.99 -6.92
N TYR B 641 -23.55 -0.99 -7.01
CA TYR B 641 -23.30 -0.16 -5.86
C TYR B 641 -24.39 0.90 -5.74
N LYS B 642 -24.62 1.36 -4.52
CA LYS B 642 -25.59 2.39 -4.21
C LYS B 642 -24.88 3.72 -4.00
N PRO B 643 -25.56 4.86 -4.19
CA PRO B 643 -24.90 6.15 -3.98
C PRO B 643 -24.65 6.42 -2.50
N LEU B 644 -23.41 6.26 -2.05
CA LEU B 644 -23.04 6.46 -0.64
C LEU B 644 -21.83 7.38 -0.57
N THR B 645 -21.44 7.72 0.65
CA THR B 645 -20.19 8.42 0.90
C THR B 645 -19.01 7.47 0.80
N ALA B 646 -17.81 8.03 0.85
CA ALA B 646 -16.61 7.22 0.75
C ALA B 646 -16.48 6.24 1.89
N SER B 647 -16.65 6.70 3.12
CA SER B 647 -16.44 5.80 4.26
C SER B 647 -17.55 4.78 4.35
N ALA B 648 -18.78 5.18 4.09
CA ALA B 648 -19.87 4.21 4.10
C ALA B 648 -19.78 3.26 2.92
N MET B 649 -19.35 3.74 1.75
CA MET B 649 -19.24 2.83 0.62
C MET B 649 -18.13 1.83 0.86
N LEU B 650 -17.01 2.26 1.44
CA LEU B 650 -15.96 1.32 1.80
C LEU B 650 -16.50 0.31 2.81
N ARG B 651 -17.28 0.78 3.78
CA ARG B 651 -17.85 -0.12 4.78
C ARG B 651 -18.70 -1.19 4.12
N ARG B 652 -19.57 -0.78 3.19
CA ARG B 652 -20.44 -1.75 2.55
C ARG B 652 -19.66 -2.73 1.70
N ASN B 653 -18.76 -2.22 0.86
CA ASN B 653 -17.98 -3.11 0.00
C ASN B 653 -17.18 -4.10 0.83
N LEU B 654 -16.59 -3.66 1.94
CA LEU B 654 -15.82 -4.59 2.74
C LEU B 654 -16.74 -5.57 3.45
N TRP B 655 -17.82 -5.09 4.07
CA TRP B 655 -18.74 -5.99 4.75
C TRP B 655 -19.24 -7.09 3.83
N ILE B 656 -19.57 -6.73 2.58
CA ILE B 656 -20.06 -7.75 1.66
C ILE B 656 -18.91 -8.66 1.24
N TYR B 657 -17.92 -8.10 0.55
CA TYR B 657 -16.94 -8.93 -0.13
C TYR B 657 -15.80 -9.38 0.75
N GLY B 658 -15.30 -8.52 1.64
CA GLY B 658 -14.25 -8.94 2.54
C GLY B 658 -14.67 -10.12 3.41
N LEU B 659 -15.90 -10.07 3.93
CA LEU B 659 -16.42 -11.19 4.74
C LEU B 659 -16.97 -12.29 3.86
N GLY B 660 -17.44 -11.97 2.67
CA GLY B 660 -17.86 -13.03 1.79
C GLY B 660 -16.68 -13.88 1.42
N GLY B 661 -15.57 -13.25 1.02
CA GLY B 661 -14.38 -14.01 0.72
C GLY B 661 -13.83 -14.83 1.86
N LEU B 662 -14.27 -14.57 3.09
CA LEU B 662 -13.87 -15.41 4.21
C LEU B 662 -14.87 -16.54 4.42
N LEU B 663 -16.17 -16.22 4.45
CA LEU B 663 -17.20 -17.20 4.79
C LEU B 663 -17.62 -18.06 3.61
N VAL B 664 -17.77 -17.47 2.42
CA VAL B 664 -18.12 -18.23 1.22
C VAL B 664 -17.21 -19.44 1.03
N PRO B 665 -15.89 -19.32 1.03
CA PRO B 665 -15.07 -20.51 0.81
C PRO B 665 -15.22 -21.55 1.90
N PHE B 666 -15.41 -21.16 3.16
CA PHE B 666 -15.62 -22.15 4.20
C PHE B 666 -16.82 -23.02 3.86
N ILE B 667 -17.98 -22.38 3.68
CA ILE B 667 -19.20 -23.12 3.40
C ILE B 667 -19.09 -23.84 2.07
N GLY B 668 -18.44 -23.22 1.08
CA GLY B 668 -18.34 -23.84 -0.23
C GLY B 668 -17.44 -25.05 -0.25
N ILE B 669 -16.28 -24.96 0.37
CA ILE B 669 -15.40 -26.12 0.50
C ILE B 669 -16.12 -27.23 1.26
N LYS B 670 -16.85 -26.88 2.32
CA LYS B 670 -17.57 -27.94 3.04
C LYS B 670 -18.64 -28.57 2.18
N VAL B 671 -19.33 -27.77 1.38
CA VAL B 671 -20.42 -28.23 0.52
C VAL B 671 -19.89 -29.15 -0.57
N ILE B 672 -18.73 -28.81 -1.12
CA ILE B 672 -18.11 -29.63 -2.15
C ILE B 672 -17.56 -30.90 -1.53
N ASP B 673 -16.95 -30.80 -0.35
CA ASP B 673 -16.45 -32.00 0.30
C ASP B 673 -17.58 -32.95 0.62
N LEU B 674 -18.71 -32.42 1.08
CA LEU B 674 -19.86 -33.28 1.36
C LEU B 674 -20.39 -33.89 0.07
N LEU B 675 -20.37 -33.15 -1.04
CA LEU B 675 -20.80 -33.75 -2.29
C LEU B 675 -19.88 -34.88 -2.73
N LEU B 676 -18.56 -34.70 -2.60
CA LEU B 676 -17.65 -35.79 -2.94
C LEU B 676 -17.86 -36.98 -2.02
N THR B 677 -18.19 -36.71 -0.76
CA THR B 677 -18.36 -37.75 0.26
C THR B 677 -19.64 -38.54 0.03
N VAL B 678 -20.67 -37.88 -0.49
CA VAL B 678 -21.93 -38.55 -0.80
C VAL B 678 -21.83 -39.30 -2.12
N CYS B 679 -21.19 -38.70 -3.11
CA CYS B 679 -21.03 -39.37 -4.40
C CYS B 679 -20.01 -40.50 -4.34
N GLY B 680 -19.21 -40.58 -3.27
CA GLY B 680 -18.25 -41.65 -3.16
C GLY B 680 -17.10 -41.58 -4.13
N LEU B 681 -16.74 -40.39 -4.57
CA LEU B 681 -15.62 -40.25 -5.49
C LEU B 681 -14.30 -40.36 -4.73
N VAL B 682 -14.17 -39.67 -3.61
CA VAL B 682 -12.96 -39.74 -2.80
C VAL B 682 -13.29 -39.74 -1.32
N GLY C 3 30.52 14.48 -6.23
CA GLY C 3 30.76 15.25 -5.02
C GLY C 3 30.92 14.40 -3.77
N LEU C 4 32.10 13.78 -3.63
CA LEU C 4 32.40 12.91 -2.50
C LEU C 4 33.03 13.65 -1.32
N ARG C 5 33.37 14.93 -1.47
CA ARG C 5 33.98 15.65 -0.37
C ARG C 5 33.00 15.73 0.79
N PRO C 6 31.71 16.03 0.58
CA PRO C 6 30.80 16.02 1.73
C PRO C 6 30.63 14.63 2.29
N ALA C 7 30.55 13.61 1.44
CA ALA C 7 30.33 12.25 1.94
C ALA C 7 31.47 11.80 2.85
N LEU C 8 32.71 12.12 2.47
CA LEU C 8 33.83 11.70 3.30
C LEU C 8 33.94 12.57 4.54
N SER C 9 33.71 13.88 4.40
CA SER C 9 33.79 14.75 5.57
C SER C 9 32.72 14.41 6.58
N THR C 10 31.48 14.21 6.11
CA THR C 10 30.42 13.84 7.02
C THR C 10 30.70 12.51 7.70
N PHE C 11 31.17 11.52 6.94
CA PHE C 11 31.44 10.24 7.59
C PHE C 11 32.53 10.37 8.63
N ILE C 12 33.61 11.09 8.34
CA ILE C 12 34.68 11.20 9.31
C ILE C 12 34.25 12.02 10.51
N PHE C 13 33.46 13.06 10.29
CA PHE C 13 33.02 13.88 11.42
C PHE C 13 32.13 13.07 12.34
N LEU C 14 31.13 12.39 11.80
CA LEU C 14 30.27 11.58 12.65
C LEU C 14 31.04 10.41 13.24
N LEU C 15 32.01 9.86 12.52
CA LEU C 15 32.86 8.83 13.08
C LEU C 15 33.55 9.36 14.32
N LEU C 16 34.27 10.48 14.21
CA LEU C 16 34.95 11.03 15.38
C LEU C 16 33.97 11.31 16.49
N ILE C 17 32.88 12.04 16.22
CA ILE C 17 31.94 12.38 17.30
C ILE C 17 31.42 11.10 17.94
N THR C 18 30.60 10.36 17.20
CA THR C 18 29.90 9.21 17.79
C THR C 18 30.86 8.17 18.35
N GLY C 19 32.07 8.05 17.81
CA GLY C 19 32.97 6.99 18.22
C GLY C 19 33.98 7.41 19.25
N GLY C 20 34.32 8.70 19.33
CA GLY C 20 35.32 9.17 20.26
C GLY C 20 34.78 10.13 21.29
N VAL C 21 33.96 11.11 20.92
CA VAL C 21 33.50 12.09 21.88
C VAL C 21 32.33 11.53 22.67
N TYR C 22 31.41 10.84 22.01
CA TYR C 22 30.28 10.24 22.71
C TYR C 22 30.72 9.25 23.78
N PRO C 23 31.52 8.22 23.46
CA PRO C 23 31.98 7.34 24.54
C PRO C 23 32.94 8.01 25.47
N LEU C 24 33.79 8.94 25.01
CA LEU C 24 34.66 9.63 25.95
C LEU C 24 33.86 10.46 26.93
N LEU C 25 32.90 11.23 26.42
CA LEU C 25 32.07 12.02 27.32
C LEU C 25 31.28 11.13 28.26
N THR C 26 30.70 10.05 27.75
CA THR C 26 29.94 9.16 28.61
C THR C 26 30.82 8.54 29.67
N THR C 27 32.05 8.16 29.32
CA THR C 27 32.94 7.53 30.30
C THR C 27 33.41 8.54 31.32
N VAL C 28 33.73 9.75 30.91
CA VAL C 28 34.14 10.77 31.87
C VAL C 28 33.03 11.05 32.85
N LEU C 29 31.82 11.29 32.35
CA LEU C 29 30.71 11.59 33.23
C LEU C 29 30.35 10.39 34.11
N GLY C 30 30.46 9.18 33.58
CA GLY C 30 30.16 8.00 34.37
C GLY C 30 31.17 7.84 35.49
N GLN C 31 32.46 7.87 35.16
CA GLN C 31 33.50 7.76 36.15
C GLN C 31 33.52 8.95 37.12
N TRP C 32 32.90 10.08 36.75
CA TRP C 32 32.85 11.24 37.63
C TRP C 32 31.70 11.13 38.62
N TRP C 33 30.52 10.79 38.14
CA TRP C 33 29.32 10.72 38.97
C TRP C 33 29.12 9.37 39.61
N PHE C 34 29.15 8.29 38.83
CA PHE C 34 28.85 6.95 39.30
C PHE C 34 30.05 6.05 39.05
N PRO C 35 31.14 6.23 39.81
CA PRO C 35 32.30 5.37 39.61
C PRO C 35 32.06 3.94 40.00
N TRP C 36 31.36 3.69 41.12
CA TRP C 36 31.13 2.32 41.56
C TRP C 36 30.38 1.53 40.52
N GLN C 37 29.23 2.05 40.07
CA GLN C 37 28.46 1.33 39.07
C GLN C 37 29.23 1.23 37.75
N ALA C 38 29.92 2.29 37.37
CA ALA C 38 30.65 2.28 36.10
C ALA C 38 31.76 1.25 36.08
N ASN C 39 32.33 0.91 37.23
CA ASN C 39 33.38 -0.08 37.30
C ASN C 39 32.85 -1.49 37.47
N GLY C 40 31.53 -1.66 37.52
CA GLY C 40 30.91 -2.96 37.58
C GLY C 40 30.31 -3.33 38.91
N SER C 41 30.22 -2.39 39.84
CA SER C 41 29.66 -2.64 41.14
C SER C 41 30.35 -3.82 41.82
N LEU C 42 31.68 -3.73 41.91
CA LEU C 42 32.46 -4.80 42.48
C LEU C 42 32.34 -4.80 44.00
N ILE C 43 32.41 -5.99 44.58
CA ILE C 43 32.39 -6.20 46.01
C ILE C 43 33.80 -6.60 46.41
N ARG C 44 34.49 -5.73 47.12
CA ARG C 44 35.86 -5.95 47.53
C ARG C 44 35.96 -6.10 49.03
N GLU C 45 36.69 -7.11 49.46
CA GLU C 45 37.00 -7.38 50.86
C GLU C 45 38.51 -7.41 50.97
N GLY C 46 39.11 -6.24 51.12
CA GLY C 46 40.56 -6.14 51.10
C GLY C 46 41.05 -5.87 49.70
N ASP C 47 42.07 -6.62 49.29
CA ASP C 47 42.65 -6.46 47.96
C ASP C 47 42.00 -7.36 46.92
N THR C 48 41.27 -8.40 47.32
CA THR C 48 40.65 -9.33 46.39
C THR C 48 39.20 -8.96 46.14
N VAL C 49 38.76 -9.21 44.92
CA VAL C 49 37.40 -8.91 44.49
C VAL C 49 36.55 -10.15 44.68
N ARG C 50 35.52 -10.05 45.52
CA ARG C 50 34.64 -11.16 45.82
C ARG C 50 33.55 -11.35 44.78
N GLY C 51 33.48 -10.51 43.76
CA GLY C 51 32.52 -10.60 42.70
C GLY C 51 31.86 -9.28 42.46
N SER C 52 30.70 -9.33 41.85
CA SER C 52 29.94 -8.13 41.60
C SER C 52 28.58 -8.24 42.25
N ALA C 53 27.94 -7.10 42.40
CA ALA C 53 26.58 -7.02 42.90
C ALA C 53 25.56 -7.13 41.79
N LEU C 54 25.96 -7.52 40.60
CA LEU C 54 25.05 -7.78 39.49
C LEU C 54 25.32 -9.14 38.88
N ILE C 55 26.57 -9.50 38.68
CA ILE C 55 26.92 -10.79 38.10
C ILE C 55 26.85 -11.84 39.20
N GLY C 56 26.30 -13.01 38.87
CA GLY C 56 26.06 -14.06 39.82
C GLY C 56 27.11 -15.16 39.80
N GLN C 57 27.60 -15.49 40.97
CA GLN C 57 28.54 -16.59 41.09
C GLN C 57 27.77 -17.91 41.18
N ASN C 58 28.48 -19.03 40.98
CA ASN C 58 27.89 -20.36 41.05
C ASN C 58 27.97 -20.85 42.49
N PHE C 59 26.84 -21.01 43.17
CA PHE C 59 26.84 -21.48 44.55
C PHE C 59 26.39 -22.92 44.67
N THR C 60 27.26 -23.78 45.20
CA THR C 60 26.96 -25.19 45.41
C THR C 60 27.05 -25.65 46.86
N GLY C 61 27.52 -24.81 47.76
CA GLY C 61 27.61 -25.21 49.16
C GLY C 61 26.25 -25.45 49.78
N ASN C 62 26.24 -26.28 50.82
CA ASN C 62 24.98 -26.56 51.49
C ASN C 62 24.51 -25.35 52.28
N GLY C 63 25.44 -24.62 52.86
CA GLY C 63 25.10 -23.50 53.70
C GLY C 63 24.79 -22.20 53.01
N TYR C 64 24.89 -22.11 51.68
CA TYR C 64 24.60 -20.90 50.96
C TYR C 64 23.26 -20.98 50.25
N PHE C 65 22.69 -19.83 49.95
CA PHE C 65 21.48 -19.80 49.15
C PHE C 65 21.86 -20.09 47.71
N HIS C 66 21.14 -21.00 47.10
CA HIS C 66 21.37 -21.42 45.73
C HIS C 66 20.57 -20.55 44.78
N GLY C 67 21.14 -20.30 43.61
CA GLY C 67 20.49 -19.52 42.59
C GLY C 67 19.98 -20.40 41.47
N ARG C 68 19.70 -19.78 40.35
CA ARG C 68 19.21 -20.52 39.21
C ARG C 68 20.36 -21.19 38.46
N PRO C 69 20.14 -22.31 37.80
CA PRO C 69 21.24 -22.94 37.09
C PRO C 69 21.64 -22.11 35.88
N SER C 70 22.90 -22.24 35.48
CA SER C 70 23.43 -21.50 34.35
C SER C 70 24.01 -22.43 33.30
N ALA C 71 23.50 -22.36 32.07
CA ALA C 71 23.99 -23.20 30.97
C ALA C 71 25.13 -22.52 30.23
N THR C 72 25.95 -21.76 30.95
CA THR C 72 27.02 -20.97 30.36
C THR C 72 28.35 -21.63 30.00
N ALA C 73 28.54 -22.02 28.73
CA ALA C 73 29.84 -22.62 28.27
C ALA C 73 30.38 -23.79 29.08
N GLU C 74 31.65 -23.71 29.50
CA GLU C 74 32.35 -24.73 30.27
C GLU C 74 31.83 -24.85 31.68
N MET C 75 31.69 -23.74 32.43
CA MET C 75 31.18 -23.95 33.79
C MET C 75 30.09 -22.95 34.12
N PRO C 76 29.18 -23.31 35.03
CA PRO C 76 28.07 -22.43 35.35
C PRO C 76 28.49 -21.09 35.92
N TYR C 77 27.77 -20.03 35.54
CA TYR C 77 28.06 -18.70 36.01
C TYR C 77 29.47 -18.29 35.59
N ASN C 78 29.73 -18.38 34.29
CA ASN C 78 31.00 -18.01 33.67
C ASN C 78 30.78 -16.77 32.79
N PRO C 79 31.11 -15.57 33.28
CA PRO C 79 30.89 -14.34 32.49
C PRO C 79 31.55 -14.32 31.15
N GLN C 80 32.56 -15.13 30.91
CA GLN C 80 33.21 -15.08 29.60
C GLN C 80 32.25 -15.54 28.53
N ALA C 81 31.43 -16.55 28.80
CA ALA C 81 30.54 -17.02 27.76
C ALA C 81 29.18 -16.32 27.74
N SER C 82 28.58 -16.06 28.90
CA SER C 82 27.30 -15.33 29.01
C SER C 82 26.23 -15.93 28.11
N GLY C 83 26.05 -17.23 28.21
CA GLY C 83 25.07 -17.95 27.42
C GLY C 83 23.88 -18.41 28.22
N GLY C 84 22.77 -18.68 27.54
CA GLY C 84 21.57 -19.17 28.17
C GLY C 84 21.21 -20.51 27.58
N SER C 85 20.37 -21.27 28.27
CA SER C 85 20.03 -22.60 27.81
C SER C 85 18.94 -22.55 26.77
N ASN C 86 19.33 -22.51 25.51
CA ASN C 86 18.40 -22.23 24.43
C ASN C 86 17.37 -23.35 24.21
N LEU C 87 17.42 -24.42 24.99
CA LEU C 87 16.56 -25.58 24.78
C LEU C 87 15.10 -25.15 24.76
N ALA C 88 14.38 -25.59 23.75
CA ALA C 88 12.98 -25.27 23.61
C ALA C 88 12.12 -26.17 24.50
N VAL C 89 10.85 -25.78 24.58
CA VAL C 89 9.87 -26.55 25.36
C VAL C 89 9.75 -27.97 24.84
N SER C 90 9.61 -28.14 23.53
CA SER C 90 9.42 -29.48 22.98
C SER C 90 10.66 -30.33 23.05
N ASN C 91 11.83 -29.73 23.17
CA ASN C 91 13.08 -30.47 23.23
C ASN C 91 13.13 -31.34 24.48
N PRO C 92 13.23 -32.67 24.37
CA PRO C 92 13.26 -33.50 25.59
C PRO C 92 14.48 -33.29 26.46
N GLU C 93 15.58 -32.76 25.92
CA GLU C 93 16.74 -32.48 26.75
C GLU C 93 16.36 -31.53 27.87
N LEU C 94 15.50 -30.56 27.58
CA LEU C 94 15.06 -29.62 28.61
C LEU C 94 14.28 -30.35 29.69
N ASP C 95 13.40 -31.28 29.31
CA ASP C 95 12.69 -32.07 30.31
C ASP C 95 13.66 -32.88 31.15
N LYS C 96 14.68 -33.45 30.53
CA LYS C 96 15.67 -34.23 31.28
C LYS C 96 16.38 -33.35 32.31
N LEU C 97 16.82 -32.17 31.89
CA LEU C 97 17.50 -31.27 32.81
C LEU C 97 16.57 -30.82 33.94
N ILE C 98 15.31 -30.53 33.62
CA ILE C 98 14.38 -30.11 34.66
C ILE C 98 14.16 -31.24 35.65
N ALA C 99 14.00 -32.46 35.16
CA ALA C 99 13.82 -33.58 36.07
C ALA C 99 15.02 -33.76 36.98
N ALA C 100 16.23 -33.72 36.41
CA ALA C 100 17.42 -33.88 37.25
C ALA C 100 17.55 -32.77 38.28
N ARG C 101 17.22 -31.53 37.90
CA ARG C 101 17.31 -30.42 38.83
C ARG C 101 16.27 -30.53 39.94
N VAL C 102 15.05 -30.96 39.61
CA VAL C 102 14.04 -31.18 40.64
C VAL C 102 14.53 -32.23 41.61
N ALA C 103 15.09 -33.32 41.09
CA ALA C 103 15.57 -34.36 41.99
C ALA C 103 16.68 -33.84 42.89
N ALA C 104 17.60 -33.06 42.33
CA ALA C 104 18.71 -32.53 43.13
C ALA C 104 18.19 -31.61 44.23
N LEU C 105 17.30 -30.68 43.88
CA LEU C 105 16.79 -29.75 44.88
C LEU C 105 15.96 -30.47 45.93
N ARG C 106 15.17 -31.46 45.53
CA ARG C 106 14.37 -32.21 46.49
C ARG C 106 15.26 -33.00 47.44
N ALA C 107 16.35 -33.58 46.92
CA ALA C 107 17.25 -34.32 47.79
C ALA C 107 18.00 -33.40 48.74
N ALA C 108 18.38 -32.21 48.27
CA ALA C 108 19.10 -31.28 49.13
C ALA C 108 18.18 -30.48 50.06
N ASN C 109 16.87 -30.46 49.81
CA ASN C 109 15.89 -29.69 50.58
C ASN C 109 14.82 -30.64 51.10
N PRO C 110 15.15 -31.47 52.08
CA PRO C 110 14.15 -32.40 52.61
C PRO C 110 13.07 -31.71 53.43
N ASP C 111 13.37 -30.61 54.10
CA ASP C 111 12.42 -29.91 54.95
C ASP C 111 11.65 -28.82 54.22
N ALA C 112 11.53 -28.91 52.90
CA ALA C 112 10.79 -27.95 52.09
C ALA C 112 9.60 -28.65 51.46
N SER C 113 8.81 -27.89 50.70
CA SER C 113 7.67 -28.48 50.01
C SER C 113 8.12 -29.22 48.76
N ALA C 114 7.38 -30.27 48.42
CA ALA C 114 7.71 -31.02 47.21
C ALA C 114 7.70 -30.14 45.99
N SER C 115 6.72 -29.24 45.89
CA SER C 115 6.68 -28.34 44.75
C SER C 115 7.90 -27.44 44.79
N VAL C 116 8.75 -27.58 43.79
CA VAL C 116 10.00 -26.83 43.74
C VAL C 116 9.74 -25.50 43.03
N PRO C 117 10.26 -24.38 43.48
CA PRO C 117 10.03 -23.12 42.76
C PRO C 117 10.62 -23.19 41.36
N VAL C 118 9.83 -22.77 40.37
CA VAL C 118 10.18 -22.84 38.96
C VAL C 118 11.43 -22.05 38.64
N GLU C 119 11.75 -21.07 39.44
CA GLU C 119 12.93 -20.25 39.20
C GLU C 119 14.20 -21.05 39.40
N LEU C 120 14.27 -21.83 40.47
CA LEU C 120 15.48 -22.59 40.75
C LEU C 120 15.70 -23.76 39.80
N VAL C 121 14.67 -24.27 39.13
CA VAL C 121 14.88 -25.41 38.26
C VAL C 121 15.17 -25.01 36.82
N THR C 122 14.64 -23.90 36.35
CA THR C 122 14.87 -23.45 34.99
C THR C 122 16.06 -22.52 34.95
N ALA C 123 16.86 -22.62 33.90
CA ALA C 123 18.02 -21.75 33.79
C ALA C 123 17.58 -20.34 33.46
N SER C 124 18.54 -19.44 33.35
CA SER C 124 18.27 -18.05 33.07
C SER C 124 18.59 -17.73 31.62
N ALA C 125 18.37 -16.47 31.25
CA ALA C 125 18.63 -16.04 29.89
C ALA C 125 20.11 -15.76 29.69
N SER C 126 20.70 -14.98 30.59
CA SER C 126 22.10 -14.64 30.46
C SER C 126 23.01 -15.65 31.12
N GLY C 127 22.50 -16.49 32.00
CA GLY C 127 23.30 -17.41 32.74
C GLY C 127 24.04 -16.80 33.91
N LEU C 128 24.08 -15.47 34.02
CA LEU C 128 24.72 -14.76 35.11
C LEU C 128 23.66 -14.13 36.00
N ASP C 129 22.57 -14.83 36.20
CA ASP C 129 21.45 -14.33 36.97
C ASP C 129 21.79 -14.44 38.45
N ASN C 130 21.92 -13.29 39.09
CA ASN C 130 22.16 -13.19 40.52
C ASN C 130 20.89 -12.81 41.28
N ASN C 131 19.74 -13.20 40.77
CA ASN C 131 18.47 -12.81 41.33
C ASN C 131 17.53 -13.99 41.40
N ILE C 132 16.82 -14.11 42.51
CA ILE C 132 15.75 -15.09 42.68
C ILE C 132 14.68 -14.37 43.47
N THR C 133 13.44 -14.75 43.25
CA THR C 133 12.37 -14.06 43.93
C THR C 133 12.40 -14.41 45.41
N PRO C 134 11.87 -13.55 46.27
CA PRO C 134 11.87 -13.86 47.70
C PRO C 134 11.20 -15.18 48.03
N GLN C 135 10.18 -15.58 47.29
CA GLN C 135 9.57 -16.90 47.52
C GLN C 135 10.58 -18.01 47.28
N ALA C 136 11.33 -17.94 46.18
CA ALA C 136 12.30 -18.98 45.89
C ALA C 136 13.37 -19.04 46.97
N ALA C 137 13.92 -17.88 47.35
CA ALA C 137 14.93 -17.85 48.40
C ALA C 137 14.34 -18.30 49.73
N ALA C 138 13.06 -18.04 49.97
CA ALA C 138 12.45 -18.45 51.21
C ALA C 138 12.18 -19.94 51.22
N TRP C 139 12.03 -20.55 50.05
CA TRP C 139 11.81 -21.98 49.97
C TRP C 139 12.96 -22.76 50.57
N GLN C 140 14.18 -22.33 50.29
CA GLN C 140 15.39 -22.99 50.77
C GLN C 140 15.89 -22.44 52.08
N ILE C 141 15.00 -21.90 52.90
CA ILE C 141 15.35 -21.38 54.22
C ILE C 141 15.79 -22.54 55.12
N PRO C 142 14.95 -23.55 55.40
CA PRO C 142 15.37 -24.58 56.38
C PRO C 142 16.67 -25.26 56.04
N ARG C 143 17.00 -25.42 54.77
CA ARG C 143 18.30 -25.98 54.40
C ARG C 143 19.42 -25.14 55.00
N VAL C 144 19.40 -23.84 54.70
CA VAL C 144 20.45 -22.95 55.20
C VAL C 144 20.38 -22.83 56.70
N ALA C 145 19.17 -22.82 57.26
CA ALA C 145 19.03 -22.69 58.71
C ALA C 145 19.70 -23.85 59.42
N LYS C 146 19.44 -25.07 58.98
CA LYS C 146 20.11 -26.21 59.59
C LYS C 146 21.60 -26.22 59.28
N ALA C 147 22.00 -25.75 58.09
CA ALA C 147 23.42 -25.77 57.73
C ALA C 147 24.23 -24.85 58.63
N ARG C 148 23.76 -23.63 58.85
CA ARG C 148 24.50 -22.64 59.61
C ARG C 148 23.99 -22.47 61.04
N ASN C 149 23.00 -23.25 61.46
CA ASN C 149 22.45 -23.14 62.80
C ASN C 149 21.90 -21.75 63.06
N LEU C 150 21.30 -21.16 62.04
CA LEU C 150 20.69 -19.85 62.14
C LEU C 150 19.21 -19.99 62.41
N SER C 151 18.64 -19.00 63.08
CA SER C 151 17.22 -18.99 63.37
C SER C 151 16.43 -18.68 62.11
N VAL C 152 15.24 -19.26 61.99
CA VAL C 152 14.42 -19.09 60.80
C VAL C 152 13.93 -17.65 60.70
N GLU C 153 13.82 -16.96 61.83
CA GLU C 153 13.39 -15.57 61.84
C GLU C 153 14.47 -14.67 61.28
N GLN C 154 15.68 -14.74 61.83
CA GLN C 154 16.71 -13.83 61.34
C GLN C 154 17.14 -14.20 59.93
N LEU C 155 17.02 -15.46 59.54
CA LEU C 155 17.30 -15.80 58.15
C LEU C 155 16.27 -15.17 57.21
N THR C 156 14.99 -15.21 57.58
CA THR C 156 13.98 -14.51 56.77
C THR C 156 14.26 -13.02 56.72
N GLN C 157 14.61 -12.44 57.86
CA GLN C 157 14.89 -11.00 57.91
C GLN C 157 16.10 -10.66 57.04
N LEU C 158 17.10 -11.53 57.02
CA LEU C 158 18.25 -11.33 56.15
C LEU C 158 17.85 -11.41 54.69
N ILE C 159 17.01 -12.40 54.33
CA ILE C 159 16.55 -12.54 52.96
C ILE C 159 15.80 -11.29 52.55
N ALA C 160 15.07 -10.70 53.50
CA ALA C 160 14.27 -9.51 53.31
C ALA C 160 15.11 -8.25 53.24
N LYS C 161 16.31 -8.28 53.81
CA LYS C 161 17.19 -7.13 53.81
C LYS C 161 17.86 -6.93 52.46
N TYR C 162 18.30 -8.00 51.82
CA TYR C 162 18.99 -7.94 50.53
C TYR C 162 18.04 -8.17 49.37
N SER C 163 16.77 -7.79 49.54
CA SER C 163 15.79 -7.84 48.48
C SER C 163 15.73 -6.49 47.79
N GLN C 164 15.22 -6.48 46.57
CA GLN C 164 15.13 -5.26 45.75
C GLN C 164 13.82 -5.29 44.98
N GLN C 165 12.88 -4.45 45.36
CA GLN C 165 11.57 -4.41 44.71
C GLN C 165 11.50 -3.23 43.74
N PRO C 166 11.02 -3.41 42.50
CA PRO C 166 10.93 -2.26 41.58
C PRO C 166 10.01 -1.18 42.13
N LEU C 167 10.11 0.01 41.52
CA LEU C 167 9.23 1.11 41.93
C LEU C 167 7.76 0.74 41.81
N VAL C 168 7.36 0.23 40.66
CA VAL C 168 6.01 -0.22 40.40
C VAL C 168 6.08 -1.74 40.33
N LYS C 169 5.01 -2.38 40.73
CA LYS C 169 4.98 -3.82 40.89
C LYS C 169 4.99 -4.58 39.58
N TYR C 170 4.59 -3.96 38.48
CA TYR C 170 4.36 -4.65 37.21
C TYR C 170 5.42 -4.38 36.15
N ILE C 171 6.58 -3.82 36.51
CA ILE C 171 7.70 -3.65 35.58
C ILE C 171 8.82 -4.62 35.84
N GLY C 172 8.65 -5.55 36.78
CA GLY C 172 9.67 -6.52 37.10
C GLY C 172 9.18 -7.42 38.22
N GLN C 173 10.08 -7.98 39.01
CA GLN C 173 9.69 -8.83 40.12
C GLN C 173 10.59 -8.54 41.30
N PRO C 174 10.11 -8.77 42.53
CA PRO C 174 11.01 -8.67 43.67
C PRO C 174 12.11 -9.70 43.51
N VAL C 175 13.34 -9.28 43.76
CA VAL C 175 14.54 -10.07 43.54
C VAL C 175 15.44 -9.97 44.75
N VAL C 176 16.24 -11.00 44.97
CA VAL C 176 17.18 -11.04 46.09
C VAL C 176 18.57 -11.22 45.50
N ASN C 177 19.51 -10.42 45.99
CA ASN C 177 20.88 -10.50 45.55
C ASN C 177 21.54 -11.69 46.24
N ILE C 178 21.86 -12.72 45.47
CA ILE C 178 22.40 -13.94 46.06
C ILE C 178 23.82 -13.70 46.55
N VAL C 179 24.61 -12.93 45.80
CA VAL C 179 26.00 -12.70 46.19
C VAL C 179 26.05 -11.95 47.50
N GLU C 180 25.39 -10.80 47.56
CA GLU C 180 25.39 -10.01 48.78
C GLU C 180 24.77 -10.78 49.93
N LEU C 181 23.71 -11.55 49.66
CA LEU C 181 23.07 -12.32 50.71
C LEU C 181 24.01 -13.37 51.28
N ASN C 182 24.72 -14.10 50.44
CA ASN C 182 25.60 -15.14 50.91
C ASN C 182 26.82 -14.55 51.60
N LEU C 183 27.32 -13.43 51.10
CA LEU C 183 28.44 -12.77 51.75
C LEU C 183 28.02 -12.26 53.14
N ALA C 184 26.82 -11.67 53.24
CA ALA C 184 26.33 -11.27 54.54
C ALA C 184 26.09 -12.46 55.44
N LEU C 185 25.69 -13.58 54.87
CA LEU C 185 25.56 -14.79 55.65
C LEU C 185 26.91 -15.19 56.23
N ASP C 186 27.97 -15.13 55.42
CA ASP C 186 29.32 -15.41 55.94
C ASP C 186 29.70 -14.43 57.03
N LYS C 187 29.41 -13.14 56.81
CA LYS C 187 29.65 -12.12 57.83
C LYS C 187 29.04 -12.57 59.14
N LEU C 188 27.75 -12.86 59.11
CA LEU C 188 26.99 -13.20 60.31
C LEU C 188 27.54 -14.45 60.97
N ASP C 189 27.95 -15.45 60.18
CA ASP C 189 28.50 -16.66 60.76
C ASP C 189 29.77 -16.38 61.54
N GLU C 190 30.59 -15.44 61.08
CA GLU C 190 31.84 -15.15 61.77
C GLU C 190 31.55 -14.55 63.15
N MET D 1 21.08 -32.88 -4.00
CA MET D 1 20.70 -32.12 -5.22
C MET D 1 20.53 -33.15 -6.34
N SER D 2 19.41 -33.85 -6.30
CA SER D 2 18.96 -34.82 -7.29
C SER D 2 18.37 -34.10 -8.51
N ALA D 3 18.04 -34.88 -9.53
CA ALA D 3 17.51 -34.30 -10.76
C ALA D 3 16.13 -33.69 -10.50
N GLY D 4 15.33 -34.34 -9.68
CA GLY D 4 14.01 -33.82 -9.37
C GLY D 4 14.08 -32.44 -8.78
N VAL D 5 14.94 -32.25 -7.77
CA VAL D 5 15.03 -30.96 -7.13
C VAL D 5 15.70 -29.95 -8.05
N ILE D 6 16.65 -30.38 -8.88
CA ILE D 6 17.28 -29.45 -9.83
C ILE D 6 16.21 -28.87 -10.75
N THR D 7 15.41 -29.72 -11.39
CA THR D 7 14.40 -29.19 -12.29
C THR D 7 13.33 -28.43 -11.53
N GLY D 8 13.02 -28.82 -10.30
CA GLY D 8 12.04 -28.08 -9.53
C GLY D 8 12.51 -26.66 -9.22
N VAL D 9 13.74 -26.53 -8.74
CA VAL D 9 14.27 -25.20 -8.46
C VAL D 9 14.36 -24.40 -9.74
N LEU D 10 14.70 -25.06 -10.85
CA LEU D 10 14.81 -24.36 -12.12
C LEU D 10 13.47 -23.78 -12.53
N LEU D 11 12.42 -24.61 -12.45
CA LEU D 11 11.10 -24.13 -12.84
C LEU D 11 10.65 -23.01 -11.92
N VAL D 12 10.90 -23.12 -10.62
CA VAL D 12 10.50 -22.05 -9.72
C VAL D 12 11.22 -20.76 -10.09
N PHE D 13 12.51 -20.86 -10.39
CA PHE D 13 13.32 -19.71 -10.76
C PHE D 13 12.81 -19.09 -12.05
N LEU D 14 12.41 -19.92 -13.00
CA LEU D 14 11.92 -19.44 -14.27
C LEU D 14 10.58 -18.74 -14.11
N LEU D 15 9.66 -19.33 -13.35
CA LEU D 15 8.38 -18.68 -13.12
C LEU D 15 8.56 -17.39 -12.33
N LEU D 16 9.48 -17.36 -11.38
CA LEU D 16 9.73 -16.13 -10.64
C LEU D 16 10.26 -15.05 -11.56
N GLY D 17 11.22 -15.39 -12.42
CA GLY D 17 11.70 -14.41 -13.39
C GLY D 17 10.59 -13.93 -14.31
N TYR D 18 9.75 -14.84 -14.78
CA TYR D 18 8.62 -14.44 -15.61
C TYR D 18 7.72 -13.46 -14.89
N LEU D 19 7.37 -13.76 -13.64
CA LEU D 19 6.48 -12.89 -12.89
C LEU D 19 7.12 -11.54 -12.63
N VAL D 20 8.40 -11.51 -12.28
CA VAL D 20 9.08 -10.25 -12.01
C VAL D 20 9.15 -9.42 -13.29
N TYR D 21 9.46 -10.06 -14.41
CA TYR D 21 9.52 -9.34 -15.68
C TYR D 21 8.15 -8.78 -16.02
N ALA D 22 7.09 -9.57 -15.85
CA ALA D 22 5.75 -9.07 -16.11
C ALA D 22 5.37 -7.96 -15.15
N LEU D 23 5.89 -8.00 -13.92
CA LEU D 23 5.59 -6.94 -12.97
C LEU D 23 6.25 -5.64 -13.38
N ILE D 24 7.52 -5.70 -13.78
CA ILE D 24 8.17 -4.47 -14.21
C ILE D 24 7.52 -3.93 -15.48
N ASN D 25 7.04 -4.80 -16.35
CA ASN D 25 6.46 -4.37 -17.62
C ASN D 25 4.96 -4.11 -17.51
N ALA D 26 4.44 -3.39 -18.50
CA ALA D 26 3.04 -3.03 -18.63
C ALA D 26 2.41 -3.78 -19.80
N GLU D 27 2.71 -5.06 -19.92
CA GLU D 27 2.19 -5.92 -20.98
C GLU D 27 0.68 -6.04 -20.90
K K E . 21.28 -9.28 19.61
K K F . 18.11 -4.02 14.38
N 9Y0 G . -12.95 7.31 8.30
C 9Y0 G . -17.58 2.94 13.40
O 9Y0 G . -15.72 6.12 11.50
C1 9Y0 G . -16.66 2.35 12.30
C10 9Y0 G . -19.88 -1.18 11.46
C11 9Y0 G . -19.67 -2.21 10.31
C12 9Y0 G . -18.15 -2.36 10.05
C13 9Y0 G . -17.90 -3.75 9.41
C14 9Y0 G . -16.81 -3.70 8.31
C15 9Y0 G . -16.42 -5.11 7.85
C16 9Y0 G . -14.88 -5.12 7.79
C17 9Y0 G . -14.36 -6.58 8.00
C18 9Y0 G . -14.11 -7.36 6.68
C19 9Y0 G . -12.79 -8.17 6.85
C2 9Y0 G . -17.03 2.91 10.91
C20 9Y0 G . -12.52 -8.99 5.58
C21 9Y0 G . -15.65 0.28 12.74
C22 9Y0 G . -14.57 -0.10 11.70
C23 9Y0 G . -14.26 -1.62 11.81
C24 9Y0 G . -13.91 -2.22 10.42
C25 9Y0 G . -12.40 -2.59 10.28
C26 9Y0 G . -12.13 -4.11 9.99
C27 9Y0 G . -11.47 -4.26 8.58
C28 9Y0 G . -10.74 -5.63 8.51
C29 9Y0 G . -9.85 -5.67 7.25
C3 9Y0 G . -15.29 7.42 9.02
C30 9Y0 G . -10.57 -5.56 5.87
C31 9Y0 G . -10.05 -6.58 4.81
C32 9Y0 G . -8.82 -5.98 4.08
C33 9Y0 G . -8.58 -6.59 2.68
C34 9Y0 G . -7.05 -6.77 2.43
C35 9Y0 G . -6.57 -6.08 1.13
C36 9Y0 G . -5.70 -6.95 0.21
C37 9Y0 G . -11.23 -9.86 5.52
C38 9Y0 G . -10.52 -10.07 6.88
C4 9Y0 G . -13.82 7.30 9.48
C5 9Y0 G . -19.93 2.90 14.01
C6 9Y0 G . -21.36 2.41 13.70
C7 9Y0 G . -21.36 0.86 13.46
C8 9Y0 G . -21.69 0.56 11.97
C9 9Y0 G . -21.41 -0.94 11.65
O1 9Y0 G . -15.77 6.09 8.96
O2 9Y0 G . -17.88 5.78 10.41
O3 9Y0 G . -16.07 3.81 10.40
O4 9Y0 G . -19.65 3.32 15.09
O5 9Y0 G . -18.94 2.84 12.99
O6 9Y0 G . -15.50 -0.02 13.88
O7 9Y0 G . -16.81 0.97 12.30
P 9Y0 G . -16.41 5.45 10.34
H1 9Y0 G . -11.99 7.40 8.61
H2 9Y0 G . -13.06 6.45 7.79
H4 9Y0 G . -17.32 3.99 13.52
H5 9Y0 G . -17.42 2.40 14.32
H6 9Y0 G . -15.62 2.60 12.52
H7 9Y0 G . -19.47 -1.58 12.38
H8 9Y0 G . -19.38 -0.26 11.20
H9 9Y0 G . -20.07 -3.17 10.61
H10 9Y0 G . -20.16 -1.87 9.41
H11 9Y0 G . -17.60 -2.28 10.98
H12 9Y0 G . -17.81 -1.58 9.36
H13 9Y0 G . -17.58 -4.43 10.19
H14 9Y0 G . -17.18 -3.12 7.46
H15 9Y0 G . -16.82 -5.30 6.87
H16 9Y0 G . -16.81 -5.84 8.56
H17 9Y0 G . -14.51 -4.45 8.54
H18 9Y0 G . -14.56 -4.73 6.83
H19 9Y0 G . -15.06 -7.16 8.59
H20 9Y0 G . -13.46 -6.52 8.60
H21 9Y0 G . -14.94 -8.02 6.47
H22 9Y0 G . -13.98 -6.66 5.85
H23 9Y0 G . -11.92 -7.58 6.98
H24 9Y0 G . -12.89 -8.83 7.70
H25 9Y0 G . -17.95 3.46 10.99
H26 9Y0 G . -17.15 2.07 10.22
H27 9Y0 G . -13.35 -9.67 5.61
H28 9Y0 G . -12.54 -8.30 4.73
H29 9Y0 G . -14.95 0.18 10.71
H30 9Y0 G . -13.66 0.45 11.90
H31 9Y0 G . -15.18 -2.11 12.14
H32 9Y0 G . -13.50 -1.79 12.56
H33 9Y0 G . -14.54 -3.10 10.30
H34 9Y0 G . -14.15 -1.55 9.60
H35 9Y0 G . -11.88 -2.38 11.21
H36 9Y0 G . -11.97 -1.97 9.49
H37 9Y0 G . -13.01 -4.73 10.09
H38 9Y0 G . -11.42 -4.45 10.73
H39 9Y0 G . -12.23 -4.21 7.81
H40 9Y0 G . -10.73 -3.50 8.41
H41 9Y0 G . -10.04 -5.63 9.34
H42 9Y0 G . -11.34 -6.50 8.69
H43 9Y0 G . -9.34 -6.63 7.29
H44 9Y0 G . -9.11 -4.88 7.33
H45 9Y0 G . -15.86 7.99 9.74
H46 9Y0 G . -15.34 7.88 8.04
H47 9Y0 G . -11.65 -5.66 5.98
H48 9Y0 G . -10.41 -4.54 5.52
H49 9Y0 G . -10.83 -6.81 4.08
H50 9Y0 G . -9.69 -7.48 5.26
H51 9Y0 G . -7.99 -6.17 4.76
H52 9Y0 G . -8.92 -4.91 3.94
H53 9Y0 G . -9.08 -7.56 2.61
H54 9Y0 G . -9.04 -5.91 1.97
H55 9Y0 G . -6.46 -6.37 3.24
H56 9Y0 G . -6.87 -7.85 2.38
H57 9Y0 G . -7.40 -5.75 0.54
H58 9Y0 G . -5.99 -5.20 1.43
H59 9Y0 G . -4.71 -6.47 0.11
H60 9Y0 G . -5.57 -7.96 0.59
H61 9Y0 G . -6.17 -6.99 -0.77
H62 9Y0 G . -10.57 -9.44 4.77
H63 9Y0 G . -11.53 -10.84 5.14
H64 9Y0 G . -10.20 -9.05 6.70
H65 9Y0 G . -11.48 -10.52 7.11
H66 9Y0 G . -10.68 -9.63 7.87
H67 9Y0 G . -13.58 8.12 10.14
H68 9Y0 G . -13.69 6.35 10.00
H69 9Y0 G . -22.01 2.65 14.52
H70 9Y0 G . -21.72 2.90 12.80
H71 9Y0 G . -20.38 0.47 13.70
H72 9Y0 G . -22.11 0.41 14.10
H73 9Y0 G . -21.10 1.20 11.32
H74 9Y0 G . -22.75 0.78 11.80
H75 9Y0 G . -21.95 -1.21 10.75
H76 9Y0 G . -21.77 -1.54 12.48
MG MG H . -23.59 24.60 -28.51
PG ACP I . -23.98 28.35 -25.63
O1G ACP I . -24.54 29.31 -24.66
O2G ACP I . -22.38 28.26 -25.43
O3G ACP I . -24.66 26.91 -25.40
PB ACP I . -24.95 30.64 -27.02
O1B ACP I . -26.25 30.62 -26.34
O2B ACP I . -25.17 31.42 -28.41
C3B ACP I . -24.38 28.95 -27.29
PA ACP I . -22.80 32.04 -27.17
O1A ACP I . -22.60 31.18 -28.34
O2A ACP I . -21.40 32.35 -26.47
O3A ACP I . -23.85 31.39 -26.13
O5' ACP I . -23.46 33.39 -27.75
C5' ACP I . -24.05 34.16 -26.70
C4' ACP I . -24.96 35.18 -27.32
O4' ACP I . -24.58 35.46 -28.68
C3' ACP I . -26.37 34.61 -27.52
O3' ACP I . -27.06 34.49 -26.28
C2' ACP I . -26.94 35.75 -28.37
O2' ACP I . -27.27 36.84 -27.53
C1' ACP I . -25.75 36.06 -29.29
N9 ACP I . -25.97 35.44 -30.57
C8 ACP I . -25.83 34.12 -30.87
N7 ACP I . -26.12 33.93 -32.12
C5 ACP I . -26.44 35.10 -32.69
C6 ACP I . -26.83 35.51 -33.96
N6 ACP I . -26.94 34.60 -34.98
N1 ACP I . -27.09 36.78 -34.18
C2 ACP I . -26.98 37.66 -33.21
N3 ACP I . -26.63 37.33 -31.99
C4 ACP I . -26.35 36.08 -31.69
H3B1 ACP I . -25.15 28.36 -27.77
H3B2 ACP I . -23.48 28.93 -27.91
H5'1 ACP I . -23.26 34.64 -26.15
H5'2 ACP I . -24.67 33.58 -26.04
H4' ACP I . -24.99 36.09 -26.75
H3' ACP I . -26.36 33.68 -28.06
HO3' ACP I . -27.08 33.59 -26.03
H2' ACP I . -27.80 35.42 -28.95
HO2' ACP I . -27.23 36.56 -26.63
H1' ACP I . -25.61 37.14 -29.38
H8 ACP I . -25.53 33.36 -30.17
HN61 ACP I . -26.15 34.06 -35.27
HN62 ACP I . -27.82 34.48 -35.44
H2 ACP I . -27.20 38.69 -33.42
#